data_9NFH
# 
_entry.id   9NFH 
# 
_audit_conform.dict_name       mmcif_pdbx.dic 
_audit_conform.dict_version    5.403 
_audit_conform.dict_location   http://mmcif.pdb.org/dictionaries/ascii/mmcif_pdbx.dic 
# 
loop_
_database_2.database_id 
_database_2.database_code 
_database_2.pdbx_database_accession 
_database_2.pdbx_DOI 
PDB   9NFH         pdb_00009nfh 10.2210/pdb9nfh/pdb 
WWPDB D_1000293308 ?            ?                   
# 
_pdbx_audit_revision_history.ordinal             1 
_pdbx_audit_revision_history.data_content_type   'Structure model' 
_pdbx_audit_revision_history.major_revision      1 
_pdbx_audit_revision_history.minor_revision      0 
_pdbx_audit_revision_history.revision_date       2025-04-02 
_pdbx_audit_revision_history.part_number         ? 
# 
_pdbx_audit_revision_details.ordinal             1 
_pdbx_audit_revision_details.revision_ordinal    1 
_pdbx_audit_revision_details.data_content_type   'Structure model' 
_pdbx_audit_revision_details.provider            repository 
_pdbx_audit_revision_details.type                'Initial release' 
_pdbx_audit_revision_details.description         ? 
_pdbx_audit_revision_details.details             ? 
# 
_pdbx_database_status.status_code                     REL 
_pdbx_database_status.status_code_sf                  REL 
_pdbx_database_status.status_code_mr                  ? 
_pdbx_database_status.entry_id                        9NFH 
_pdbx_database_status.recvd_initial_deposition_date   2025-02-21 
_pdbx_database_status.SG_entry                        N 
_pdbx_database_status.deposit_site                    RCSB 
_pdbx_database_status.process_site                    RCSB 
_pdbx_database_status.status_code_cs                  ? 
_pdbx_database_status.status_code_nmr_data            ? 
_pdbx_database_status.methods_development_category    ? 
_pdbx_database_status.pdb_format_compatible           Y 
# 
loop_
_pdbx_contact_author.id 
_pdbx_contact_author.email 
_pdbx_contact_author.name_first 
_pdbx_contact_author.name_last 
_pdbx_contact_author.name_mi 
_pdbx_contact_author.role 
_pdbx_contact_author.identifier_ORCID 
2 geiger@chemistry.msu.edu James Geiger H 'principal investigator/group leader' 0000-0002-9443-4488 
3 draths@chemistry.msu.edu Karen Draths ? 'principal investigator/group leader' 0000-0001-7852-1090 
# 
loop_
_audit_author.name 
_audit_author.pdbx_ordinal 
_audit_author.identifier_ORCID 
'Silva, K.'    1 ? 
'Geiger, J.H.' 2 ? 
'Draths, K.'   3 ? 
# 
_citation.abstract                  ? 
_citation.abstract_id_CAS           ? 
_citation.book_id_ISBN              ? 
_citation.book_publisher            ? 
_citation.book_publisher_city       ? 
_citation.book_title                ? 
_citation.coordinate_linkage        ? 
_citation.country                   ? 
_citation.database_id_Medline       ? 
_citation.details                   ? 
_citation.id                        primary 
_citation.journal_abbrev            'To Be Published' 
_citation.journal_id_ASTM           ? 
_citation.journal_id_CSD            0353 
_citation.journal_id_ISSN           ? 
_citation.journal_full              ? 
_citation.journal_issue             ? 
_citation.journal_volume            ? 
_citation.language                  ? 
_citation.page_first                ? 
_citation.page_last                 ? 
_citation.title                     'Native cis-CaaD' 
_citation.year                      ? 
_citation.database_id_CSD           ? 
_citation.pdbx_database_id_DOI      ? 
_citation.pdbx_database_id_PubMed   ? 
_citation.pdbx_database_id_patent   ? 
_citation.unpublished_flag          ? 
# 
loop_
_citation_author.citation_id 
_citation_author.name 
_citation_author.ordinal 
_citation_author.identifier_ORCID 
primary 'Silva, K.'    1 ? 
primary 'Geiger, J.H.' 2 ? 
primary 'Draths, K.'   3 ? 
# 
loop_
_entity.id 
_entity.type 
_entity.src_method 
_entity.pdbx_description 
_entity.formula_weight 
_entity.pdbx_number_of_molecules 
_entity.pdbx_ec 
_entity.pdbx_mutation 
_entity.pdbx_fragment 
_entity.details 
1 polymer     man 'Cis-3-chloroacrylic acid dehalogenase' 18567.582 1  ? ? ? ? 
2 non-polymer syn 'ACETATE ION'                           59.044    1  ? ? ? ? 
3 water       nat water                                   18.015    82 ? ? ? ? 
# 
_entity_poly.entity_id                      1 
_entity_poly.type                           'polypeptide(L)' 
_entity_poly.nstd_linkage                   no 
_entity_poly.nstd_monomer                   no 
_entity_poly.pdbx_seq_one_letter_code       
;PVYMVYVSQDRLTPSAKHAVAKAITDAHRGLTGTQHFLAQVNFQEQPAGNVFLGGVQQGGDTIFVHGLHREGRSADLKGQ
LAQRIVDDVSVAAEIDRKHIWVYFGEMPAQQMVEYGRFLPQPGHEGEWFDNLSSDERAFMETNVDVSRTENLYFQGLEHH
HHHH
;
_entity_poly.pdbx_seq_one_letter_code_can   
;PVYMVYVSQDRLTPSAKHAVAKAITDAHRGLTGTQHFLAQVNFQEQPAGNVFLGGVQQGGDTIFVHGLHREGRSADLKGQ
LAQRIVDDVSVAAEIDRKHIWVYFGEMPAQQMVEYGRFLPQPGHEGEWFDNLSSDERAFMETNVDVSRTENLYFQGLEHH
HHHH
;
_entity_poly.pdbx_strand_id                 A 
_entity_poly.pdbx_target_identifier         ? 
# 
loop_
_pdbx_entity_nonpoly.entity_id 
_pdbx_entity_nonpoly.name 
_pdbx_entity_nonpoly.comp_id 
2 'ACETATE ION' ACT 
3 water         HOH 
# 
loop_
_entity_poly_seq.entity_id 
_entity_poly_seq.num 
_entity_poly_seq.mon_id 
_entity_poly_seq.hetero 
1 1   PRO n 
1 2   VAL n 
1 3   TYR n 
1 4   MET n 
1 5   VAL n 
1 6   TYR n 
1 7   VAL n 
1 8   SER n 
1 9   GLN n 
1 10  ASP n 
1 11  ARG n 
1 12  LEU n 
1 13  THR n 
1 14  PRO n 
1 15  SER n 
1 16  ALA n 
1 17  LYS n 
1 18  HIS n 
1 19  ALA n 
1 20  VAL n 
1 21  ALA n 
1 22  LYS n 
1 23  ALA n 
1 24  ILE n 
1 25  THR n 
1 26  ASP n 
1 27  ALA n 
1 28  HIS n 
1 29  ARG n 
1 30  GLY n 
1 31  LEU n 
1 32  THR n 
1 33  GLY n 
1 34  THR n 
1 35  GLN n 
1 36  HIS n 
1 37  PHE n 
1 38  LEU n 
1 39  ALA n 
1 40  GLN n 
1 41  VAL n 
1 42  ASN n 
1 43  PHE n 
1 44  GLN n 
1 45  GLU n 
1 46  GLN n 
1 47  PRO n 
1 48  ALA n 
1 49  GLY n 
1 50  ASN n 
1 51  VAL n 
1 52  PHE n 
1 53  LEU n 
1 54  GLY n 
1 55  GLY n 
1 56  VAL n 
1 57  GLN n 
1 58  GLN n 
1 59  GLY n 
1 60  GLY n 
1 61  ASP n 
1 62  THR n 
1 63  ILE n 
1 64  PHE n 
1 65  VAL n 
1 66  HIS n 
1 67  GLY n 
1 68  LEU n 
1 69  HIS n 
1 70  ARG n 
1 71  GLU n 
1 72  GLY n 
1 73  ARG n 
1 74  SER n 
1 75  ALA n 
1 76  ASP n 
1 77  LEU n 
1 78  LYS n 
1 79  GLY n 
1 80  GLN n 
1 81  LEU n 
1 82  ALA n 
1 83  GLN n 
1 84  ARG n 
1 85  ILE n 
1 86  VAL n 
1 87  ASP n 
1 88  ASP n 
1 89  VAL n 
1 90  SER n 
1 91  VAL n 
1 92  ALA n 
1 93  ALA n 
1 94  GLU n 
1 95  ILE n 
1 96  ASP n 
1 97  ARG n 
1 98  LYS n 
1 99  HIS n 
1 100 ILE n 
1 101 TRP n 
1 102 VAL n 
1 103 TYR n 
1 104 PHE n 
1 105 GLY n 
1 106 GLU n 
1 107 MET n 
1 108 PRO n 
1 109 ALA n 
1 110 GLN n 
1 111 GLN n 
1 112 MET n 
1 113 VAL n 
1 114 GLU n 
1 115 TYR n 
1 116 GLY n 
1 117 ARG n 
1 118 PHE n 
1 119 LEU n 
1 120 PRO n 
1 121 GLN n 
1 122 PRO n 
1 123 GLY n 
1 124 HIS n 
1 125 GLU n 
1 126 GLY n 
1 127 GLU n 
1 128 TRP n 
1 129 PHE n 
1 130 ASP n 
1 131 ASN n 
1 132 LEU n 
1 133 SER n 
1 134 SER n 
1 135 ASP n 
1 136 GLU n 
1 137 ARG n 
1 138 ALA n 
1 139 PHE n 
1 140 MET n 
1 141 GLU n 
1 142 THR n 
1 143 ASN n 
1 144 VAL n 
1 145 ASP n 
1 146 VAL n 
1 147 SER n 
1 148 ARG n 
1 149 THR n 
1 150 GLU n 
1 151 ASN n 
1 152 LEU n 
1 153 TYR n 
1 154 PHE n 
1 155 GLN n 
1 156 GLY n 
1 157 LEU n 
1 158 GLU n 
1 159 HIS n 
1 160 HIS n 
1 161 HIS n 
1 162 HIS n 
1 163 HIS n 
1 164 HIS n 
# 
_entity_src_gen.entity_id                          1 
_entity_src_gen.pdbx_src_id                        1 
_entity_src_gen.pdbx_alt_source_flag               sample 
_entity_src_gen.pdbx_seq_type                      'Biological sequence' 
_entity_src_gen.pdbx_beg_seq_num                   1 
_entity_src_gen.pdbx_end_seq_num                   164 
_entity_src_gen.gene_src_common_name               ? 
_entity_src_gen.gene_src_genus                     ? 
_entity_src_gen.pdbx_gene_src_gene                 cis-caaD 
_entity_src_gen.gene_src_species                   ? 
_entity_src_gen.gene_src_strain                    ? 
_entity_src_gen.gene_src_tissue                    ? 
_entity_src_gen.gene_src_tissue_fraction           ? 
_entity_src_gen.gene_src_details                   ? 
_entity_src_gen.pdbx_gene_src_fragment             ? 
_entity_src_gen.pdbx_gene_src_scientific_name      'coryneform bacterium' 
_entity_src_gen.pdbx_gene_src_ncbi_taxonomy_id     1728 
_entity_src_gen.pdbx_gene_src_variant              ? 
_entity_src_gen.pdbx_gene_src_cell_line            ? 
_entity_src_gen.pdbx_gene_src_atcc                 ? 
_entity_src_gen.pdbx_gene_src_organ                ? 
_entity_src_gen.pdbx_gene_src_organelle            ? 
_entity_src_gen.pdbx_gene_src_cell                 ? 
_entity_src_gen.pdbx_gene_src_cellular_location    ? 
_entity_src_gen.host_org_common_name               ? 
_entity_src_gen.pdbx_host_org_scientific_name      'Escherichia coli' 
_entity_src_gen.pdbx_host_org_ncbi_taxonomy_id     562 
_entity_src_gen.host_org_genus                     ? 
_entity_src_gen.pdbx_host_org_gene                 ? 
_entity_src_gen.pdbx_host_org_organ                ? 
_entity_src_gen.host_org_species                   ? 
_entity_src_gen.pdbx_host_org_tissue               ? 
_entity_src_gen.pdbx_host_org_tissue_fraction      ? 
_entity_src_gen.pdbx_host_org_strain               ? 
_entity_src_gen.pdbx_host_org_variant              ? 
_entity_src_gen.pdbx_host_org_cell_line            ? 
_entity_src_gen.pdbx_host_org_atcc                 ? 
_entity_src_gen.pdbx_host_org_culture_collection   ? 
_entity_src_gen.pdbx_host_org_cell                 ? 
_entity_src_gen.pdbx_host_org_organelle            ? 
_entity_src_gen.pdbx_host_org_cellular_location    ? 
_entity_src_gen.pdbx_host_org_vector_type          ? 
_entity_src_gen.pdbx_host_org_vector               ? 
_entity_src_gen.host_org_details                   ? 
_entity_src_gen.expression_system_id               ? 
_entity_src_gen.plasmid_name                       ? 
_entity_src_gen.plasmid_details                    ? 
_entity_src_gen.pdbx_description                   ? 
# 
loop_
_chem_comp.id 
_chem_comp.type 
_chem_comp.mon_nstd_flag 
_chem_comp.name 
_chem_comp.pdbx_synonyms 
_chem_comp.formula 
_chem_comp.formula_weight 
ACT non-polymer         . 'ACETATE ION'   ? 'C2 H3 O2 -1'    59.044  
ALA 'L-peptide linking' y ALANINE         ? 'C3 H7 N O2'     89.093  
ARG 'L-peptide linking' y ARGININE        ? 'C6 H15 N4 O2 1' 175.209 
ASN 'L-peptide linking' y ASPARAGINE      ? 'C4 H8 N2 O3'    132.118 
ASP 'L-peptide linking' y 'ASPARTIC ACID' ? 'C4 H7 N O4'     133.103 
GLN 'L-peptide linking' y GLUTAMINE       ? 'C5 H10 N2 O3'   146.144 
GLU 'L-peptide linking' y 'GLUTAMIC ACID' ? 'C5 H9 N O4'     147.129 
GLY 'peptide linking'   y GLYCINE         ? 'C2 H5 N O2'     75.067  
HIS 'L-peptide linking' y HISTIDINE       ? 'C6 H10 N3 O2 1' 156.162 
HOH non-polymer         . WATER           ? 'H2 O'           18.015  
ILE 'L-peptide linking' y ISOLEUCINE      ? 'C6 H13 N O2'    131.173 
LEU 'L-peptide linking' y LEUCINE         ? 'C6 H13 N O2'    131.173 
LYS 'L-peptide linking' y LYSINE          ? 'C6 H15 N2 O2 1' 147.195 
MET 'L-peptide linking' y METHIONINE      ? 'C5 H11 N O2 S'  149.211 
PHE 'L-peptide linking' y PHENYLALANINE   ? 'C9 H11 N O2'    165.189 
PRO 'L-peptide linking' y PROLINE         ? 'C5 H9 N O2'     115.130 
SER 'L-peptide linking' y SERINE          ? 'C3 H7 N O3'     105.093 
THR 'L-peptide linking' y THREONINE       ? 'C4 H9 N O3'     119.119 
TRP 'L-peptide linking' y TRYPTOPHAN      ? 'C11 H12 N2 O2'  204.225 
TYR 'L-peptide linking' y TYROSINE        ? 'C9 H11 N O3'    181.189 
VAL 'L-peptide linking' y VALINE          ? 'C5 H11 N O2'    117.146 
# 
loop_
_pdbx_poly_seq_scheme.asym_id 
_pdbx_poly_seq_scheme.entity_id 
_pdbx_poly_seq_scheme.seq_id 
_pdbx_poly_seq_scheme.mon_id 
_pdbx_poly_seq_scheme.ndb_seq_num 
_pdbx_poly_seq_scheme.pdb_seq_num 
_pdbx_poly_seq_scheme.auth_seq_num 
_pdbx_poly_seq_scheme.pdb_mon_id 
_pdbx_poly_seq_scheme.auth_mon_id 
_pdbx_poly_seq_scheme.pdb_strand_id 
_pdbx_poly_seq_scheme.pdb_ins_code 
_pdbx_poly_seq_scheme.hetero 
A 1 1   PRO 1   1   1   PRO PRO A . n 
A 1 2   VAL 2   2   2   VAL VAL A . n 
A 1 3   TYR 3   3   3   TYR TYR A . n 
A 1 4   MET 4   4   4   MET MET A . n 
A 1 5   VAL 5   5   5   VAL VAL A . n 
A 1 6   TYR 6   6   6   TYR TYR A . n 
A 1 7   VAL 7   7   7   VAL VAL A . n 
A 1 8   SER 8   8   8   SER SER A . n 
A 1 9   GLN 9   9   9   GLN GLN A . n 
A 1 10  ASP 10  10  10  ASP ASP A . n 
A 1 11  ARG 11  11  11  ARG ARG A . n 
A 1 12  LEU 12  12  12  LEU LEU A . n 
A 1 13  THR 13  13  13  THR THR A . n 
A 1 14  PRO 14  14  14  PRO PRO A . n 
A 1 15  SER 15  15  15  SER SER A . n 
A 1 16  ALA 16  16  16  ALA ALA A . n 
A 1 17  LYS 17  17  17  LYS LYS A . n 
A 1 18  HIS 18  18  18  HIS HIS A . n 
A 1 19  ALA 19  19  19  ALA ALA A . n 
A 1 20  VAL 20  20  20  VAL VAL A . n 
A 1 21  ALA 21  21  21  ALA ALA A . n 
A 1 22  LYS 22  22  22  LYS LYS A . n 
A 1 23  ALA 23  23  23  ALA ALA A . n 
A 1 24  ILE 24  24  24  ILE ILE A . n 
A 1 25  THR 25  25  25  THR THR A . n 
A 1 26  ASP 26  26  26  ASP ASP A . n 
A 1 27  ALA 27  27  27  ALA ALA A . n 
A 1 28  HIS 28  28  28  HIS HIS A . n 
A 1 29  ARG 29  29  29  ARG ARG A . n 
A 1 30  GLY 30  30  30  GLY GLY A . n 
A 1 31  LEU 31  31  31  LEU LEU A . n 
A 1 32  THR 32  32  32  THR THR A . n 
A 1 33  GLY 33  33  33  GLY GLY A . n 
A 1 34  THR 34  34  34  THR THR A . n 
A 1 35  GLN 35  35  35  GLN GLN A . n 
A 1 36  HIS 36  36  36  HIS HIS A . n 
A 1 37  PHE 37  37  37  PHE PHE A . n 
A 1 38  LEU 38  38  38  LEU LEU A . n 
A 1 39  ALA 39  39  39  ALA ALA A . n 
A 1 40  GLN 40  40  40  GLN GLN A . n 
A 1 41  VAL 41  41  41  VAL VAL A . n 
A 1 42  ASN 42  42  42  ASN ASN A . n 
A 1 43  PHE 43  43  43  PHE PHE A . n 
A 1 44  GLN 44  44  44  GLN GLN A . n 
A 1 45  GLU 45  45  45  GLU GLU A . n 
A 1 46  GLN 46  46  46  GLN GLN A . n 
A 1 47  PRO 47  47  47  PRO PRO A . n 
A 1 48  ALA 48  48  48  ALA ALA A . n 
A 1 49  GLY 49  49  49  GLY GLY A . n 
A 1 50  ASN 50  50  50  ASN ASN A . n 
A 1 51  VAL 51  51  51  VAL VAL A . n 
A 1 52  PHE 52  52  52  PHE PHE A . n 
A 1 53  LEU 53  53  53  LEU LEU A . n 
A 1 54  GLY 54  54  54  GLY GLY A . n 
A 1 55  GLY 55  55  55  GLY GLY A . n 
A 1 56  VAL 56  56  56  VAL VAL A . n 
A 1 57  GLN 57  57  57  GLN GLN A . n 
A 1 58  GLN 58  58  58  GLN GLN A . n 
A 1 59  GLY 59  59  59  GLY GLY A . n 
A 1 60  GLY 60  60  60  GLY GLY A . n 
A 1 61  ASP 61  61  61  ASP ASP A . n 
A 1 62  THR 62  62  62  THR THR A . n 
A 1 63  ILE 63  63  63  ILE ILE A . n 
A 1 64  PHE 64  64  64  PHE PHE A . n 
A 1 65  VAL 65  65  65  VAL VAL A . n 
A 1 66  HIS 66  66  66  HIS HIS A . n 
A 1 67  GLY 67  67  67  GLY GLY A . n 
A 1 68  LEU 68  68  68  LEU LEU A . n 
A 1 69  HIS 69  69  69  HIS HIS A . n 
A 1 70  ARG 70  70  70  ARG ARG A . n 
A 1 71  GLU 71  71  71  GLU GLU A . n 
A 1 72  GLY 72  72  72  GLY GLY A . n 
A 1 73  ARG 73  73  73  ARG ARG A . n 
A 1 74  SER 74  74  74  SER SER A . n 
A 1 75  ALA 75  75  75  ALA ALA A . n 
A 1 76  ASP 76  76  76  ASP ASP A . n 
A 1 77  LEU 77  77  77  LEU LEU A . n 
A 1 78  LYS 78  78  78  LYS LYS A . n 
A 1 79  GLY 79  79  79  GLY GLY A . n 
A 1 80  GLN 80  80  80  GLN GLN A . n 
A 1 81  LEU 81  81  81  LEU LEU A . n 
A 1 82  ALA 82  82  82  ALA ALA A . n 
A 1 83  GLN 83  83  83  GLN GLN A . n 
A 1 84  ARG 84  84  84  ARG ARG A . n 
A 1 85  ILE 85  85  85  ILE ILE A . n 
A 1 86  VAL 86  86  86  VAL VAL A . n 
A 1 87  ASP 87  87  87  ASP ASP A . n 
A 1 88  ASP 88  88  88  ASP ASP A . n 
A 1 89  VAL 89  89  89  VAL VAL A . n 
A 1 90  SER 90  90  90  SER SER A . n 
A 1 91  VAL 91  91  91  VAL VAL A . n 
A 1 92  ALA 92  92  92  ALA ALA A . n 
A 1 93  ALA 93  93  93  ALA ALA A . n 
A 1 94  GLU 94  94  94  GLU GLU A . n 
A 1 95  ILE 95  95  95  ILE ILE A . n 
A 1 96  ASP 96  96  96  ASP ASP A . n 
A 1 97  ARG 97  97  97  ARG ARG A . n 
A 1 98  LYS 98  98  98  LYS LYS A . n 
A 1 99  HIS 99  99  99  HIS HIS A . n 
A 1 100 ILE 100 100 100 ILE ILE A . n 
A 1 101 TRP 101 101 101 TRP TRP A . n 
A 1 102 VAL 102 102 102 VAL VAL A . n 
A 1 103 TYR 103 103 103 TYR TYR A . n 
A 1 104 PHE 104 104 104 PHE PHE A . n 
A 1 105 GLY 105 105 105 GLY GLY A . n 
A 1 106 GLU 106 106 106 GLU GLU A . n 
A 1 107 MET 107 107 107 MET MET A . n 
A 1 108 PRO 108 108 108 PRO PRO A . n 
A 1 109 ALA 109 109 109 ALA ALA A . n 
A 1 110 GLN 110 110 110 GLN GLN A . n 
A 1 111 GLN 111 111 111 GLN GLN A . n 
A 1 112 MET 112 112 112 MET MET A . n 
A 1 113 VAL 113 113 113 VAL VAL A . n 
A 1 114 GLU 114 114 114 GLU GLU A . n 
A 1 115 TYR 115 115 115 TYR TYR A . n 
A 1 116 GLY 116 116 116 GLY GLY A . n 
A 1 117 ARG 117 117 117 ARG ARG A . n 
A 1 118 PHE 118 118 118 PHE PHE A . n 
A 1 119 LEU 119 119 ?   ?   ?   A . n 
A 1 120 PRO 120 120 ?   ?   ?   A . n 
A 1 121 GLN 121 121 ?   ?   ?   A . n 
A 1 122 PRO 122 122 ?   ?   ?   A . n 
A 1 123 GLY 123 123 ?   ?   ?   A . n 
A 1 124 HIS 124 124 ?   ?   ?   A . n 
A 1 125 GLU 125 125 ?   ?   ?   A . n 
A 1 126 GLY 126 126 ?   ?   ?   A . n 
A 1 127 GLU 127 127 ?   ?   ?   A . n 
A 1 128 TRP 128 128 ?   ?   ?   A . n 
A 1 129 PHE 129 129 ?   ?   ?   A . n 
A 1 130 ASP 130 130 ?   ?   ?   A . n 
A 1 131 ASN 131 131 ?   ?   ?   A . n 
A 1 132 LEU 132 132 ?   ?   ?   A . n 
A 1 133 SER 133 133 ?   ?   ?   A . n 
A 1 134 SER 134 134 ?   ?   ?   A . n 
A 1 135 ASP 135 135 ?   ?   ?   A . n 
A 1 136 GLU 136 136 ?   ?   ?   A . n 
A 1 137 ARG 137 137 ?   ?   ?   A . n 
A 1 138 ALA 138 138 ?   ?   ?   A . n 
A 1 139 PHE 139 139 ?   ?   ?   A . n 
A 1 140 MET 140 140 ?   ?   ?   A . n 
A 1 141 GLU 141 141 ?   ?   ?   A . n 
A 1 142 THR 142 142 ?   ?   ?   A . n 
A 1 143 ASN 143 143 ?   ?   ?   A . n 
A 1 144 VAL 144 144 ?   ?   ?   A . n 
A 1 145 ASP 145 145 ?   ?   ?   A . n 
A 1 146 VAL 146 146 ?   ?   ?   A . n 
A 1 147 SER 147 147 ?   ?   ?   A . n 
A 1 148 ARG 148 148 ?   ?   ?   A . n 
A 1 149 THR 149 149 ?   ?   ?   A . n 
A 1 150 GLU 150 150 ?   ?   ?   A . n 
A 1 151 ASN 151 151 ?   ?   ?   A . n 
A 1 152 LEU 152 152 ?   ?   ?   A . n 
A 1 153 TYR 153 153 ?   ?   ?   A . n 
A 1 154 PHE 154 154 ?   ?   ?   A . n 
A 1 155 GLN 155 155 ?   ?   ?   A . n 
A 1 156 GLY 156 156 ?   ?   ?   A . n 
A 1 157 LEU 157 157 ?   ?   ?   A . n 
A 1 158 GLU 158 158 ?   ?   ?   A . n 
A 1 159 HIS 159 159 ?   ?   ?   A . n 
A 1 160 HIS 160 160 ?   ?   ?   A . n 
A 1 161 HIS 161 161 ?   ?   ?   A . n 
A 1 162 HIS 162 162 ?   ?   ?   A . n 
A 1 163 HIS 163 163 ?   ?   ?   A . n 
A 1 164 HIS 164 164 ?   ?   ?   A . n 
# 
loop_
_pdbx_nonpoly_scheme.asym_id 
_pdbx_nonpoly_scheme.entity_id 
_pdbx_nonpoly_scheme.mon_id 
_pdbx_nonpoly_scheme.ndb_seq_num 
_pdbx_nonpoly_scheme.pdb_seq_num 
_pdbx_nonpoly_scheme.auth_seq_num 
_pdbx_nonpoly_scheme.pdb_mon_id 
_pdbx_nonpoly_scheme.auth_mon_id 
_pdbx_nonpoly_scheme.pdb_strand_id 
_pdbx_nonpoly_scheme.pdb_ins_code 
B 2 ACT 1  201 201 ACT ACT A . 
C 3 HOH 1  301 93  HOH HOH A . 
C 3 HOH 2  302 81  HOH HOH A . 
C 3 HOH 3  303 97  HOH HOH A . 
C 3 HOH 4  304 16  HOH HOH A . 
C 3 HOH 5  305 73  HOH HOH A . 
C 3 HOH 6  306 49  HOH HOH A . 
C 3 HOH 7  307 51  HOH HOH A . 
C 3 HOH 8  308 52  HOH HOH A . 
C 3 HOH 9  309 75  HOH HOH A . 
C 3 HOH 10 310 65  HOH HOH A . 
C 3 HOH 11 311 25  HOH HOH A . 
C 3 HOH 12 312 56  HOH HOH A . 
C 3 HOH 13 313 13  HOH HOH A . 
C 3 HOH 14 314 42  HOH HOH A . 
C 3 HOH 15 315 12  HOH HOH A . 
C 3 HOH 16 316 62  HOH HOH A . 
C 3 HOH 17 317 46  HOH HOH A . 
C 3 HOH 18 318 61  HOH HOH A . 
C 3 HOH 19 319 9   HOH HOH A . 
C 3 HOH 20 320 6   HOH HOH A . 
C 3 HOH 21 321 53  HOH HOH A . 
C 3 HOH 22 322 45  HOH HOH A . 
C 3 HOH 23 323 20  HOH HOH A . 
C 3 HOH 24 324 92  HOH HOH A . 
C 3 HOH 25 325 11  HOH HOH A . 
C 3 HOH 26 326 43  HOH HOH A . 
C 3 HOH 27 327 31  HOH HOH A . 
C 3 HOH 28 328 21  HOH HOH A . 
C 3 HOH 29 329 15  HOH HOH A . 
C 3 HOH 30 330 57  HOH HOH A . 
C 3 HOH 31 331 29  HOH HOH A . 
C 3 HOH 32 332 30  HOH HOH A . 
C 3 HOH 33 333 37  HOH HOH A . 
C 3 HOH 34 334 91  HOH HOH A . 
C 3 HOH 35 335 26  HOH HOH A . 
C 3 HOH 36 336 64  HOH HOH A . 
C 3 HOH 37 337 23  HOH HOH A . 
C 3 HOH 38 338 5   HOH HOH A . 
C 3 HOH 39 339 24  HOH HOH A . 
C 3 HOH 40 340 34  HOH HOH A . 
C 3 HOH 41 341 18  HOH HOH A . 
C 3 HOH 42 342 17  HOH HOH A . 
C 3 HOH 43 343 8   HOH HOH A . 
C 3 HOH 44 344 39  HOH HOH A . 
C 3 HOH 45 345 4   HOH HOH A . 
C 3 HOH 46 346 28  HOH HOH A . 
C 3 HOH 47 347 36  HOH HOH A . 
C 3 HOH 48 348 33  HOH HOH A . 
C 3 HOH 49 349 41  HOH HOH A . 
C 3 HOH 50 350 32  HOH HOH A . 
C 3 HOH 51 351 67  HOH HOH A . 
C 3 HOH 52 352 35  HOH HOH A . 
C 3 HOH 53 353 63  HOH HOH A . 
C 3 HOH 54 354 58  HOH HOH A . 
C 3 HOH 55 355 22  HOH HOH A . 
C 3 HOH 56 356 66  HOH HOH A . 
C 3 HOH 57 357 40  HOH HOH A . 
C 3 HOH 58 358 7   HOH HOH A . 
C 3 HOH 59 359 19  HOH HOH A . 
C 3 HOH 60 360 14  HOH HOH A . 
C 3 HOH 61 361 59  HOH HOH A . 
C 3 HOH 62 362 10  HOH HOH A . 
C 3 HOH 63 363 27  HOH HOH A . 
C 3 HOH 64 364 47  HOH HOH A . 
C 3 HOH 65 365 89  HOH HOH A . 
C 3 HOH 66 366 88  HOH HOH A . 
C 3 HOH 67 367 38  HOH HOH A . 
C 3 HOH 68 368 50  HOH HOH A . 
C 3 HOH 69 369 76  HOH HOH A . 
C 3 HOH 70 370 54  HOH HOH A . 
C 3 HOH 71 371 87  HOH HOH A . 
C 3 HOH 72 372 85  HOH HOH A . 
C 3 HOH 73 373 74  HOH HOH A . 
C 3 HOH 74 374 48  HOH HOH A . 
C 3 HOH 75 375 60  HOH HOH A . 
C 3 HOH 76 376 68  HOH HOH A . 
C 3 HOH 77 377 44  HOH HOH A . 
C 3 HOH 78 378 55  HOH HOH A . 
C 3 HOH 79 379 90  HOH HOH A . 
C 3 HOH 80 380 77  HOH HOH A . 
C 3 HOH 81 381 86  HOH HOH A . 
C 3 HOH 82 382 72  HOH HOH A . 
# 
loop_
_software.citation_id 
_software.classification 
_software.compiler_name 
_software.compiler_version 
_software.contact_author 
_software.contact_author_email 
_software.date 
_software.description 
_software.dependencies 
_software.hardware 
_software.language 
_software.location 
_software.mods 
_software.name 
_software.os 
_software.os_version 
_software.type 
_software.version 
_software.pdbx_ordinal 
? refinement       ? ? ? ? ? ? ? ? ? ? ? PHENIX   ? ? ? 1.19.2_4158 1 
? refinement       ? ? ? ? ? ? ? ? ? ? ? PHENIX   ? ? ? 1.19.2_4158 2 
? 'data reduction' ? ? ? ? ? ? ? ? ? ? ? HKL-2000 ? ? ? .           3 
? 'data scaling'   ? ? ? ? ? ? ? ? ? ? ? HKL-2000 ? ? ? .           4 
? phasing          ? ? ? ? ? ? ? ? ? ? ? PHASER   ? ? ? .           5 
# 
_cell.angle_alpha                  90.000 
_cell.angle_alpha_esd              ? 
_cell.angle_beta                   90.000 
_cell.angle_beta_esd               ? 
_cell.angle_gamma                  120.000 
_cell.angle_gamma_esd              ? 
_cell.entry_id                     9NFH 
_cell.details                      ? 
_cell.formula_units_Z              ? 
_cell.length_a                     59.964 
_cell.length_a_esd                 ? 
_cell.length_b                     59.964 
_cell.length_b_esd                 ? 
_cell.length_c                     58.565 
_cell.length_c_esd                 ? 
_cell.volume                       182368.561 
_cell.volume_esd                   ? 
_cell.Z_PDB                        6 
_cell.reciprocal_angle_alpha       ? 
_cell.reciprocal_angle_beta        ? 
_cell.reciprocal_angle_gamma       ? 
_cell.reciprocal_angle_alpha_esd   ? 
_cell.reciprocal_angle_beta_esd    ? 
_cell.reciprocal_angle_gamma_esd   ? 
_cell.reciprocal_length_a          ? 
_cell.reciprocal_length_b          ? 
_cell.reciprocal_length_c          ? 
_cell.reciprocal_length_a_esd      ? 
_cell.reciprocal_length_b_esd      ? 
_cell.reciprocal_length_c_esd      ? 
_cell.pdbx_unique_axis             ? 
_cell.pdbx_esd_method              ? 
# 
_symmetry.entry_id                         9NFH 
_symmetry.cell_setting                     ? 
_symmetry.Int_Tables_number                173 
_symmetry.space_group_name_Hall            'P 6c' 
_symmetry.space_group_name_H-M             'P 63' 
_symmetry.pdbx_full_space_group_name_H-M   ? 
# 
_exptl.absorpt_coefficient_mu     ? 
_exptl.absorpt_correction_T_max   ? 
_exptl.absorpt_correction_T_min   ? 
_exptl.absorpt_correction_type    ? 
_exptl.absorpt_process_details    ? 
_exptl.entry_id                   9NFH 
_exptl.crystals_number            1 
_exptl.details                    ? 
_exptl.method                     'X-RAY DIFFRACTION' 
_exptl.method_details             ? 
# 
_exptl_crystal.colour                       ? 
_exptl_crystal.density_diffrn               ? 
_exptl_crystal.density_Matthews             1.64 
_exptl_crystal.density_method               ? 
_exptl_crystal.density_percent_sol          24.86 
_exptl_crystal.description                  ? 
_exptl_crystal.F_000                        ? 
_exptl_crystal.id                           1 
_exptl_crystal.preparation                  ? 
_exptl_crystal.size_max                     ? 
_exptl_crystal.size_mid                     ? 
_exptl_crystal.size_min                     ? 
_exptl_crystal.size_rad                     ? 
_exptl_crystal.colour_lustre                ? 
_exptl_crystal.colour_modifier              ? 
_exptl_crystal.colour_primary               ? 
_exptl_crystal.density_meas                 ? 
_exptl_crystal.density_meas_esd             ? 
_exptl_crystal.density_meas_gt              ? 
_exptl_crystal.density_meas_lt              ? 
_exptl_crystal.density_meas_temp            ? 
_exptl_crystal.density_meas_temp_esd        ? 
_exptl_crystal.density_meas_temp_gt         ? 
_exptl_crystal.density_meas_temp_lt         ? 
_exptl_crystal.pdbx_crystal_image_url       ? 
_exptl_crystal.pdbx_crystal_image_format    ? 
_exptl_crystal.pdbx_mosaicity               ? 
_exptl_crystal.pdbx_mosaicity_esd           ? 
_exptl_crystal.pdbx_mosaic_method           ? 
_exptl_crystal.pdbx_mosaic_block_size       ? 
_exptl_crystal.pdbx_mosaic_block_size_esd   ? 
# 
_exptl_crystal_grow.apparatus       ? 
_exptl_crystal_grow.atmosphere      ? 
_exptl_crystal_grow.crystal_id      1 
_exptl_crystal_grow.details         ? 
_exptl_crystal_grow.method          'VAPOR DIFFUSION, HANGING DROP' 
_exptl_crystal_grow.method_ref      ? 
_exptl_crystal_grow.pH              ? 
_exptl_crystal_grow.pressure        ? 
_exptl_crystal_grow.pressure_esd    ? 
_exptl_crystal_grow.seeding         ? 
_exptl_crystal_grow.seeding_ref     ? 
_exptl_crystal_grow.temp_details    ? 
_exptl_crystal_grow.temp_esd        ? 
_exptl_crystal_grow.time            ? 
_exptl_crystal_grow.pdbx_details    '0.18 M ammonium acetate 16% PEG 3,352' 
_exptl_crystal_grow.pdbx_pH_range   ? 
_exptl_crystal_grow.temp            296 
# 
_diffrn.ambient_environment              ? 
_diffrn.ambient_temp                     100 
_diffrn.ambient_temp_details             ? 
_diffrn.ambient_temp_esd                 ? 
_diffrn.crystal_id                       1 
_diffrn.crystal_support                  ? 
_diffrn.crystal_treatment                ? 
_diffrn.details                          ? 
_diffrn.id                               1 
_diffrn.ambient_pressure                 ? 
_diffrn.ambient_pressure_esd             ? 
_diffrn.ambient_pressure_gt              ? 
_diffrn.ambient_pressure_lt              ? 
_diffrn.ambient_temp_gt                  ? 
_diffrn.ambient_temp_lt                  ? 
_diffrn.pdbx_serial_crystal_experiment   N 
# 
_diffrn_detector.details                      ? 
_diffrn_detector.detector                     PIXEL 
_diffrn_detector.diffrn_id                    1 
_diffrn_detector.type                         'DECTRIS EIGER2 S 9M' 
_diffrn_detector.area_resol_mean              ? 
_diffrn_detector.dtime                        ? 
_diffrn_detector.pdbx_frames_total            ? 
_diffrn_detector.pdbx_collection_time_total   ? 
_diffrn_detector.pdbx_collection_date         2021-06-14 
_diffrn_detector.pdbx_frequency               ? 
_diffrn_detector.id                           ? 
_diffrn_detector.number_of_axes               ? 
# 
_diffrn_radiation.collimation                      ? 
_diffrn_radiation.diffrn_id                        1 
_diffrn_radiation.filter_edge                      ? 
_diffrn_radiation.inhomogeneity                    ? 
_diffrn_radiation.monochromator                    ? 
_diffrn_radiation.polarisn_norm                    ? 
_diffrn_radiation.polarisn_ratio                   ? 
_diffrn_radiation.probe                            ? 
_diffrn_radiation.type                             ? 
_diffrn_radiation.xray_symbol                      ? 
_diffrn_radiation.wavelength_id                    1 
_diffrn_radiation.pdbx_monochromatic_or_laue_m_l   M 
_diffrn_radiation.pdbx_wavelength_list             ? 
_diffrn_radiation.pdbx_wavelength                  ? 
_diffrn_radiation.pdbx_diffrn_protocol             'SINGLE WAVELENGTH' 
_diffrn_radiation.pdbx_analyzer                    ? 
_diffrn_radiation.pdbx_scattering_type             x-ray 
# 
_diffrn_radiation_wavelength.id           1 
_diffrn_radiation_wavelength.wavelength   1.13 
_diffrn_radiation_wavelength.wt           1.0 
# 
_diffrn_source.current                     ? 
_diffrn_source.details                     ? 
_diffrn_source.diffrn_id                   1 
_diffrn_source.power                       ? 
_diffrn_source.size                        ? 
_diffrn_source.source                      SYNCHROTRON 
_diffrn_source.target                      ? 
_diffrn_source.type                        'APS BEAMLINE 21-ID-D' 
_diffrn_source.voltage                     ? 
_diffrn_source.take-off_angle              ? 
_diffrn_source.pdbx_wavelength_list        1.13 
_diffrn_source.pdbx_wavelength             ? 
_diffrn_source.pdbx_synchrotron_beamline   21-ID-D 
_diffrn_source.pdbx_synchrotron_site       APS 
# 
_reflns.B_iso_Wilson_estimate                          16.17 
_reflns.entry_id                                       9NFH 
_reflns.data_reduction_details                         ? 
_reflns.data_reduction_method                          ? 
_reflns.d_resolution_high                              1.32 
_reflns.d_resolution_low                               50.00 
_reflns.details                                        ? 
_reflns.limit_h_max                                    ? 
_reflns.limit_h_min                                    ? 
_reflns.limit_k_max                                    ? 
_reflns.limit_k_min                                    ? 
_reflns.limit_l_max                                    ? 
_reflns.limit_l_min                                    ? 
_reflns.number_all                                     ? 
_reflns.number_obs                                     27976 
_reflns.observed_criterion                             ? 
_reflns.observed_criterion_F_max                       ? 
_reflns.observed_criterion_F_min                       ? 
_reflns.observed_criterion_I_max                       ? 
_reflns.observed_criterion_I_min                       ? 
_reflns.observed_criterion_sigma_F                     ? 
_reflns.observed_criterion_sigma_I                     ? 
_reflns.percent_possible_obs                           99.8 
_reflns.R_free_details                                 ? 
_reflns.Rmerge_F_all                                   ? 
_reflns.Rmerge_F_obs                                   ? 
_reflns.Friedel_coverage                               ? 
_reflns.number_gt                                      ? 
_reflns.threshold_expression                           ? 
_reflns.pdbx_redundancy                                9.4 
_reflns.pdbx_netI_over_av_sigmaI                       ? 
_reflns.pdbx_netI_over_sigmaI                          32.48 
_reflns.pdbx_res_netI_over_av_sigmaI_2                 ? 
_reflns.pdbx_res_netI_over_sigmaI_2                    ? 
_reflns.pdbx_chi_squared                               ? 
_reflns.pdbx_scaling_rejects                           ? 
_reflns.pdbx_d_res_high_opt                            ? 
_reflns.pdbx_d_res_low_opt                             ? 
_reflns.pdbx_d_res_opt_method                          ? 
_reflns.phase_calculation_details                      ? 
_reflns.pdbx_Rrim_I_all                                ? 
_reflns.pdbx_Rpim_I_all                                0.029 
_reflns.pdbx_d_opt                                     ? 
_reflns.pdbx_number_measured_all                       ? 
_reflns.pdbx_diffrn_id                                 1 
_reflns.pdbx_ordinal                                   1 
_reflns.pdbx_CC_half                                   ? 
_reflns.pdbx_CC_star                                   ? 
_reflns.pdbx_R_split                                   ? 
_reflns.pdbx_Rmerge_I_obs                              ? 
_reflns.pdbx_Rmerge_I_all                              ? 
_reflns.pdbx_Rsym_value                                ? 
_reflns.pdbx_CC_split_method                           ? 
_reflns.pdbx_aniso_diffraction_limit_axis_1_ortho[1]   ? 
_reflns.pdbx_aniso_diffraction_limit_axis_1_ortho[2]   ? 
_reflns.pdbx_aniso_diffraction_limit_axis_1_ortho[3]   ? 
_reflns.pdbx_aniso_diffraction_limit_axis_2_ortho[1]   ? 
_reflns.pdbx_aniso_diffraction_limit_axis_2_ortho[2]   ? 
_reflns.pdbx_aniso_diffraction_limit_axis_2_ortho[3]   ? 
_reflns.pdbx_aniso_diffraction_limit_axis_3_ortho[1]   ? 
_reflns.pdbx_aniso_diffraction_limit_axis_3_ortho[2]   ? 
_reflns.pdbx_aniso_diffraction_limit_axis_3_ortho[3]   ? 
_reflns.pdbx_aniso_diffraction_limit_1                 ? 
_reflns.pdbx_aniso_diffraction_limit_2                 ? 
_reflns.pdbx_aniso_diffraction_limit_3                 ? 
_reflns.pdbx_aniso_B_tensor_eigenvector_1_ortho[1]     ? 
_reflns.pdbx_aniso_B_tensor_eigenvector_1_ortho[2]     ? 
_reflns.pdbx_aniso_B_tensor_eigenvector_1_ortho[3]     ? 
_reflns.pdbx_aniso_B_tensor_eigenvector_2_ortho[1]     ? 
_reflns.pdbx_aniso_B_tensor_eigenvector_2_ortho[2]     ? 
_reflns.pdbx_aniso_B_tensor_eigenvector_2_ortho[3]     ? 
_reflns.pdbx_aniso_B_tensor_eigenvector_3_ortho[1]     ? 
_reflns.pdbx_aniso_B_tensor_eigenvector_3_ortho[2]     ? 
_reflns.pdbx_aniso_B_tensor_eigenvector_3_ortho[3]     ? 
_reflns.pdbx_aniso_B_tensor_eigenvalue_1               ? 
_reflns.pdbx_aniso_B_tensor_eigenvalue_2               ? 
_reflns.pdbx_aniso_B_tensor_eigenvalue_3               ? 
_reflns.pdbx_orthogonalization_convention              ? 
_reflns.pdbx_percent_possible_ellipsoidal              ? 
_reflns.pdbx_percent_possible_spherical                ? 
_reflns.pdbx_percent_possible_ellipsoidal_anomalous    ? 
_reflns.pdbx_percent_possible_spherical_anomalous      ? 
_reflns.pdbx_redundancy_anomalous                      ? 
_reflns.pdbx_CC_half_anomalous                         ? 
_reflns.pdbx_absDiff_over_sigma_anomalous              ? 
_reflns.pdbx_percent_possible_anomalous                ? 
_reflns.pdbx_observed_signal_threshold                 ? 
_reflns.pdbx_signal_type                               ? 
_reflns.pdbx_signal_details                            ? 
_reflns.pdbx_signal_software_id                        ? 
# 
_reflns_shell.d_res_high                                    1.32 
_reflns_shell.d_res_low                                     1.34 
_reflns_shell.meanI_over_sigI_all                           ? 
_reflns_shell.meanI_over_sigI_obs                           ? 
_reflns_shell.number_measured_all                           ? 
_reflns_shell.number_measured_obs                           ? 
_reflns_shell.number_possible                               ? 
_reflns_shell.number_unique_all                             ? 
_reflns_shell.number_unique_obs                             1052 
_reflns_shell.percent_possible_obs                          ? 
_reflns_shell.Rmerge_F_all                                  ? 
_reflns_shell.Rmerge_F_obs                                  ? 
_reflns_shell.meanI_over_sigI_gt                            ? 
_reflns_shell.meanI_over_uI_all                             ? 
_reflns_shell.meanI_over_uI_gt                              ? 
_reflns_shell.number_measured_gt                            ? 
_reflns_shell.number_unique_gt                              ? 
_reflns_shell.percent_possible_gt                           ? 
_reflns_shell.Rmerge_F_gt                                   ? 
_reflns_shell.Rmerge_I_gt                                   ? 
_reflns_shell.pdbx_redundancy                               ? 
_reflns_shell.pdbx_chi_squared                              ? 
_reflns_shell.pdbx_netI_over_sigmaI_all                     ? 
_reflns_shell.pdbx_netI_over_sigmaI_obs                     ? 
_reflns_shell.pdbx_Rrim_I_all                               ? 
_reflns_shell.pdbx_Rpim_I_all                               0.592 
_reflns_shell.pdbx_rejects                                  ? 
_reflns_shell.pdbx_ordinal                                  1 
_reflns_shell.pdbx_diffrn_id                                1 
_reflns_shell.pdbx_CC_half                                  ? 
_reflns_shell.pdbx_CC_star                                  ? 
_reflns_shell.pdbx_R_split                                  ? 
_reflns_shell.percent_possible_all                          ? 
_reflns_shell.Rmerge_I_all                                  ? 
_reflns_shell.Rmerge_I_obs                                  ? 
_reflns_shell.pdbx_Rsym_value                               ? 
_reflns_shell.pdbx_percent_possible_ellipsoidal             ? 
_reflns_shell.pdbx_percent_possible_spherical               ? 
_reflns_shell.pdbx_percent_possible_ellipsoidal_anomalous   ? 
_reflns_shell.pdbx_percent_possible_spherical_anomalous     ? 
_reflns_shell.pdbx_redundancy_anomalous                     ? 
_reflns_shell.pdbx_CC_half_anomalous                        ? 
_reflns_shell.pdbx_absDiff_over_sigma_anomalous             ? 
_reflns_shell.pdbx_percent_possible_anomalous               ? 
# 
_refine.aniso_B[1][1]                            ? 
_refine.aniso_B[1][2]                            ? 
_refine.aniso_B[1][3]                            ? 
_refine.aniso_B[2][2]                            ? 
_refine.aniso_B[2][3]                            ? 
_refine.aniso_B[3][3]                            ? 
_refine.B_iso_max                                ? 
_refine.B_iso_mean                               19.65 
_refine.B_iso_min                                ? 
_refine.correlation_coeff_Fo_to_Fc               ? 
_refine.correlation_coeff_Fo_to_Fc_free          ? 
_refine.details                                  ? 
_refine.diff_density_max                         ? 
_refine.diff_density_max_esd                     ? 
_refine.diff_density_min                         ? 
_refine.diff_density_min_esd                     ? 
_refine.diff_density_rms                         ? 
_refine.diff_density_rms_esd                     ? 
_refine.entry_id                                 9NFH 
_refine.pdbx_refine_id                           'X-RAY DIFFRACTION' 
_refine.ls_abs_structure_details                 ? 
_refine.ls_abs_structure_Flack                   ? 
_refine.ls_abs_structure_Flack_esd               ? 
_refine.ls_abs_structure_Rogers                  ? 
_refine.ls_abs_structure_Rogers_esd              ? 
_refine.ls_d_res_high                            1.32 
_refine.ls_d_res_low                             29.98 
_refine.ls_extinction_coef                       ? 
_refine.ls_extinction_coef_esd                   ? 
_refine.ls_extinction_expression                 ? 
_refine.ls_extinction_method                     ? 
_refine.ls_goodness_of_fit_all                   ? 
_refine.ls_goodness_of_fit_all_esd               ? 
_refine.ls_goodness_of_fit_obs                   ? 
_refine.ls_goodness_of_fit_obs_esd               ? 
_refine.ls_hydrogen_treatment                    ? 
_refine.ls_matrix_type                           ? 
_refine.ls_number_constraints                    ? 
_refine.ls_number_parameters                     ? 
_refine.ls_number_reflns_all                     ? 
_refine.ls_number_reflns_obs                     27951 
_refine.ls_number_reflns_R_free                  1994 
_refine.ls_number_reflns_R_work                  25957 
_refine.ls_number_restraints                     ? 
_refine.ls_percent_reflns_obs                    99.79 
_refine.ls_percent_reflns_R_free                 7.13 
_refine.ls_R_factor_all                          ? 
_refine.ls_R_factor_obs                          0.1921 
_refine.ls_R_factor_R_free                       0.2128 
_refine.ls_R_factor_R_free_error                 ? 
_refine.ls_R_factor_R_free_error_details         ? 
_refine.ls_R_factor_R_work                       0.1905 
_refine.ls_R_Fsqd_factor_obs                     ? 
_refine.ls_R_I_factor_obs                        ? 
_refine.ls_redundancy_reflns_all                 ? 
_refine.ls_redundancy_reflns_obs                 ? 
_refine.ls_restrained_S_all                      ? 
_refine.ls_restrained_S_obs                      ? 
_refine.ls_shift_over_esd_max                    ? 
_refine.ls_shift_over_esd_mean                   ? 
_refine.ls_structure_factor_coef                 ? 
_refine.ls_weighting_details                     ? 
_refine.ls_weighting_scheme                      ? 
_refine.ls_wR_factor_all                         ? 
_refine.ls_wR_factor_obs                         ? 
_refine.ls_wR_factor_R_free                      ? 
_refine.ls_wR_factor_R_work                      ? 
_refine.occupancy_max                            ? 
_refine.occupancy_min                            ? 
_refine.solvent_model_details                    'FLAT BULK SOLVENT MODEL' 
_refine.solvent_model_param_bsol                 ? 
_refine.solvent_model_param_ksol                 ? 
_refine.correlation_coeff_I_to_Fcsqd_work        ? 
_refine.correlation_coeff_I_to_Fcsqd_free        ? 
_refine.pdbx_R_complete                          ? 
_refine.ls_R_factor_gt                           ? 
_refine.ls_goodness_of_fit_gt                    ? 
_refine.ls_goodness_of_fit_ref                   ? 
_refine.ls_shift_over_su_max                     ? 
_refine.ls_shift_over_su_max_lt                  ? 
_refine.ls_shift_over_su_mean                    ? 
_refine.ls_shift_over_su_mean_lt                 ? 
_refine.pdbx_ls_sigma_I                          ? 
_refine.pdbx_ls_sigma_F                          1.35 
_refine.pdbx_ls_sigma_Fsqd                       ? 
_refine.pdbx_data_cutoff_high_absF               ? 
_refine.pdbx_data_cutoff_high_rms_absF           ? 
_refine.pdbx_data_cutoff_low_absF                ? 
_refine.pdbx_isotropic_thermal_model             ? 
_refine.pdbx_ls_cross_valid_method               'FREE R-VALUE' 
_refine.pdbx_method_to_determine_struct          'MOLECULAR REPLACEMENT' 
_refine.pdbx_starting_model                      ? 
_refine.pdbx_stereochemistry_target_values       'GeoStd + Monomer Library + CDL v1.2' 
_refine.pdbx_R_Free_selection_details            ? 
_refine.pdbx_stereochem_target_val_spec_case     ? 
_refine.pdbx_overall_ESU_R                       ? 
_refine.pdbx_overall_ESU_R_Free                  ? 
_refine.pdbx_solvent_vdw_probe_radii             1.1100 
_refine.pdbx_solvent_ion_probe_radii             ? 
_refine.pdbx_solvent_shrinkage_radii             0.9000 
_refine.pdbx_real_space_R                        ? 
_refine.pdbx_density_correlation                 ? 
_refine.pdbx_pd_number_of_powder_patterns        ? 
_refine.pdbx_pd_number_of_points                 ? 
_refine.pdbx_pd_meas_number_of_points            ? 
_refine.pdbx_pd_proc_ls_prof_R_factor            ? 
_refine.pdbx_pd_proc_ls_prof_wR_factor           ? 
_refine.pdbx_pd_Marquardt_correlation_coeff      ? 
_refine.pdbx_pd_Fsqrd_R_factor                   ? 
_refine.pdbx_pd_ls_matrix_band_width             ? 
_refine.pdbx_overall_phase_error                 22.0727 
_refine.pdbx_overall_SU_R_free_Cruickshank_DPI   ? 
_refine.pdbx_overall_SU_R_free_Blow_DPI          ? 
_refine.pdbx_overall_SU_R_Blow_DPI               ? 
_refine.pdbx_TLS_residual_ADP_flag               ? 
_refine.pdbx_diffrn_id                           1 
_refine.overall_SU_B                             ? 
_refine.overall_SU_ML                            0.1421 
_refine.overall_SU_R_Cruickshank_DPI             ? 
_refine.overall_SU_R_free                        ? 
_refine.overall_FOM_free_R_set                   ? 
_refine.overall_FOM_work_R_set                   ? 
_refine.pdbx_average_fsc_overall                 ? 
_refine.pdbx_average_fsc_work                    ? 
_refine.pdbx_average_fsc_free                    ? 
# 
_refine_hist.pdbx_refine_id                   'X-RAY DIFFRACTION' 
_refine_hist.cycle_id                         LAST 
_refine_hist.details                          ? 
_refine_hist.d_res_high                       1.32 
_refine_hist.d_res_low                        29.98 
_refine_hist.number_atoms_solvent             82 
_refine_hist.number_atoms_total               1009 
_refine_hist.number_reflns_all                ? 
_refine_hist.number_reflns_obs                ? 
_refine_hist.number_reflns_R_free             ? 
_refine_hist.number_reflns_R_work             ? 
_refine_hist.R_factor_all                     ? 
_refine_hist.R_factor_obs                     ? 
_refine_hist.R_factor_R_free                  ? 
_refine_hist.R_factor_R_work                  ? 
_refine_hist.pdbx_number_residues_total       ? 
_refine_hist.pdbx_B_iso_mean_ligand           ? 
_refine_hist.pdbx_B_iso_mean_solvent          ? 
_refine_hist.pdbx_number_atoms_protein        923 
_refine_hist.pdbx_number_atoms_nucleic_acid   0 
_refine_hist.pdbx_number_atoms_ligand         4 
_refine_hist.pdbx_number_atoms_lipid          ? 
_refine_hist.pdbx_number_atoms_carb           ? 
_refine_hist.pdbx_pseudo_atom_details         ? 
# 
loop_
_refine_ls_restr.pdbx_refine_id 
_refine_ls_restr.criterion 
_refine_ls_restr.dev_ideal 
_refine_ls_restr.dev_ideal_target 
_refine_ls_restr.number 
_refine_ls_restr.rejects 
_refine_ls_restr.type 
_refine_ls_restr.weight 
_refine_ls_restr.pdbx_restraint_function 
'X-RAY DIFFRACTION' ? 0.0072 ? 947  ? f_bond_d           ? ? 
'X-RAY DIFFRACTION' ? 1.3191 ? 1279 ? f_angle_d          ? ? 
'X-RAY DIFFRACTION' ? 0.1460 ? 136  ? f_chiral_restr     ? ? 
'X-RAY DIFFRACTION' ? 0.0147 ? 170  ? f_plane_restr      ? ? 
'X-RAY DIFFRACTION' ? 6.2604 ? 128  ? f_dihedral_angle_d ? ? 
# 
loop_
_refine_ls_shell.pdbx_refine_id 
_refine_ls_shell.d_res_high 
_refine_ls_shell.d_res_low 
_refine_ls_shell.number_reflns_all 
_refine_ls_shell.number_reflns_obs 
_refine_ls_shell.number_reflns_R_free 
_refine_ls_shell.number_reflns_R_work 
_refine_ls_shell.percent_reflns_obs 
_refine_ls_shell.percent_reflns_R_free 
_refine_ls_shell.R_factor_all 
_refine_ls_shell.R_factor_obs 
_refine_ls_shell.R_factor_R_free_error 
_refine_ls_shell.R_factor_R_work 
_refine_ls_shell.redundancy_reflns_all 
_refine_ls_shell.redundancy_reflns_obs 
_refine_ls_shell.wR_factor_all 
_refine_ls_shell.wR_factor_obs 
_refine_ls_shell.wR_factor_R_free 
_refine_ls_shell.wR_factor_R_work 
_refine_ls_shell.pdbx_R_complete 
_refine_ls_shell.correlation_coeff_Fo_to_Fc 
_refine_ls_shell.correlation_coeff_Fo_to_Fc_free 
_refine_ls_shell.correlation_coeff_I_to_Fcsqd_work 
_refine_ls_shell.correlation_coeff_I_to_Fcsqd_free 
_refine_ls_shell.pdbx_total_number_of_bins_used 
_refine_ls_shell.pdbx_phase_error 
_refine_ls_shell.pdbx_fsc_work 
_refine_ls_shell.pdbx_fsc_free 
_refine_ls_shell.R_factor_R_free 
'X-RAY DIFFRACTION' 1.32 1.36  . . 136 1813 98.09  . . . . 0.2915 . . . . . . . . . . . . . . . 0.3174 
'X-RAY DIFFRACTION' 1.36 1.39  . . 142 1863 100.00 . . . . 0.2724 . . . . . . . . . . . . . . . 0.2800 
'X-RAY DIFFRACTION' 1.39 1.43  . . 143 1831 99.90  . . . . 0.2896 . . . . . . . . . . . . . . . 0.3278 
'X-RAY DIFFRACTION' 1.43 1.48  . . 140 1854 100.00 . . . . 0.2139 . . . . . . . . . . . . . . . 0.2575 
'X-RAY DIFFRACTION' 1.48 1.53  . . 140 1853 99.95  . . . . 0.1828 . . . . . . . . . . . . . . . 0.2291 
'X-RAY DIFFRACTION' 1.53 1.59  . . 144 1837 100.00 . . . . 0.1778 . . . . . . . . . . . . . . . 0.2113 
'X-RAY DIFFRACTION' 1.59 1.67  . . 143 1865 99.95  . . . . 0.1705 . . . . . . . . . . . . . . . 0.1773 
'X-RAY DIFFRACTION' 1.67 1.75  . . 145 1854 100.00 . . . . 0.1826 . . . . . . . . . . . . . . . 0.2259 
'X-RAY DIFFRACTION' 1.75 1.86  . . 138 1859 100.00 . . . . 0.1798 . . . . . . . . . . . . . . . 0.1854 
'X-RAY DIFFRACTION' 1.86 2.01  . . 143 1855 100.00 . . . . 0.1776 . . . . . . . . . . . . . . . 0.1816 
'X-RAY DIFFRACTION' 2.01 2.21  . . 145 1854 100.00 . . . . 0.1842 . . . . . . . . . . . . . . . 0.2278 
'X-RAY DIFFRACTION' 2.21 2.53  . . 146 1870 100.00 . . . . 0.1896 . . . . . . . . . . . . . . . 0.2022 
'X-RAY DIFFRACTION' 2.53 3.18  . . 141 1856 99.55  . . . . 0.2032 . . . . . . . . . . . . . . . 0.2071 
'X-RAY DIFFRACTION' 3.19 29.98 . . 148 1893 99.66  . . . . 0.1793 . . . . . . . . . . . . . . . 0.2100 
# 
_struct.entry_id                     9NFH 
_struct.title                        'Native cis-CaaD' 
_struct.pdbx_model_details           ? 
_struct.pdbx_formula_weight          ? 
_struct.pdbx_formula_weight_method   ? 
_struct.pdbx_model_type_details      ? 
_struct.pdbx_CASP_flag               N 
# 
_struct_keywords.entry_id        9NFH 
_struct_keywords.text            'cis-CaaD, Tautomerase, HYDROLASE' 
_struct_keywords.pdbx_keywords   HYDROLASE 
# 
loop_
_struct_asym.id 
_struct_asym.pdbx_blank_PDB_chainid_flag 
_struct_asym.pdbx_modified 
_struct_asym.entity_id 
_struct_asym.details 
A N N 1 ? 
B N N 2 ? 
C N N 3 ? 
# 
_struct_ref.id                         1 
_struct_ref.db_name                    UNP 
_struct_ref.db_code                    Q6VPE5_9CORY 
_struct_ref.pdbx_db_accession          Q6VPE5 
_struct_ref.pdbx_db_isoform            ? 
_struct_ref.entity_id                  1 
_struct_ref.pdbx_seq_one_letter_code   
;PVYMVYVSQDRLTPSAKHAVAKAITDAHRGLTGTQHFLAQVNFQEQPAGNVFLGGVQQGGDTIFVHGLHREGRSADLKGQ
LAQRIVDDVSVAAEIDRKHIWVYFGEMPAQQMVEYGRFLPQPGHEGEWFDNLSSDERAFMETNVDVSRT
;
_struct_ref.pdbx_align_begin           2 
# 
_struct_ref_seq.align_id                      1 
_struct_ref_seq.ref_id                        1 
_struct_ref_seq.pdbx_PDB_id_code              9NFH 
_struct_ref_seq.pdbx_strand_id                A 
_struct_ref_seq.seq_align_beg                 1 
_struct_ref_seq.pdbx_seq_align_beg_ins_code   ? 
_struct_ref_seq.seq_align_end                 149 
_struct_ref_seq.pdbx_seq_align_end_ins_code   ? 
_struct_ref_seq.pdbx_db_accession             Q6VPE5 
_struct_ref_seq.db_align_beg                  2 
_struct_ref_seq.pdbx_db_align_beg_ins_code    ? 
_struct_ref_seq.db_align_end                  150 
_struct_ref_seq.pdbx_db_align_end_ins_code    ? 
_struct_ref_seq.pdbx_auth_seq_align_beg       1 
_struct_ref_seq.pdbx_auth_seq_align_end       149 
# 
loop_
_struct_ref_seq_dif.align_id 
_struct_ref_seq_dif.pdbx_pdb_id_code 
_struct_ref_seq_dif.mon_id 
_struct_ref_seq_dif.pdbx_pdb_strand_id 
_struct_ref_seq_dif.seq_num 
_struct_ref_seq_dif.pdbx_pdb_ins_code 
_struct_ref_seq_dif.pdbx_seq_db_name 
_struct_ref_seq_dif.pdbx_seq_db_accession_code 
_struct_ref_seq_dif.db_mon_id 
_struct_ref_seq_dif.pdbx_seq_db_seq_num 
_struct_ref_seq_dif.details 
_struct_ref_seq_dif.pdbx_auth_seq_num 
_struct_ref_seq_dif.pdbx_ordinal 
1 9NFH GLU A 150 ? UNP Q6VPE5 ? ? 'expression tag' 150 1  
1 9NFH ASN A 151 ? UNP Q6VPE5 ? ? 'expression tag' 151 2  
1 9NFH LEU A 152 ? UNP Q6VPE5 ? ? 'expression tag' 152 3  
1 9NFH TYR A 153 ? UNP Q6VPE5 ? ? 'expression tag' 153 4  
1 9NFH PHE A 154 ? UNP Q6VPE5 ? ? 'expression tag' 154 5  
1 9NFH GLN A 155 ? UNP Q6VPE5 ? ? 'expression tag' 155 6  
1 9NFH GLY A 156 ? UNP Q6VPE5 ? ? 'expression tag' 156 7  
1 9NFH LEU A 157 ? UNP Q6VPE5 ? ? 'expression tag' 157 8  
1 9NFH GLU A 158 ? UNP Q6VPE5 ? ? 'expression tag' 158 9  
1 9NFH HIS A 159 ? UNP Q6VPE5 ? ? 'expression tag' 159 10 
1 9NFH HIS A 160 ? UNP Q6VPE5 ? ? 'expression tag' 160 11 
1 9NFH HIS A 161 ? UNP Q6VPE5 ? ? 'expression tag' 161 12 
1 9NFH HIS A 162 ? UNP Q6VPE5 ? ? 'expression tag' 162 13 
1 9NFH HIS A 163 ? UNP Q6VPE5 ? ? 'expression tag' 163 14 
1 9NFH HIS A 164 ? UNP Q6VPE5 ? ? 'expression tag' 164 15 
# 
_pdbx_struct_assembly.id                   1 
_pdbx_struct_assembly.details              author_and_software_defined_assembly 
_pdbx_struct_assembly.method_details       PISA 
_pdbx_struct_assembly.oligomeric_details   trimeric 
_pdbx_struct_assembly.oligomeric_count     3 
# 
loop_
_pdbx_struct_assembly_prop.biol_id 
_pdbx_struct_assembly_prop.type 
_pdbx_struct_assembly_prop.value 
_pdbx_struct_assembly_prop.details 
1 'ABSA (A^2)' 8060  ? 
1 MORE         -43   ? 
1 'SSA (A^2)'  13400 ? 
# 
_pdbx_struct_assembly_gen.assembly_id       1 
_pdbx_struct_assembly_gen.oper_expression   1,2,3 
_pdbx_struct_assembly_gen.asym_id_list      A,B,C 
# 
_pdbx_struct_assembly_auth_evidence.id                     1 
_pdbx_struct_assembly_auth_evidence.assembly_id            1 
_pdbx_struct_assembly_auth_evidence.experimental_support   'gel filtration' 
_pdbx_struct_assembly_auth_evidence.details                ? 
# 
loop_
_pdbx_struct_oper_list.id 
_pdbx_struct_oper_list.type 
_pdbx_struct_oper_list.name 
_pdbx_struct_oper_list.symmetry_operation 
_pdbx_struct_oper_list.matrix[1][1] 
_pdbx_struct_oper_list.matrix[1][2] 
_pdbx_struct_oper_list.matrix[1][3] 
_pdbx_struct_oper_list.vector[1] 
_pdbx_struct_oper_list.matrix[2][1] 
_pdbx_struct_oper_list.matrix[2][2] 
_pdbx_struct_oper_list.matrix[2][3] 
_pdbx_struct_oper_list.vector[2] 
_pdbx_struct_oper_list.matrix[3][1] 
_pdbx_struct_oper_list.matrix[3][2] 
_pdbx_struct_oper_list.matrix[3][3] 
_pdbx_struct_oper_list.vector[3] 
1 'identity operation'         1_555 x,y,z       1.0000000000 0.0000000000  0.0000000000  0.0000000000  0.0000000000  1.0000000000  0.0000000000  0.0000000000   0.0000000000  0.0000000000  1.0000000000 0.0000000000  
2 'crystal symmetry operation' 2_545 -y,x-y-1,z  0.3544099655 0.6233717150  -0.6969944629 10.7313733798 -0.5095907830 -0.4962119764 -0.7029160038 -13.3389461485 -0.7840349547 0.6043023908  0.1418020109 11.3571457753 
3 'crystal symmetry operation' 3_655 -x+y+1,-x,z 0.3544099655 -0.5095907830 -0.7840349547 -1.6963104073 0.6233717150  -0.4962119764 0.6043023908  -20.1717298037 -0.6969944629 -0.7029160038 0.1418020109 -3.5069170048 
# 
loop_
_struct_conf.conf_type_id 
_struct_conf.id 
_struct_conf.pdbx_PDB_helix_id 
_struct_conf.beg_label_comp_id 
_struct_conf.beg_label_asym_id 
_struct_conf.beg_label_seq_id 
_struct_conf.pdbx_beg_PDB_ins_code 
_struct_conf.end_label_comp_id 
_struct_conf.end_label_asym_id 
_struct_conf.end_label_seq_id 
_struct_conf.pdbx_end_PDB_ins_code 
_struct_conf.beg_auth_comp_id 
_struct_conf.beg_auth_asym_id 
_struct_conf.beg_auth_seq_id 
_struct_conf.end_auth_comp_id 
_struct_conf.end_auth_asym_id 
_struct_conf.end_auth_seq_id 
_struct_conf.pdbx_PDB_helix_class 
_struct_conf.details 
_struct_conf.pdbx_PDB_helix_length 
HELX_P HELX_P1 AA1 THR A 13  ? GLY A 33  ? THR A 13  GLY A 33  1 ? 21 
HELX_P HELX_P2 AA2 GLN A 35  ? ALA A 39  ? GLN A 35  ALA A 39  5 ? 5  
HELX_P HELX_P3 AA3 SER A 74  ? GLU A 94  ? SER A 74  GLU A 94  1 ? 21 
HELX_P HELX_P4 AA4 ASP A 96  ? LYS A 98  ? ASP A 96  LYS A 98  5 ? 3  
HELX_P HELX_P5 AA5 PRO A 108 ? MET A 112 ? PRO A 108 MET A 112 5 ? 5  
# 
_struct_conf_type.id          HELX_P 
_struct_conf_type.criteria    ? 
_struct_conf_type.reference   ? 
# 
loop_
_struct_sheet.id 
_struct_sheet.type 
_struct_sheet.number_strands 
_struct_sheet.details 
AA1 ? 4 ? 
AA2 ? 2 ? 
# 
loop_
_struct_sheet_order.sheet_id 
_struct_sheet_order.range_id_1 
_struct_sheet_order.range_id_2 
_struct_sheet_order.offset 
_struct_sheet_order.sense 
AA1 1 2 ? parallel      
AA1 2 3 ? anti-parallel 
AA1 3 4 ? parallel      
AA2 1 2 ? anti-parallel 
# 
loop_
_struct_sheet_range.sheet_id 
_struct_sheet_range.id 
_struct_sheet_range.beg_label_comp_id 
_struct_sheet_range.beg_label_asym_id 
_struct_sheet_range.beg_label_seq_id 
_struct_sheet_range.pdbx_beg_PDB_ins_code 
_struct_sheet_range.end_label_comp_id 
_struct_sheet_range.end_label_asym_id 
_struct_sheet_range.end_label_seq_id 
_struct_sheet_range.pdbx_end_PDB_ins_code 
_struct_sheet_range.beg_auth_comp_id 
_struct_sheet_range.beg_auth_asym_id 
_struct_sheet_range.beg_auth_seq_id 
_struct_sheet_range.end_auth_comp_id 
_struct_sheet_range.end_auth_asym_id 
_struct_sheet_range.end_auth_seq_id 
AA1 1 GLN A 40  ? GLN A 46  ? GLN A 40  GLN A 46  
AA1 2 VAL A 2   ? SER A 8   ? VAL A 2   SER A 8   
AA1 3 ILE A 63  ? ARG A 70  ? ILE A 63  ARG A 70  
AA1 4 ILE A 100 ? MET A 107 ? ILE A 100 MET A 107 
AA2 1 PHE A 52  ? LEU A 53  ? PHE A 52  LEU A 53  
AA2 2 VAL A 56  ? GLN A 57  ? VAL A 56  GLN A 57  
# 
loop_
_pdbx_struct_sheet_hbond.sheet_id 
_pdbx_struct_sheet_hbond.range_id_1 
_pdbx_struct_sheet_hbond.range_id_2 
_pdbx_struct_sheet_hbond.range_1_label_atom_id 
_pdbx_struct_sheet_hbond.range_1_label_comp_id 
_pdbx_struct_sheet_hbond.range_1_label_asym_id 
_pdbx_struct_sheet_hbond.range_1_label_seq_id 
_pdbx_struct_sheet_hbond.range_1_PDB_ins_code 
_pdbx_struct_sheet_hbond.range_1_auth_atom_id 
_pdbx_struct_sheet_hbond.range_1_auth_comp_id 
_pdbx_struct_sheet_hbond.range_1_auth_asym_id 
_pdbx_struct_sheet_hbond.range_1_auth_seq_id 
_pdbx_struct_sheet_hbond.range_2_label_atom_id 
_pdbx_struct_sheet_hbond.range_2_label_comp_id 
_pdbx_struct_sheet_hbond.range_2_label_asym_id 
_pdbx_struct_sheet_hbond.range_2_label_seq_id 
_pdbx_struct_sheet_hbond.range_2_PDB_ins_code 
_pdbx_struct_sheet_hbond.range_2_auth_atom_id 
_pdbx_struct_sheet_hbond.range_2_auth_comp_id 
_pdbx_struct_sheet_hbond.range_2_auth_asym_id 
_pdbx_struct_sheet_hbond.range_2_auth_seq_id 
AA1 1 2 O GLN A 44 ? O GLN A 44 N VAL A 5   ? N VAL A 5   
AA1 2 3 N TYR A 6  ? N TYR A 6  O PHE A 64  ? O PHE A 64  
AA1 3 4 N VAL A 65 ? N VAL A 65 O TRP A 101 ? O TRP A 101 
AA2 1 2 N LEU A 53 ? N LEU A 53 O VAL A 56  ? O VAL A 56  
# 
_pdbx_entry_details.entry_id                   9NFH 
_pdbx_entry_details.nonpolymer_details         ? 
_pdbx_entry_details.sequence_details           ? 
_pdbx_entry_details.compound_details           ? 
_pdbx_entry_details.source_details             ? 
_pdbx_entry_details.has_ligand_of_interest     N 
_pdbx_entry_details.has_protein_modification   N 
# 
loop_
_pdbx_validate_close_contact.id 
_pdbx_validate_close_contact.PDB_model_num 
_pdbx_validate_close_contact.auth_atom_id_1 
_pdbx_validate_close_contact.auth_asym_id_1 
_pdbx_validate_close_contact.auth_comp_id_1 
_pdbx_validate_close_contact.auth_seq_id_1 
_pdbx_validate_close_contact.PDB_ins_code_1 
_pdbx_validate_close_contact.label_alt_id_1 
_pdbx_validate_close_contact.auth_atom_id_2 
_pdbx_validate_close_contact.auth_asym_id_2 
_pdbx_validate_close_contact.auth_comp_id_2 
_pdbx_validate_close_contact.auth_seq_id_2 
_pdbx_validate_close_contact.PDB_ins_code_2 
_pdbx_validate_close_contact.label_alt_id_2 
_pdbx_validate_close_contact.dist 
1 1 O   A HOH 302 ? ? O A HOH 334 ? ? 1.94 
2 1 OH  A TYR 103 ? ? O A HOH 301 ? ? 1.97 
3 1 O   A HOH 340 ? ? O A HOH 371 ? ? 2.01 
4 1 O   A HOH 309 ? ? O A HOH 366 ? ? 2.01 
5 1 O   A HOH 365 ? ? O A HOH 369 ? ? 2.10 
6 1 O   A HOH 379 ? ? O A HOH 380 ? ? 2.11 
7 1 OD1 A ASN 42  ? ? O A HOH 302 ? ? 2.12 
8 1 O   A HOH 381 ? ? O A HOH 382 ? ? 2.13 
9 1 O   A HOH 371 ? ? O A HOH 372 ? ? 2.14 
# 
loop_
_pdbx_validate_symm_contact.id 
_pdbx_validate_symm_contact.PDB_model_num 
_pdbx_validate_symm_contact.auth_atom_id_1 
_pdbx_validate_symm_contact.auth_asym_id_1 
_pdbx_validate_symm_contact.auth_comp_id_1 
_pdbx_validate_symm_contact.auth_seq_id_1 
_pdbx_validate_symm_contact.PDB_ins_code_1 
_pdbx_validate_symm_contact.label_alt_id_1 
_pdbx_validate_symm_contact.site_symmetry_1 
_pdbx_validate_symm_contact.auth_atom_id_2 
_pdbx_validate_symm_contact.auth_asym_id_2 
_pdbx_validate_symm_contact.auth_comp_id_2 
_pdbx_validate_symm_contact.auth_seq_id_2 
_pdbx_validate_symm_contact.PDB_ins_code_2 
_pdbx_validate_symm_contact.label_alt_id_2 
_pdbx_validate_symm_contact.site_symmetry_2 
_pdbx_validate_symm_contact.dist 
1 1 O   A HOH 334 ? ? 1_555 O A HOH 358 ? ? 3_655 1.70 
2 1 O   A HOH 371 ? ? 1_555 O A HOH 381 ? ? 4_654 2.02 
3 1 OE2 A GLU 114 ? ? 1_555 O A HOH 301 ? ? 3_655 2.03 
# 
loop_
_pdbx_validate_rmsd_angle.id 
_pdbx_validate_rmsd_angle.PDB_model_num 
_pdbx_validate_rmsd_angle.auth_atom_id_1 
_pdbx_validate_rmsd_angle.auth_asym_id_1 
_pdbx_validate_rmsd_angle.auth_comp_id_1 
_pdbx_validate_rmsd_angle.auth_seq_id_1 
_pdbx_validate_rmsd_angle.PDB_ins_code_1 
_pdbx_validate_rmsd_angle.label_alt_id_1 
_pdbx_validate_rmsd_angle.auth_atom_id_2 
_pdbx_validate_rmsd_angle.auth_asym_id_2 
_pdbx_validate_rmsd_angle.auth_comp_id_2 
_pdbx_validate_rmsd_angle.auth_seq_id_2 
_pdbx_validate_rmsd_angle.PDB_ins_code_2 
_pdbx_validate_rmsd_angle.label_alt_id_2 
_pdbx_validate_rmsd_angle.auth_atom_id_3 
_pdbx_validate_rmsd_angle.auth_asym_id_3 
_pdbx_validate_rmsd_angle.auth_comp_id_3 
_pdbx_validate_rmsd_angle.auth_seq_id_3 
_pdbx_validate_rmsd_angle.PDB_ins_code_3 
_pdbx_validate_rmsd_angle.label_alt_id_3 
_pdbx_validate_rmsd_angle.angle_value 
_pdbx_validate_rmsd_angle.angle_target_value 
_pdbx_validate_rmsd_angle.angle_deviation 
_pdbx_validate_rmsd_angle.angle_standard_deviation 
_pdbx_validate_rmsd_angle.linker_flag 
1 1 CB A ARG 29 ? ? CA A ARG 29 ? ? C A ARG 29 ? ? 97.87  110.40 -12.53 2.00 N 
2 1 CB A ARG 97 ? ? CA A ARG 97 ? ? C A ARG 97 ? ? 122.84 110.40 12.44  2.00 N 
# 
loop_
_pdbx_validate_torsion.id 
_pdbx_validate_torsion.PDB_model_num 
_pdbx_validate_torsion.auth_comp_id 
_pdbx_validate_torsion.auth_asym_id 
_pdbx_validate_torsion.auth_seq_id 
_pdbx_validate_torsion.PDB_ins_code 
_pdbx_validate_torsion.label_alt_id 
_pdbx_validate_torsion.phi 
_pdbx_validate_torsion.psi 
1 1 ASP A 10 ? ? 83.34 -8.30  
2 1 HIS A 36 ? ? -1.17 -78.94 
# 
loop_
_pdbx_struct_special_symmetry.id 
_pdbx_struct_special_symmetry.PDB_model_num 
_pdbx_struct_special_symmetry.auth_asym_id 
_pdbx_struct_special_symmetry.auth_comp_id 
_pdbx_struct_special_symmetry.auth_seq_id 
_pdbx_struct_special_symmetry.PDB_ins_code 
_pdbx_struct_special_symmetry.label_asym_id 
_pdbx_struct_special_symmetry.label_comp_id 
_pdbx_struct_special_symmetry.label_seq_id 
1 1 A HOH 311 ? C HOH . 
2 1 A HOH 332 ? C HOH . 
3 1 A HOH 375 ? C HOH . 
# 
loop_
_space_group_symop.id 
_space_group_symop.operation_xyz 
1 x,y,z        
2 x-y,x,z+1/2  
3 y,-x+y,z+1/2 
4 -y,x-y,z     
5 -x+y,-x,z    
6 -x,-y,z+1/2  
# 
loop_
_pdbx_unobs_or_zero_occ_residues.id 
_pdbx_unobs_or_zero_occ_residues.PDB_model_num 
_pdbx_unobs_or_zero_occ_residues.polymer_flag 
_pdbx_unobs_or_zero_occ_residues.occupancy_flag 
_pdbx_unobs_or_zero_occ_residues.auth_asym_id 
_pdbx_unobs_or_zero_occ_residues.auth_comp_id 
_pdbx_unobs_or_zero_occ_residues.auth_seq_id 
_pdbx_unobs_or_zero_occ_residues.PDB_ins_code 
_pdbx_unobs_or_zero_occ_residues.label_asym_id 
_pdbx_unobs_or_zero_occ_residues.label_comp_id 
_pdbx_unobs_or_zero_occ_residues.label_seq_id 
1  1 Y 1 A LEU 119 ? A LEU 119 
2  1 Y 1 A PRO 120 ? A PRO 120 
3  1 Y 1 A GLN 121 ? A GLN 121 
4  1 Y 1 A PRO 122 ? A PRO 122 
5  1 Y 1 A GLY 123 ? A GLY 123 
6  1 Y 1 A HIS 124 ? A HIS 124 
7  1 Y 1 A GLU 125 ? A GLU 125 
8  1 Y 1 A GLY 126 ? A GLY 126 
9  1 Y 1 A GLU 127 ? A GLU 127 
10 1 Y 1 A TRP 128 ? A TRP 128 
11 1 Y 1 A PHE 129 ? A PHE 129 
12 1 Y 1 A ASP 130 ? A ASP 130 
13 1 Y 1 A ASN 131 ? A ASN 131 
14 1 Y 1 A LEU 132 ? A LEU 132 
15 1 Y 1 A SER 133 ? A SER 133 
16 1 Y 1 A SER 134 ? A SER 134 
17 1 Y 1 A ASP 135 ? A ASP 135 
18 1 Y 1 A GLU 136 ? A GLU 136 
19 1 Y 1 A ARG 137 ? A ARG 137 
20 1 Y 1 A ALA 138 ? A ALA 138 
21 1 Y 1 A PHE 139 ? A PHE 139 
22 1 Y 1 A MET 140 ? A MET 140 
23 1 Y 1 A GLU 141 ? A GLU 141 
24 1 Y 1 A THR 142 ? A THR 142 
25 1 Y 1 A ASN 143 ? A ASN 143 
26 1 Y 1 A VAL 144 ? A VAL 144 
27 1 Y 1 A ASP 145 ? A ASP 145 
28 1 Y 1 A VAL 146 ? A VAL 146 
29 1 Y 1 A SER 147 ? A SER 147 
30 1 Y 1 A ARG 148 ? A ARG 148 
31 1 Y 1 A THR 149 ? A THR 149 
32 1 Y 1 A GLU 150 ? A GLU 150 
33 1 Y 1 A ASN 151 ? A ASN 151 
34 1 Y 1 A LEU 152 ? A LEU 152 
35 1 Y 1 A TYR 153 ? A TYR 153 
36 1 Y 1 A PHE 154 ? A PHE 154 
37 1 Y 1 A GLN 155 ? A GLN 155 
38 1 Y 1 A GLY 156 ? A GLY 156 
39 1 Y 1 A LEU 157 ? A LEU 157 
40 1 Y 1 A GLU 158 ? A GLU 158 
41 1 Y 1 A HIS 159 ? A HIS 159 
42 1 Y 1 A HIS 160 ? A HIS 160 
43 1 Y 1 A HIS 161 ? A HIS 161 
44 1 Y 1 A HIS 162 ? A HIS 162 
45 1 Y 1 A HIS 163 ? A HIS 163 
46 1 Y 1 A HIS 164 ? A HIS 164 
# 
loop_
_chem_comp_atom.comp_id 
_chem_comp_atom.atom_id 
_chem_comp_atom.type_symbol 
_chem_comp_atom.pdbx_aromatic_flag 
_chem_comp_atom.pdbx_stereo_config 
_chem_comp_atom.pdbx_ordinal 
ACT C    C N N 1   
ACT O    O N N 2   
ACT OXT  O N N 3   
ACT CH3  C N N 4   
ACT H1   H N N 5   
ACT H2   H N N 6   
ACT H3   H N N 7   
ALA N    N N N 8   
ALA CA   C N S 9   
ALA C    C N N 10  
ALA O    O N N 11  
ALA CB   C N N 12  
ALA OXT  O N N 13  
ALA H    H N N 14  
ALA H2   H N N 15  
ALA HA   H N N 16  
ALA HB1  H N N 17  
ALA HB2  H N N 18  
ALA HB3  H N N 19  
ALA HXT  H N N 20  
ARG N    N N N 21  
ARG CA   C N S 22  
ARG C    C N N 23  
ARG O    O N N 24  
ARG CB   C N N 25  
ARG CG   C N N 26  
ARG CD   C N N 27  
ARG NE   N N N 28  
ARG CZ   C N N 29  
ARG NH1  N N N 30  
ARG NH2  N N N 31  
ARG OXT  O N N 32  
ARG H    H N N 33  
ARG H2   H N N 34  
ARG HA   H N N 35  
ARG HB2  H N N 36  
ARG HB3  H N N 37  
ARG HG2  H N N 38  
ARG HG3  H N N 39  
ARG HD2  H N N 40  
ARG HD3  H N N 41  
ARG HE   H N N 42  
ARG HH11 H N N 43  
ARG HH12 H N N 44  
ARG HH21 H N N 45  
ARG HH22 H N N 46  
ARG HXT  H N N 47  
ASN N    N N N 48  
ASN CA   C N S 49  
ASN C    C N N 50  
ASN O    O N N 51  
ASN CB   C N N 52  
ASN CG   C N N 53  
ASN OD1  O N N 54  
ASN ND2  N N N 55  
ASN OXT  O N N 56  
ASN H    H N N 57  
ASN H2   H N N 58  
ASN HA   H N N 59  
ASN HB2  H N N 60  
ASN HB3  H N N 61  
ASN HD21 H N N 62  
ASN HD22 H N N 63  
ASN HXT  H N N 64  
ASP N    N N N 65  
ASP CA   C N S 66  
ASP C    C N N 67  
ASP O    O N N 68  
ASP CB   C N N 69  
ASP CG   C N N 70  
ASP OD1  O N N 71  
ASP OD2  O N N 72  
ASP OXT  O N N 73  
ASP H    H N N 74  
ASP H2   H N N 75  
ASP HA   H N N 76  
ASP HB2  H N N 77  
ASP HB3  H N N 78  
ASP HD2  H N N 79  
ASP HXT  H N N 80  
GLN N    N N N 81  
GLN CA   C N S 82  
GLN C    C N N 83  
GLN O    O N N 84  
GLN CB   C N N 85  
GLN CG   C N N 86  
GLN CD   C N N 87  
GLN OE1  O N N 88  
GLN NE2  N N N 89  
GLN OXT  O N N 90  
GLN H    H N N 91  
GLN H2   H N N 92  
GLN HA   H N N 93  
GLN HB2  H N N 94  
GLN HB3  H N N 95  
GLN HG2  H N N 96  
GLN HG3  H N N 97  
GLN HE21 H N N 98  
GLN HE22 H N N 99  
GLN HXT  H N N 100 
GLU N    N N N 101 
GLU CA   C N S 102 
GLU C    C N N 103 
GLU O    O N N 104 
GLU CB   C N N 105 
GLU CG   C N N 106 
GLU CD   C N N 107 
GLU OE1  O N N 108 
GLU OE2  O N N 109 
GLU OXT  O N N 110 
GLU H    H N N 111 
GLU H2   H N N 112 
GLU HA   H N N 113 
GLU HB2  H N N 114 
GLU HB3  H N N 115 
GLU HG2  H N N 116 
GLU HG3  H N N 117 
GLU HE2  H N N 118 
GLU HXT  H N N 119 
GLY N    N N N 120 
GLY CA   C N N 121 
GLY C    C N N 122 
GLY O    O N N 123 
GLY OXT  O N N 124 
GLY H    H N N 125 
GLY H2   H N N 126 
GLY HA2  H N N 127 
GLY HA3  H N N 128 
GLY HXT  H N N 129 
HIS N    N N N 130 
HIS CA   C N S 131 
HIS C    C N N 132 
HIS O    O N N 133 
HIS CB   C N N 134 
HIS CG   C Y N 135 
HIS ND1  N Y N 136 
HIS CD2  C Y N 137 
HIS CE1  C Y N 138 
HIS NE2  N Y N 139 
HIS OXT  O N N 140 
HIS H    H N N 141 
HIS H2   H N N 142 
HIS HA   H N N 143 
HIS HB2  H N N 144 
HIS HB3  H N N 145 
HIS HD1  H N N 146 
HIS HD2  H N N 147 
HIS HE1  H N N 148 
HIS HE2  H N N 149 
HIS HXT  H N N 150 
HOH O    O N N 151 
HOH H1   H N N 152 
HOH H2   H N N 153 
ILE N    N N N 154 
ILE CA   C N S 155 
ILE C    C N N 156 
ILE O    O N N 157 
ILE CB   C N S 158 
ILE CG1  C N N 159 
ILE CG2  C N N 160 
ILE CD1  C N N 161 
ILE OXT  O N N 162 
ILE H    H N N 163 
ILE H2   H N N 164 
ILE HA   H N N 165 
ILE HB   H N N 166 
ILE HG12 H N N 167 
ILE HG13 H N N 168 
ILE HG21 H N N 169 
ILE HG22 H N N 170 
ILE HG23 H N N 171 
ILE HD11 H N N 172 
ILE HD12 H N N 173 
ILE HD13 H N N 174 
ILE HXT  H N N 175 
LEU N    N N N 176 
LEU CA   C N S 177 
LEU C    C N N 178 
LEU O    O N N 179 
LEU CB   C N N 180 
LEU CG   C N N 181 
LEU CD1  C N N 182 
LEU CD2  C N N 183 
LEU OXT  O N N 184 
LEU H    H N N 185 
LEU H2   H N N 186 
LEU HA   H N N 187 
LEU HB2  H N N 188 
LEU HB3  H N N 189 
LEU HG   H N N 190 
LEU HD11 H N N 191 
LEU HD12 H N N 192 
LEU HD13 H N N 193 
LEU HD21 H N N 194 
LEU HD22 H N N 195 
LEU HD23 H N N 196 
LEU HXT  H N N 197 
LYS N    N N N 198 
LYS CA   C N S 199 
LYS C    C N N 200 
LYS O    O N N 201 
LYS CB   C N N 202 
LYS CG   C N N 203 
LYS CD   C N N 204 
LYS CE   C N N 205 
LYS NZ   N N N 206 
LYS OXT  O N N 207 
LYS H    H N N 208 
LYS H2   H N N 209 
LYS HA   H N N 210 
LYS HB2  H N N 211 
LYS HB3  H N N 212 
LYS HG2  H N N 213 
LYS HG3  H N N 214 
LYS HD2  H N N 215 
LYS HD3  H N N 216 
LYS HE2  H N N 217 
LYS HE3  H N N 218 
LYS HZ1  H N N 219 
LYS HZ2  H N N 220 
LYS HZ3  H N N 221 
LYS HXT  H N N 222 
MET N    N N N 223 
MET CA   C N S 224 
MET C    C N N 225 
MET O    O N N 226 
MET CB   C N N 227 
MET CG   C N N 228 
MET SD   S N N 229 
MET CE   C N N 230 
MET OXT  O N N 231 
MET H    H N N 232 
MET H2   H N N 233 
MET HA   H N N 234 
MET HB2  H N N 235 
MET HB3  H N N 236 
MET HG2  H N N 237 
MET HG3  H N N 238 
MET HE1  H N N 239 
MET HE2  H N N 240 
MET HE3  H N N 241 
MET HXT  H N N 242 
PHE N    N N N 243 
PHE CA   C N S 244 
PHE C    C N N 245 
PHE O    O N N 246 
PHE CB   C N N 247 
PHE CG   C Y N 248 
PHE CD1  C Y N 249 
PHE CD2  C Y N 250 
PHE CE1  C Y N 251 
PHE CE2  C Y N 252 
PHE CZ   C Y N 253 
PHE OXT  O N N 254 
PHE H    H N N 255 
PHE H2   H N N 256 
PHE HA   H N N 257 
PHE HB2  H N N 258 
PHE HB3  H N N 259 
PHE HD1  H N N 260 
PHE HD2  H N N 261 
PHE HE1  H N N 262 
PHE HE2  H N N 263 
PHE HZ   H N N 264 
PHE HXT  H N N 265 
PRO N    N N N 266 
PRO CA   C N S 267 
PRO C    C N N 268 
PRO O    O N N 269 
PRO CB   C N N 270 
PRO CG   C N N 271 
PRO CD   C N N 272 
PRO OXT  O N N 273 
PRO H    H N N 274 
PRO HA   H N N 275 
PRO HB2  H N N 276 
PRO HB3  H N N 277 
PRO HG2  H N N 278 
PRO HG3  H N N 279 
PRO HD2  H N N 280 
PRO HD3  H N N 281 
PRO HXT  H N N 282 
SER N    N N N 283 
SER CA   C N S 284 
SER C    C N N 285 
SER O    O N N 286 
SER CB   C N N 287 
SER OG   O N N 288 
SER OXT  O N N 289 
SER H    H N N 290 
SER H2   H N N 291 
SER HA   H N N 292 
SER HB2  H N N 293 
SER HB3  H N N 294 
SER HG   H N N 295 
SER HXT  H N N 296 
THR N    N N N 297 
THR CA   C N S 298 
THR C    C N N 299 
THR O    O N N 300 
THR CB   C N R 301 
THR OG1  O N N 302 
THR CG2  C N N 303 
THR OXT  O N N 304 
THR H    H N N 305 
THR H2   H N N 306 
THR HA   H N N 307 
THR HB   H N N 308 
THR HG1  H N N 309 
THR HG21 H N N 310 
THR HG22 H N N 311 
THR HG23 H N N 312 
THR HXT  H N N 313 
TRP N    N N N 314 
TRP CA   C N S 315 
TRP C    C N N 316 
TRP O    O N N 317 
TRP CB   C N N 318 
TRP CG   C Y N 319 
TRP CD1  C Y N 320 
TRP CD2  C Y N 321 
TRP NE1  N Y N 322 
TRP CE2  C Y N 323 
TRP CE3  C Y N 324 
TRP CZ2  C Y N 325 
TRP CZ3  C Y N 326 
TRP CH2  C Y N 327 
TRP OXT  O N N 328 
TRP H    H N N 329 
TRP H2   H N N 330 
TRP HA   H N N 331 
TRP HB2  H N N 332 
TRP HB3  H N N 333 
TRP HD1  H N N 334 
TRP HE1  H N N 335 
TRP HE3  H N N 336 
TRP HZ2  H N N 337 
TRP HZ3  H N N 338 
TRP HH2  H N N 339 
TRP HXT  H N N 340 
TYR N    N N N 341 
TYR CA   C N S 342 
TYR C    C N N 343 
TYR O    O N N 344 
TYR CB   C N N 345 
TYR CG   C Y N 346 
TYR CD1  C Y N 347 
TYR CD2  C Y N 348 
TYR CE1  C Y N 349 
TYR CE2  C Y N 350 
TYR CZ   C Y N 351 
TYR OH   O N N 352 
TYR OXT  O N N 353 
TYR H    H N N 354 
TYR H2   H N N 355 
TYR HA   H N N 356 
TYR HB2  H N N 357 
TYR HB3  H N N 358 
TYR HD1  H N N 359 
TYR HD2  H N N 360 
TYR HE1  H N N 361 
TYR HE2  H N N 362 
TYR HH   H N N 363 
TYR HXT  H N N 364 
VAL N    N N N 365 
VAL CA   C N S 366 
VAL C    C N N 367 
VAL O    O N N 368 
VAL CB   C N N 369 
VAL CG1  C N N 370 
VAL CG2  C N N 371 
VAL OXT  O N N 372 
VAL H    H N N 373 
VAL H2   H N N 374 
VAL HA   H N N 375 
VAL HB   H N N 376 
VAL HG11 H N N 377 
VAL HG12 H N N 378 
VAL HG13 H N N 379 
VAL HG21 H N N 380 
VAL HG22 H N N 381 
VAL HG23 H N N 382 
VAL HXT  H N N 383 
# 
loop_
_chem_comp_bond.comp_id 
_chem_comp_bond.atom_id_1 
_chem_comp_bond.atom_id_2 
_chem_comp_bond.value_order 
_chem_comp_bond.pdbx_aromatic_flag 
_chem_comp_bond.pdbx_stereo_config 
_chem_comp_bond.pdbx_ordinal 
ACT C   O    doub N N 1   
ACT C   OXT  sing N N 2   
ACT C   CH3  sing N N 3   
ACT CH3 H1   sing N N 4   
ACT CH3 H2   sing N N 5   
ACT CH3 H3   sing N N 6   
ALA N   CA   sing N N 7   
ALA N   H    sing N N 8   
ALA N   H2   sing N N 9   
ALA CA  C    sing N N 10  
ALA CA  CB   sing N N 11  
ALA CA  HA   sing N N 12  
ALA C   O    doub N N 13  
ALA C   OXT  sing N N 14  
ALA CB  HB1  sing N N 15  
ALA CB  HB2  sing N N 16  
ALA CB  HB3  sing N N 17  
ALA OXT HXT  sing N N 18  
ARG N   CA   sing N N 19  
ARG N   H    sing N N 20  
ARG N   H2   sing N N 21  
ARG CA  C    sing N N 22  
ARG CA  CB   sing N N 23  
ARG CA  HA   sing N N 24  
ARG C   O    doub N N 25  
ARG C   OXT  sing N N 26  
ARG CB  CG   sing N N 27  
ARG CB  HB2  sing N N 28  
ARG CB  HB3  sing N N 29  
ARG CG  CD   sing N N 30  
ARG CG  HG2  sing N N 31  
ARG CG  HG3  sing N N 32  
ARG CD  NE   sing N N 33  
ARG CD  HD2  sing N N 34  
ARG CD  HD3  sing N N 35  
ARG NE  CZ   sing N N 36  
ARG NE  HE   sing N N 37  
ARG CZ  NH1  sing N N 38  
ARG CZ  NH2  doub N N 39  
ARG NH1 HH11 sing N N 40  
ARG NH1 HH12 sing N N 41  
ARG NH2 HH21 sing N N 42  
ARG NH2 HH22 sing N N 43  
ARG OXT HXT  sing N N 44  
ASN N   CA   sing N N 45  
ASN N   H    sing N N 46  
ASN N   H2   sing N N 47  
ASN CA  C    sing N N 48  
ASN CA  CB   sing N N 49  
ASN CA  HA   sing N N 50  
ASN C   O    doub N N 51  
ASN C   OXT  sing N N 52  
ASN CB  CG   sing N N 53  
ASN CB  HB2  sing N N 54  
ASN CB  HB3  sing N N 55  
ASN CG  OD1  doub N N 56  
ASN CG  ND2  sing N N 57  
ASN ND2 HD21 sing N N 58  
ASN ND2 HD22 sing N N 59  
ASN OXT HXT  sing N N 60  
ASP N   CA   sing N N 61  
ASP N   H    sing N N 62  
ASP N   H2   sing N N 63  
ASP CA  C    sing N N 64  
ASP CA  CB   sing N N 65  
ASP CA  HA   sing N N 66  
ASP C   O    doub N N 67  
ASP C   OXT  sing N N 68  
ASP CB  CG   sing N N 69  
ASP CB  HB2  sing N N 70  
ASP CB  HB3  sing N N 71  
ASP CG  OD1  doub N N 72  
ASP CG  OD2  sing N N 73  
ASP OD2 HD2  sing N N 74  
ASP OXT HXT  sing N N 75  
GLN N   CA   sing N N 76  
GLN N   H    sing N N 77  
GLN N   H2   sing N N 78  
GLN CA  C    sing N N 79  
GLN CA  CB   sing N N 80  
GLN CA  HA   sing N N 81  
GLN C   O    doub N N 82  
GLN C   OXT  sing N N 83  
GLN CB  CG   sing N N 84  
GLN CB  HB2  sing N N 85  
GLN CB  HB3  sing N N 86  
GLN CG  CD   sing N N 87  
GLN CG  HG2  sing N N 88  
GLN CG  HG3  sing N N 89  
GLN CD  OE1  doub N N 90  
GLN CD  NE2  sing N N 91  
GLN NE2 HE21 sing N N 92  
GLN NE2 HE22 sing N N 93  
GLN OXT HXT  sing N N 94  
GLU N   CA   sing N N 95  
GLU N   H    sing N N 96  
GLU N   H2   sing N N 97  
GLU CA  C    sing N N 98  
GLU CA  CB   sing N N 99  
GLU CA  HA   sing N N 100 
GLU C   O    doub N N 101 
GLU C   OXT  sing N N 102 
GLU CB  CG   sing N N 103 
GLU CB  HB2  sing N N 104 
GLU CB  HB3  sing N N 105 
GLU CG  CD   sing N N 106 
GLU CG  HG2  sing N N 107 
GLU CG  HG3  sing N N 108 
GLU CD  OE1  doub N N 109 
GLU CD  OE2  sing N N 110 
GLU OE2 HE2  sing N N 111 
GLU OXT HXT  sing N N 112 
GLY N   CA   sing N N 113 
GLY N   H    sing N N 114 
GLY N   H2   sing N N 115 
GLY CA  C    sing N N 116 
GLY CA  HA2  sing N N 117 
GLY CA  HA3  sing N N 118 
GLY C   O    doub N N 119 
GLY C   OXT  sing N N 120 
GLY OXT HXT  sing N N 121 
HIS N   CA   sing N N 122 
HIS N   H    sing N N 123 
HIS N   H2   sing N N 124 
HIS CA  C    sing N N 125 
HIS CA  CB   sing N N 126 
HIS CA  HA   sing N N 127 
HIS C   O    doub N N 128 
HIS C   OXT  sing N N 129 
HIS CB  CG   sing N N 130 
HIS CB  HB2  sing N N 131 
HIS CB  HB3  sing N N 132 
HIS CG  ND1  sing Y N 133 
HIS CG  CD2  doub Y N 134 
HIS ND1 CE1  doub Y N 135 
HIS ND1 HD1  sing N N 136 
HIS CD2 NE2  sing Y N 137 
HIS CD2 HD2  sing N N 138 
HIS CE1 NE2  sing Y N 139 
HIS CE1 HE1  sing N N 140 
HIS NE2 HE2  sing N N 141 
HIS OXT HXT  sing N N 142 
HOH O   H1   sing N N 143 
HOH O   H2   sing N N 144 
ILE N   CA   sing N N 145 
ILE N   H    sing N N 146 
ILE N   H2   sing N N 147 
ILE CA  C    sing N N 148 
ILE CA  CB   sing N N 149 
ILE CA  HA   sing N N 150 
ILE C   O    doub N N 151 
ILE C   OXT  sing N N 152 
ILE CB  CG1  sing N N 153 
ILE CB  CG2  sing N N 154 
ILE CB  HB   sing N N 155 
ILE CG1 CD1  sing N N 156 
ILE CG1 HG12 sing N N 157 
ILE CG1 HG13 sing N N 158 
ILE CG2 HG21 sing N N 159 
ILE CG2 HG22 sing N N 160 
ILE CG2 HG23 sing N N 161 
ILE CD1 HD11 sing N N 162 
ILE CD1 HD12 sing N N 163 
ILE CD1 HD13 sing N N 164 
ILE OXT HXT  sing N N 165 
LEU N   CA   sing N N 166 
LEU N   H    sing N N 167 
LEU N   H2   sing N N 168 
LEU CA  C    sing N N 169 
LEU CA  CB   sing N N 170 
LEU CA  HA   sing N N 171 
LEU C   O    doub N N 172 
LEU C   OXT  sing N N 173 
LEU CB  CG   sing N N 174 
LEU CB  HB2  sing N N 175 
LEU CB  HB3  sing N N 176 
LEU CG  CD1  sing N N 177 
LEU CG  CD2  sing N N 178 
LEU CG  HG   sing N N 179 
LEU CD1 HD11 sing N N 180 
LEU CD1 HD12 sing N N 181 
LEU CD1 HD13 sing N N 182 
LEU CD2 HD21 sing N N 183 
LEU CD2 HD22 sing N N 184 
LEU CD2 HD23 sing N N 185 
LEU OXT HXT  sing N N 186 
LYS N   CA   sing N N 187 
LYS N   H    sing N N 188 
LYS N   H2   sing N N 189 
LYS CA  C    sing N N 190 
LYS CA  CB   sing N N 191 
LYS CA  HA   sing N N 192 
LYS C   O    doub N N 193 
LYS C   OXT  sing N N 194 
LYS CB  CG   sing N N 195 
LYS CB  HB2  sing N N 196 
LYS CB  HB3  sing N N 197 
LYS CG  CD   sing N N 198 
LYS CG  HG2  sing N N 199 
LYS CG  HG3  sing N N 200 
LYS CD  CE   sing N N 201 
LYS CD  HD2  sing N N 202 
LYS CD  HD3  sing N N 203 
LYS CE  NZ   sing N N 204 
LYS CE  HE2  sing N N 205 
LYS CE  HE3  sing N N 206 
LYS NZ  HZ1  sing N N 207 
LYS NZ  HZ2  sing N N 208 
LYS NZ  HZ3  sing N N 209 
LYS OXT HXT  sing N N 210 
MET N   CA   sing N N 211 
MET N   H    sing N N 212 
MET N   H2   sing N N 213 
MET CA  C    sing N N 214 
MET CA  CB   sing N N 215 
MET CA  HA   sing N N 216 
MET C   O    doub N N 217 
MET C   OXT  sing N N 218 
MET CB  CG   sing N N 219 
MET CB  HB2  sing N N 220 
MET CB  HB3  sing N N 221 
MET CG  SD   sing N N 222 
MET CG  HG2  sing N N 223 
MET CG  HG3  sing N N 224 
MET SD  CE   sing N N 225 
MET CE  HE1  sing N N 226 
MET CE  HE2  sing N N 227 
MET CE  HE3  sing N N 228 
MET OXT HXT  sing N N 229 
PHE N   CA   sing N N 230 
PHE N   H    sing N N 231 
PHE N   H2   sing N N 232 
PHE CA  C    sing N N 233 
PHE CA  CB   sing N N 234 
PHE CA  HA   sing N N 235 
PHE C   O    doub N N 236 
PHE C   OXT  sing N N 237 
PHE CB  CG   sing N N 238 
PHE CB  HB2  sing N N 239 
PHE CB  HB3  sing N N 240 
PHE CG  CD1  doub Y N 241 
PHE CG  CD2  sing Y N 242 
PHE CD1 CE1  sing Y N 243 
PHE CD1 HD1  sing N N 244 
PHE CD2 CE2  doub Y N 245 
PHE CD2 HD2  sing N N 246 
PHE CE1 CZ   doub Y N 247 
PHE CE1 HE1  sing N N 248 
PHE CE2 CZ   sing Y N 249 
PHE CE2 HE2  sing N N 250 
PHE CZ  HZ   sing N N 251 
PHE OXT HXT  sing N N 252 
PRO N   CA   sing N N 253 
PRO N   CD   sing N N 254 
PRO N   H    sing N N 255 
PRO CA  C    sing N N 256 
PRO CA  CB   sing N N 257 
PRO CA  HA   sing N N 258 
PRO C   O    doub N N 259 
PRO C   OXT  sing N N 260 
PRO CB  CG   sing N N 261 
PRO CB  HB2  sing N N 262 
PRO CB  HB3  sing N N 263 
PRO CG  CD   sing N N 264 
PRO CG  HG2  sing N N 265 
PRO CG  HG3  sing N N 266 
PRO CD  HD2  sing N N 267 
PRO CD  HD3  sing N N 268 
PRO OXT HXT  sing N N 269 
SER N   CA   sing N N 270 
SER N   H    sing N N 271 
SER N   H2   sing N N 272 
SER CA  C    sing N N 273 
SER CA  CB   sing N N 274 
SER CA  HA   sing N N 275 
SER C   O    doub N N 276 
SER C   OXT  sing N N 277 
SER CB  OG   sing N N 278 
SER CB  HB2  sing N N 279 
SER CB  HB3  sing N N 280 
SER OG  HG   sing N N 281 
SER OXT HXT  sing N N 282 
THR N   CA   sing N N 283 
THR N   H    sing N N 284 
THR N   H2   sing N N 285 
THR CA  C    sing N N 286 
THR CA  CB   sing N N 287 
THR CA  HA   sing N N 288 
THR C   O    doub N N 289 
THR C   OXT  sing N N 290 
THR CB  OG1  sing N N 291 
THR CB  CG2  sing N N 292 
THR CB  HB   sing N N 293 
THR OG1 HG1  sing N N 294 
THR CG2 HG21 sing N N 295 
THR CG2 HG22 sing N N 296 
THR CG2 HG23 sing N N 297 
THR OXT HXT  sing N N 298 
TRP N   CA   sing N N 299 
TRP N   H    sing N N 300 
TRP N   H2   sing N N 301 
TRP CA  C    sing N N 302 
TRP CA  CB   sing N N 303 
TRP CA  HA   sing N N 304 
TRP C   O    doub N N 305 
TRP C   OXT  sing N N 306 
TRP CB  CG   sing N N 307 
TRP CB  HB2  sing N N 308 
TRP CB  HB3  sing N N 309 
TRP CG  CD1  doub Y N 310 
TRP CG  CD2  sing Y N 311 
TRP CD1 NE1  sing Y N 312 
TRP CD1 HD1  sing N N 313 
TRP CD2 CE2  doub Y N 314 
TRP CD2 CE3  sing Y N 315 
TRP NE1 CE2  sing Y N 316 
TRP NE1 HE1  sing N N 317 
TRP CE2 CZ2  sing Y N 318 
TRP CE3 CZ3  doub Y N 319 
TRP CE3 HE3  sing N N 320 
TRP CZ2 CH2  doub Y N 321 
TRP CZ2 HZ2  sing N N 322 
TRP CZ3 CH2  sing Y N 323 
TRP CZ3 HZ3  sing N N 324 
TRP CH2 HH2  sing N N 325 
TRP OXT HXT  sing N N 326 
TYR N   CA   sing N N 327 
TYR N   H    sing N N 328 
TYR N   H2   sing N N 329 
TYR CA  C    sing N N 330 
TYR CA  CB   sing N N 331 
TYR CA  HA   sing N N 332 
TYR C   O    doub N N 333 
TYR C   OXT  sing N N 334 
TYR CB  CG   sing N N 335 
TYR CB  HB2  sing N N 336 
TYR CB  HB3  sing N N 337 
TYR CG  CD1  doub Y N 338 
TYR CG  CD2  sing Y N 339 
TYR CD1 CE1  sing Y N 340 
TYR CD1 HD1  sing N N 341 
TYR CD2 CE2  doub Y N 342 
TYR CD2 HD2  sing N N 343 
TYR CE1 CZ   doub Y N 344 
TYR CE1 HE1  sing N N 345 
TYR CE2 CZ   sing Y N 346 
TYR CE2 HE2  sing N N 347 
TYR CZ  OH   sing N N 348 
TYR OH  HH   sing N N 349 
TYR OXT HXT  sing N N 350 
VAL N   CA   sing N N 351 
VAL N   H    sing N N 352 
VAL N   H2   sing N N 353 
VAL CA  C    sing N N 354 
VAL CA  CB   sing N N 355 
VAL CA  HA   sing N N 356 
VAL C   O    doub N N 357 
VAL C   OXT  sing N N 358 
VAL CB  CG1  sing N N 359 
VAL CB  CG2  sing N N 360 
VAL CB  HB   sing N N 361 
VAL CG1 HG11 sing N N 362 
VAL CG1 HG12 sing N N 363 
VAL CG1 HG13 sing N N 364 
VAL CG2 HG21 sing N N 365 
VAL CG2 HG22 sing N N 366 
VAL CG2 HG23 sing N N 367 
VAL OXT HXT  sing N N 368 
# 
_pdbx_audit_support.funding_organization   'Not funded' 
_pdbx_audit_support.country                ? 
_pdbx_audit_support.grant_number           ? 
_pdbx_audit_support.ordinal                1 
# 
_pdbx_initial_refinement_model.id               1 
_pdbx_initial_refinement_model.entity_id_list   ? 
_pdbx_initial_refinement_model.type             'experimental model' 
_pdbx_initial_refinement_model.source_name      PDB 
_pdbx_initial_refinement_model.accession_code   3MF8 
_pdbx_initial_refinement_model.details          ? 
# 
_space_group.name_H-M_alt     'P 63' 
_space_group.name_Hall        'P 6c' 
_space_group.IT_number        173 
_space_group.crystal_system   hexagonal 
_space_group.id               1 
# 
_atom_sites.entry_id                    9NFH 
_atom_sites.Cartn_transf_matrix[1][1]   ? 
_atom_sites.Cartn_transf_matrix[1][2]   ? 
_atom_sites.Cartn_transf_matrix[1][3]   ? 
_atom_sites.Cartn_transf_matrix[2][1]   ? 
_atom_sites.Cartn_transf_matrix[2][2]   ? 
_atom_sites.Cartn_transf_matrix[2][3]   ? 
_atom_sites.Cartn_transf_matrix[3][1]   ? 
_atom_sites.Cartn_transf_matrix[3][2]   ? 
_atom_sites.Cartn_transf_matrix[3][3]   ? 
_atom_sites.Cartn_transf_vector[1]      ? 
_atom_sites.Cartn_transf_vector[2]      ? 
_atom_sites.Cartn_transf_vector[3]      ? 
_atom_sites.Cartn_transform_axes        ? 
_atom_sites.fract_transf_matrix[1][1]   -0.01146608 
_atom_sites.fract_transf_matrix[1][2]   -0.00705001 
_atom_sites.fract_transf_matrix[1][3]   -0.01377124 
_atom_sites.fract_transf_matrix[2][1]   -0.01032607 
_atom_sites.fract_transf_matrix[2][2]   0.01197182 
_atom_sites.fract_transf_matrix[2][3]   -0.01099453 
_atom_sites.fract_transf_matrix[3][1]   0.01288689 
_atom_sites.fract_transf_matrix[3][2]   0.00085807 
_atom_sites.fract_transf_matrix[3][3]   -0.01116903 
_atom_sites.fract_transf_vector[1]      0.325166 
_atom_sites.fract_transf_vector[2]      -0.139744 
_atom_sites.fract_transf_vector[3]      -0.225987 
_atom_sites.solution_primary            ? 
_atom_sites.solution_secondary          ? 
_atom_sites.solution_hydrogens          ? 
_atom_sites.special_details             ? 
# 
loop_
_atom_type.symbol 
_atom_type.scat_dispersion_real 
_atom_type.scat_dispersion_imag 
_atom_type.scat_Cromer_Mann_a1 
_atom_type.scat_Cromer_Mann_a2 
_atom_type.scat_Cromer_Mann_a3 
_atom_type.scat_Cromer_Mann_a4 
_atom_type.scat_Cromer_Mann_b1 
_atom_type.scat_Cromer_Mann_b2 
_atom_type.scat_Cromer_Mann_b3 
_atom_type.scat_Cromer_Mann_b4 
_atom_type.scat_Cromer_Mann_c 
_atom_type.scat_source 
_atom_type.scat_dispersion_source 
C ? ? 3.54356 2.42580 ? ? 25.62398 1.50364  ? ? 0.0 
;2-Gaussian fit: Grosse-Kunstleve RW, Sauter NK, Adams PD: Newsletter of the IUCr Commission on Crystallographic Computing 2004, 3, 22-31.
;
? 
N ? ? 4.01032 2.96436 ? ? 19.97189 1.75589  ? ? 0.0 
;2-Gaussian fit: Grosse-Kunstleve RW, Sauter NK, Adams PD: Newsletter of the IUCr Commission on Crystallographic Computing 2004, 3, 22-31.
;
? 
O ? ? 4.49882 3.47563 ? ? 15.80542 1.70748  ? ? 0.0 
;2-Gaussian fit: Grosse-Kunstleve RW, Sauter NK, Adams PD: Newsletter of the IUCr Commission on Crystallographic Computing 2004, 3, 22-31.
;
? 
S ? ? 9.55732 6.39887 ? ? 1.23737  29.19336 ? ? 0.0 
;2-Gaussian fit: Grosse-Kunstleve RW, Sauter NK, Adams PD: Newsletter of the IUCr Commission on Crystallographic Computing 2004, 3, 22-31.
;
? 
# 
loop_
_atom_site.group_PDB 
_atom_site.id 
_atom_site.type_symbol 
_atom_site.label_atom_id 
_atom_site.label_alt_id 
_atom_site.label_comp_id 
_atom_site.label_asym_id 
_atom_site.label_entity_id 
_atom_site.label_seq_id 
_atom_site.pdbx_PDB_ins_code 
_atom_site.Cartn_x 
_atom_site.Cartn_y 
_atom_site.Cartn_z 
_atom_site.occupancy 
_atom_site.B_iso_or_equiv 
_atom_site.pdbx_formal_charge 
_atom_site.auth_seq_id 
_atom_site.auth_comp_id 
_atom_site.auth_asym_id 
_atom_site.auth_atom_id 
_atom_site.pdbx_PDB_model_num 
ATOM   1    N N   . PRO A 1 1   ? -1.40339  -4.72138  -10.06432 1.000 18.84632 ? 1   PRO A N   1 
ATOM   2    C CA  . PRO A 1 1   ? -0.59141  -4.97090  -8.86607  1.000 14.94914 ? 1   PRO A CA  1 
ATOM   3    C C   . PRO A 1 1   ? -1.45395  -5.33764  -7.68123  1.000 14.69880 ? 1   PRO A C   1 
ATOM   4    O O   . PRO A 1 1   ? -2.69642  -5.20042  -7.70643  1.000 13.58260 ? 1   PRO A O   1 
ATOM   5    C CB  . PRO A 1 1   ? 0.06568   -3.62356  -8.61017  1.000 16.65828 ? 1   PRO A CB  1 
ATOM   6    C CG  . PRO A 1 1   ? -0.92721  -2.63791  -9.15579  1.000 17.74932 ? 1   PRO A CG  1 
ATOM   7    C CD  . PRO A 1 1   ? -1.45592  -3.28803  -10.39040 1.000 16.90442 ? 1   PRO A CD  1 
ATOM   8    N N   . VAL A 1 2   ? -0.81108  -5.82570  -6.62860  1.000 12.69485 ? 2   VAL A N   1 
ATOM   9    C CA  . VAL A 1 2   ? -1.50477  -6.07288  -5.36403  1.000 13.14296 ? 2   VAL A CA  1 
ATOM   10   C C   . VAL A 1 2   ? -0.79549  -5.29028  -4.27076  1.000 12.32154 ? 2   VAL A C   1 
ATOM   11   O O   . VAL A 1 2   ? 0.41604   -5.43750  -4.09118  1.000 13.12460 ? 2   VAL A O   1 
ATOM   12   C CB  . VAL A 1 2   ? -1.57708  -7.57323  -5.01055  1.000 12.85187 ? 2   VAL A CB  1 
ATOM   13   C CG1 . VAL A 1 2   ? -2.21301  -7.75273  -3.63787  1.000 16.16877 ? 2   VAL A CG1 1 
ATOM   14   C CG2 . VAL A 1 2   ? -2.38918  -8.33207  -6.03571  1.000 14.63265 ? 2   VAL A CG2 1 
ATOM   15   N N   . TYR A 1 3   ? -1.53158  -4.46292  -3.54942  1.000 11.05935 ? 3   TYR A N   1 
ATOM   16   C CA  . TYR A 1 3   ? -1.00309  -3.74179  -2.40094  1.000 10.74992 ? 3   TYR A CA  1 
ATOM   17   C C   . TYR A 1 3   ? -1.58993  -4.37497  -1.15262  1.000 11.14902 ? 3   TYR A C   1 
ATOM   18   O O   . TYR A 1 3   ? -2.80488  -4.28033  -0.91418  1.000 12.25481 ? 3   TYR A O   1 
ATOM   19   C CB  . TYR A 1 3   ? -1.36907  -2.26711  -2.49276  1.000 13.42195 ? 3   TYR A CB  1 
ATOM   20   C CG  . TYR A 1 3   ? -0.59255  -1.51848  -3.53363  1.000 12.89652 ? 3   TYR A CG  1 
ATOM   21   C CD1 . TYR A 1 3   ? 0.62416   -0.92999  -3.22768  1.000 13.53243 ? 3   TYR A CD1 1 
ATOM   22   C CD2 . TYR A 1 3   ? -1.07330  -1.38991  -4.82423  1.000 14.23378 ? 3   TYR A CD2 1 
ATOM   23   C CE1 . TYR A 1 3   ? 1.32529   -0.22796  -4.16196  1.000 14.11155 ? 3   TYR A CE1 1 
ATOM   24   C CE2 . TYR A 1 3   ? -0.34880  -0.69466  -5.78538  1.000 13.32641 ? 3   TYR A CE2 1 
ATOM   25   C CZ  . TYR A 1 3   ? 0.85316   -0.12879  -5.43880  1.000 13.86056 ? 3   TYR A CZ  1 
ATOM   26   O OH  . TYR A 1 3   ? 1.60422   0.59672   -6.34432  1.000 15.81703 ? 3   TYR A OH  1 
ATOM   27   N N   . MET A 1 4   ? -0.74694  -5.05940  -0.38949  1.000 11.44573 ? 4   MET A N   1 
ATOM   28   C CA  . MET A 1 4   ? -1.14502  -5.59890  0.90273   1.000 11.07559 ? 4   MET A CA  1 
ATOM   29   C C   . MET A 1 4   ? -0.93286  -4.49523  1.93376   1.000 11.80966 ? 4   MET A C   1 
ATOM   30   O O   . MET A 1 4   ? 0.17756   -3.95332  2.03500   1.000 13.75191 ? 4   MET A O   1 
ATOM   31   C CB  . MET A 1 4   ? -0.23385  -6.78261  1.23693   1.000 13.11184 ? 4   MET A CB  1 
ATOM   32   C CG  . MET A 1 4   ? -0.25435  -7.94521  0.22396   1.000 15.87182 ? 4   MET A CG  1 
ATOM   33   S SD  . MET A 1 4   ? -1.85504  -8.60799  -0.20821  1.000 16.13879 ? 4   MET A SD  1 
ATOM   34   C CE  . MET A 1 4   ? -2.38418  -9.11923  1.40874   1.000 15.83399 ? 4   MET A CE  1 
ATOM   35   N N   . VAL A 1 5   ? -1.97545  -4.11874  2.65992   1.000 11.42758 ? 5   VAL A N   1 
ATOM   36   C CA  . VAL A 1 5   ? -1.88656  -2.98678  3.57395   1.000 11.27477 ? 5   VAL A CA  1 
ATOM   37   C C   . VAL A 1 5   ? -2.11609  -3.49724  4.98942   1.000 11.67303 ? 5   VAL A C   1 
ATOM   38   O O   . VAL A 1 5   ? -3.22768  -3.91791  5.33644   1.000 12.62891 ? 5   VAL A O   1 
ATOM   39   C CB  . VAL A 1 5   ? -2.84989  -1.85932  3.18914   1.000 12.75941 ? 5   VAL A CB  1 
ATOM   40   C CG1 . VAL A 1 5   ? -2.70040  -0.68413  4.13646   1.000 13.48811 ? 5   VAL A CG1 1 
ATOM   41   C CG2 . VAL A 1 5   ? -2.63644  -1.43884  1.72589   1.000 13.32948 ? 5   VAL A CG2 1 
ATOM   42   N N   . TYR A 1 6   ? -1.06790  -3.47765  5.80738   1.000 11.02084 ? 6   TYR A N   1 
ATOM   43   C CA  . TYR A 1 6   ? -1.09755  -4.05947  7.14339   1.000 11.24475 ? 6   TYR A CA  1 
ATOM   44   C C   . TYR A 1 6   ? -1.37395  -2.96916  8.15920   1.000 11.61552 ? 6   TYR A C   1 
ATOM   45   O O   . TYR A 1 6   ? -0.57006  -2.02543  8.29788   1.000 12.12465 ? 6   TYR A O   1 
ATOM   46   C CB  . TYR A 1 6   ? 0.22345   -4.75992  7.44976   1.000 12.37635 ? 6   TYR A CB  1 
ATOM   47   C CG  . TYR A 1 6   ? 0.50364   -5.87305  6.48140   1.000 11.51380 ? 6   TYR A CG  1 
ATOM   48   C CD1 . TYR A 1 6   ? -0.01533  -7.14510  6.68919   1.000 12.61337 ? 6   TYR A CD1 1 
ATOM   49   C CD2 . TYR A 1 6   ? 1.25737   -5.64904  5.33689   1.000 11.50161 ? 6   TYR A CD2 1 
ATOM   50   C CE1 . TYR A 1 6   ? 0.22598   -8.17791  5.79060   1.000 12.15260 ? 6   TYR A CE1 1 
ATOM   51   C CE2 . TYR A 1 6   ? 1.50875   -6.66723  4.44206   1.000 12.90701 ? 6   TYR A CE2 1 
ATOM   52   C CZ  . TYR A 1 6   ? 0.99156   -7.92732  4.67539   1.000 11.74634 ? 6   TYR A CZ  1 
ATOM   53   O OH  . TYR A 1 6   ? 1.23521   -8.92154  3.77304   1.000 14.38947 ? 6   TYR A OH  1 
ATOM   54   N N   . VAL A 1 7   ? -2.51102  -3.10441  8.84880   1.000 11.17665 ? 7   VAL A N   1 
ATOM   55   C CA  . VAL A 1 7   ? -2.98899  -2.09054  9.77294   1.000 12.79360 ? 7   VAL A CA  1 
ATOM   56   C C   . VAL A 1 7   ? -3.52638  -2.76544  11.02630  1.000 13.19454 ? 7   VAL A C   1 
ATOM   57   O O   . VAL A 1 7   ? -3.82381  -3.96340  11.04694  1.000 14.12783 ? 7   VAL A O   1 
ATOM   58   C CB  . VAL A 1 7   ? -4.09430  -1.20460  9.15281   1.000 13.81916 ? 7   VAL A CB  1 
ATOM   59   C CG1 . VAL A 1 7   ? -3.53866  -0.40009  7.97982   1.000 16.37723 ? 7   VAL A CG1 1 
ATOM   60   C CG2 . VAL A 1 7   ? -5.27118  -2.05123  8.70187   1.000 17.04244 ? 7   VAL A CG2 1 
ATOM   61   N N   . SER A 1 8   ? -3.70354  -1.96085  12.06406  1.000 13.57143 ? 8   SER A N   1 
ATOM   62   C CA  . SER A 1 8   ? -4.26675  -2.44482  13.30813  1.000 13.68440 ? 8   SER A CA  1 
ATOM   63   C C   . SER A 1 8   ? -5.77781  -2.34262  13.24719  1.000 15.75628 ? 8   SER A C   1 
ATOM   64   O O   . SER A 1 8   ? -6.32504  -1.39740  12.67475  1.000 15.71741 ? 8   SER A O   1 
ATOM   65   C CB  . SER A 1 8   ? -3.75334  -1.58501  14.45193  1.000 16.77466 ? 8   SER A CB  1 
ATOM   66   O OG  . SER A 1 8   ? -2.38446  -1.86079  14.65244  1.000 16.95256 ? 8   SER A OG  1 
ATOM   67   N N   . GLN A 1 9   ? -6.44529  -3.32294  13.83930  1.000 16.17969 ? 9   GLN A N   1 
ATOM   68   C CA  . GLN A 1 9   ? -7.89839  -3.31479  13.87895  1.000 18.93605 ? 9   GLN A CA  1 
ATOM   69   C C   . GLN A 1 9   ? -8.40108  -2.02347  14.51419  1.000 18.36214 ? 9   GLN A C   1 
ATOM   70   O O   . GLN A 1 9   ? -7.85794  -1.55511  15.51820  1.000 20.28167 ? 9   GLN A O   1 
ATOM   71   C CB  . GLN A 1 9   ? -8.39629  -4.52332  14.66186  1.000 20.37545 ? 9   GLN A CB  1 
ATOM   72   C CG  . GLN A 1 9   ? -9.89561  -4.54766  14.76632  1.000 23.57923 ? 9   GLN A CG  1 
ATOM   73   C CD  . GLN A 1 9   ? -10.49161 -5.24774  13.56417  1.000 26.14567 ? 9   GLN A CD  1 
ATOM   74   O OE1 . GLN A 1 9   ? -9.90280  -6.19186  13.03178  1.000 30.07565 ? 9   GLN A OE1 1 
ATOM   75   N NE2 . GLN A 1 9   ? -11.63027 -4.75298  13.08962  1.000 32.59244 ? 9   GLN A NE2 1 
ATOM   76   N N   . ASP A 1 10  ? -9.38885  -1.40898  13.86989  1.000 21.77664 ? 10  ASP A N   1 
ATOM   77   C CA  . ASP A 1 10  ? -10.09625 -0.20627  14.29331  1.000 23.35006 ? 10  ASP A CA  1 
ATOM   78   C C   . ASP A 1 10  ? -9.36982  1.08718   13.92737  1.000 22.67590 ? 10  ASP A C   1 
ATOM   79   O O   . ASP A 1 10  ? -9.95069  2.16166   14.09267  1.000 23.52312 ? 10  ASP A O   1 
ATOM   80   C CB  . ASP A 1 10  ? -10.47021 -0.18747  15.79023  1.000 28.09723 ? 10  ASP A CB  1 
ATOM   81   C CG  . ASP A 1 10  ? -11.44697 -1.28709  16.16172  1.000 31.06117 ? 10  ASP A CG  1 
ATOM   82   O OD1 . ASP A 1 10  ? -12.02179 -1.91715  15.24757  1.000 34.19680 ? 10  ASP A OD1 1 
ATOM   83   O OD2 . ASP A 1 10  ? -11.61709 -1.53871  17.37335  1.000 39.00295 ? 10  ASP A OD2 1 
ATOM   84   N N   . ARG A 1 11  ? -8.13026  1.04047   13.43224  1.000 19.29219 ? 11  ARG A N   1 
ATOM   85   C CA  . ARG A 1 11  ? -7.47379  2.29115   13.07028  1.000 17.72575 ? 11  ARG A CA  1 
ATOM   86   C C   . ARG A 1 11  ? -8.14466  2.94322   11.86379  1.000 17.46864 ? 11  ARG A C   1 
ATOM   87   O O   . ARG A 1 11  ? -8.25877  4.17202   11.80602  1.000 20.09101 ? 11  ARG A O   1 
ATOM   88   C CB  . ARG A 1 11  ? -5.97074  2.09056   12.84686  1.000 18.74119 ? 11  ARG A CB  1 
ATOM   89   C CG  . ARG A 1 11  ? -5.26553  3.35436   12.31314  1.000 19.23304 ? 11  ARG A CG  1 
ATOM   90   C CD  . ARG A 1 11  ? -5.29690  4.49266   13.34902  1.000 19.20797 ? 11  ARG A CD  1 
ATOM   91   N NE  . ARG A 1 11  ? -4.62146  5.71068   12.90813  1.000 21.75513 ? 11  ARG A NE  1 
ATOM   92   C CZ  . ARG A 1 11  ? -5.11151  6.56407   12.01749  1.000 22.98725 ? 11  ARG A CZ  1 
ATOM   93   N NH1 . ARG A 1 11  ? -6.26412  6.33982   11.40431  1.000 23.26120 ? 11  ARG A NH1 1 
ATOM   94   N NH2 . ARG A 1 11  ? -4.43788  7.68019   11.74916  1.000 26.13102 ? 11  ARG A NH2 1 
ATOM   95   N N   . LEU A 1 12  ? -8.60713  2.14304   10.90642  1.000 18.62887 ? 12  LEU A N   1 
ATOM   96   C CA  . LEU A 1 12  ? -9.27194  2.64309   9.70545   1.000 18.99843 ? 12  LEU A CA  1 
ATOM   97   C C   . LEU A 1 12  ? -10.73296 2.22011   9.72001   1.000 18.03649 ? 12  LEU A C   1 
ATOM   98   O O   . LEU A 1 12  ? -11.03855 1.02442   9.71002   1.000 18.21646 ? 12  LEU A O   1 
ATOM   99   C CB  . LEU A 1 12  ? -8.60283  2.07923   8.45770   1.000 18.20638 ? 12  LEU A CB  1 
ATOM   100  C CG  . LEU A 1 12  ? -7.14404  2.45805   8.23906   1.000 16.77406 ? 12  LEU A CG  1 
ATOM   101  C CD1 . LEU A 1 12  ? -6.68154  1.80996   6.94586   1.000 19.52277 ? 12  LEU A CD1 1 
ATOM   102  C CD2 . LEU A 1 12  ? -6.90195  3.96340   8.18859   1.000 18.12012 ? 12  LEU A CD2 1 
ATOM   103  N N   . THR A 1 13  ? -11.63071 3.19852   9.72108   1.000 16.25382 ? 13  THR A N   1 
ATOM   104  C CA  . THR A 1 13  ? -13.04403 2.93792   9.52640   1.000 16.92836 ? 13  THR A CA  1 
ATOM   105  C C   . THR A 1 13  ? -13.26296 2.47274   8.09458   1.000 17.43961 ? 13  THR A C   1 
ATOM   106  O O   . THR A 1 13  ? -12.37269 2.60098   7.25159   1.000 16.16582 ? 13  THR A O   1 
ATOM   107  C CB  . THR A 1 13  ? -13.83038 4.23412   9.69812   1.000 20.65975 ? 13  THR A CB  1 
ATOM   108  O OG1 . THR A 1 13  ? -13.34210 5.20365   8.76299   1.000 19.12222 ? 13  THR A OG1 1 
ATOM   109  C CG2 . THR A 1 13  ? -13.68069 4.77958   11.10659  1.000 22.02388 ? 13  THR A CG2 1 
ATOM   110  N N   . PRO A 1 14  ? -14.44988 1.94502   7.77124   1.000 16.13325 ? 14  PRO A N   1 
ATOM   111  C CA  . PRO A 1 14  ? -14.70964 1.59169   6.36329   1.000 18.34145 ? 14  PRO A CA  1 
ATOM   112  C C   . PRO A 1 14  ? -14.52875 2.76009   5.41004   1.000 19.61737 ? 14  PRO A C   1 
ATOM   113  O O   . PRO A 1 14  ? -13.96229 2.58295   4.32432   1.000 16.74414 ? 14  PRO A O   1 
ATOM   114  C CB  . PRO A 1 14  ? -16.15200 1.06279   6.37805   1.000 20.56189 ? 14  PRO A CB  1 
ATOM   115  C CG  . PRO A 1 14  ? -16.43364 0.69421   7.77892   1.000 21.73057 ? 14  PRO A CG  1 
ATOM   116  C CD  . PRO A 1 14  ? -15.44100 1.34955   8.68877   1.000 19.76353 ? 14  PRO A CD  1 
ATOM   117  N N   . SER A 1 15  ? -14.96197 3.96073   5.79818   1.000 16.95669 ? 15  SER A N   1 
ATOM   118  C CA  . SER A 1 15  ? -14.73521 5.13419   4.96219   1.000 17.12564 ? 15  SER A CA  1 
ATOM   119  C C   . SER A 1 15  ? -13.24972 5.37714   4.76704   1.000 16.53971 ? 15  SER A C   1 
ATOM   120  O O   . SER A 1 15  ? -12.80300 5.70376   3.65894   1.000 15.74854 ? 15  SER A O   1 
ATOM   121  C CB  . SER A 1 15  ? -15.36802 6.36709   5.60850   1.000 21.14510 ? 15  SER A CB  1 
ATOM   122  O OG  . SER A 1 15  ? -16.78069 6.27367   5.62535   1.000 27.91835 ? 15  SER A OG  1 
ATOM   123  N N   . ALA A 1 16  ? -12.46641 5.22311   5.83574   1.000 15.72737 ? 16  ALA A N   1 
ATOM   124  C CA  . ALA A 1 16  ? -11.03399 5.46501   5.72620   1.000 15.59607 ? 16  ALA A CA  1 
ATOM   125  C C   . ALA A 1 16  ? -10.35807 4.39309   4.88009   1.000 14.21677 ? 16  ALA A C   1 
ATOM   126  O O   . ALA A 1 16  ? -9.41876  4.69239   4.13284   1.000 14.03556 ? 16  ALA A O   1 
ATOM   127  C CB  . ALA A 1 16  ? -10.40225 5.56355   7.11559   1.000 18.21386 ? 16  ALA A CB  1 
ATOM   128  N N   . LYS A 1 17  ? -10.81937 3.14612   4.97334   1.000 14.34785 ? 17  LYS A N   1 
ATOM   129  C CA  . LYS A 1 17  ? -10.27293 2.09679   4.11904   1.000 13.21519 ? 17  LYS A CA  1 
ATOM   130  C C   . LYS A 1 17  ? -10.53318 2.41879   2.65481   1.000 14.40379 ? 17  LYS A C   1 
ATOM   131  O O   . LYS A 1 17  ? -9.64584  2.26715   1.80966   1.000 13.94901 ? 17  LYS A O   1 
ATOM   132  C CB  . LYS A 1 17  ? -10.90029 0.75069   4.48755   1.000 15.94760 ? 17  LYS A CB  1 
ATOM   133  C CG  . LYS A 1 17  ? -10.23010 0.04596   5.66939   1.000 17.75094 ? 17  LYS A CG  1 
ATOM   134  C CD  . LYS A 1 17  ? -10.96081 -1.24116  6.00607   1.000 21.89810 ? 17  LYS A CD  1 
ATOM   135  C CE  . LYS A 1 17  ? -10.55613 -1.80630  7.35081   1.000 24.48446 ? 17  LYS A CE  1 
ATOM   136  N NZ  . LYS A 1 17  ? -11.55167 -2.83900  7.74856   1.000 26.37841 ? 17  LYS A NZ  1 
ATOM   137  N N   . HIS A 1 18  ? -11.74450 2.88138   2.33559   1.000 13.91694 ? 18  HIS A N   1 
ATOM   138  C CA  . HIS A 1 18  ? -12.04404 3.27745   0.96422   1.000 13.28896 ? 18  HIS A CA  1 
ATOM   139  C C   . HIS A 1 18  ? -11.14935 4.43370   0.51715   1.000 14.69317 ? 18  HIS A C   1 
ATOM   140  O O   . HIS A 1 18  ? -10.62051 4.42637   -0.60476  1.000 14.56645 ? 18  HIS A O   1 
ATOM   141  C CB  . HIS A 1 18  ? -13.53933 3.62766   0.88734   1.000 15.64609 ? 18  HIS A CB  1 
ATOM   142  C CG  . HIS A 1 18  ? -14.05128 3.88819   -0.49516  1.000 19.18396 ? 18  HIS A CG  1 
ATOM   143  N ND1 . HIS A 1 18  ? -14.76073 5.02414   -0.81349  1.000 27.40363 ? 18  HIS A ND1 1 
ATOM   144  C CD2 . HIS A 1 18  ? -13.97676 3.15995   -1.63303  1.000 21.09821 ? 18  HIS A CD2 1 
ATOM   145  C CE1 . HIS A 1 18  ? -15.08904 4.99315   -2.09255  1.000 27.42242 ? 18  HIS A CE1 1 
ATOM   146  N NE2 . HIS A 1 18  ? -14.61476 3.87833   -2.61679  1.000 21.16994 ? 18  HIS A NE2 1 
ATOM   147  N N   . ALA A 1 19  ? -10.93827 5.42016   1.39295   1.000 13.82294 ? 19  ALA A N   1 
ATOM   148  C CA  . ALA A 1 19  ? -10.09594 6.56030   1.03418   1.000 14.13121 ? 19  ALA A CA  1 
ATOM   149  C C   . ALA A 1 19  ? -8.64538  6.13555   0.80853   1.000 14.44991 ? 19  ALA A C   1 
ATOM   150  O O   . ALA A 1 19  ? -7.97627  6.62624   -0.11367  1.000 15.05069 ? 19  ALA A O   1 
ATOM   151  C CB  . ALA A 1 19  ? -10.17110 7.62683   2.12614   1.000 16.93727 ? 19  ALA A CB  1 
ATOM   152  N N   . VAL A 1 20  ? -8.13525  5.23287   1.65322   1.000 14.01072 ? 20  VAL A N   1 
ATOM   153  C CA  . VAL A 1 20  ? -6.76171  4.76135   1.49606   1.000 14.21351 ? 20  VAL A CA  1 
ATOM   154  C C   . VAL A 1 20  ? -6.61238  3.93962   0.22179   1.000 14.96257 ? 20  VAL A C   1 
ATOM   155  O O   . VAL A 1 20  ? -5.63492  4.09761   -0.52702  1.000 13.63868 ? 20  VAL A O   1 
ATOM   156  C CB  . VAL A 1 20  ? -6.32422  3.98881   2.75387   1.000 13.63889 ? 20  VAL A CB  1 
ATOM   157  C CG1 . VAL A 1 20  ? -5.05523  3.19551   2.47538   1.000 14.64808 ? 20  VAL A CG1 1 
ATOM   158  C CG2 . VAL A 1 20  ? -6.15756  4.92500   3.95533   1.000 14.72831 ? 20  VAL A CG2 1 
ATOM   159  N N   . ALA A 1 21  ? -7.57620  3.06310   -0.05187  1.000 13.93417 ? 21  ALA A N   1 
ATOM   160  C CA  . ALA A 1 21  ? -7.55315  2.29096   -1.28599  1.000 13.80127 ? 21  ALA A CA  1 
ATOM   161  C C   . ALA A 1 21  ? -7.57332  3.20571   -2.49676  1.000 16.00834 ? 21  ALA A C   1 
ATOM   162  O O   . ALA A 1 21  ? -6.85710  2.96724   -3.47469  1.000 15.43115 ? 21  ALA A O   1 
ATOM   163  C CB  . ALA A 1 21  ? -8.72834  1.30973   -1.32377  1.000 15.14376 ? 21  ALA A CB  1 
ATOM   164  N N   . LYS A 1 22  ? -8.37975  4.26637   -2.44250  1.000 16.27002 ? 22  LYS A N   1 
ATOM   165  C CA  . LYS A 1 22  ? -8.43857  5.20694   -3.55478  1.000 16.24979 ? 22  LYS A CA  1 
ATOM   166  C C   . LYS A 1 22  ? -7.11410  5.93385   -3.72374  1.000 15.83814 ? 22  LYS A C   1 
ATOM   167  O O   . LYS A 1 22  ? -6.63865  6.10687   -4.85181  1.000 17.62662 ? 22  LYS A O   1 
ATOM   168  C CB  . LYS A 1 22  ? -9.60221  6.18178   -3.34398  1.000 20.88406 ? 22  LYS A CB  1 
ATOM   169  C CG  . LYS A 1 22  ? -9.64399  7.35196   -4.30880  1.000 24.91194 ? 22  LYS A CG  1 
ATOM   170  C CD  . LYS A 1 22  ? -10.06173 8.61707   -3.58588  1.000 29.53773 ? 22  LYS A CD  1 
ATOM   171  C CE  . LYS A 1 22  ? -9.45384  9.83955   -4.24055  1.000 34.35900 ? 22  LYS A CE  1 
ATOM   172  N NZ  . LYS A 1 22  ? -8.17797  10.21278  -3.55718  1.000 36.18145 ? 22  LYS A NZ  1 
ATOM   173  N N   . ALA A 1 23  ? -6.48819  6.34694   -2.62368  1.000 15.25499 ? 23  ALA A N   1 
ATOM   174  C CA  . ALA A 1 23  ? -5.19879  7.02691   -2.72321  1.000 15.78598 ? 23  ALA A CA  1 
ATOM   175  C C   . ALA A 1 23  ? -4.15570  6.14105   -3.40355  1.000 16.08817 ? 23  ALA A C   1 
ATOM   176  O O   . ALA A 1 23  ? -3.45653  6.57017   -4.33674  1.000 17.39327 ? 23  ALA A O   1 
ATOM   177  C CB  . ALA A 1 23  ? -4.74053  7.44861   -1.32940  1.000 18.19440 ? 23  ALA A CB  1 
ATOM   178  N N   . ILE A 1 24  ? -4.05005  4.88992   -2.95938  1.000 14.56243 ? 24  ILE A N   1 
ATOM   179  C CA  . ILE A 1 24  ? -3.06081  3.97675   -3.52243  1.000 14.12322 ? 24  ILE A CA  1 
ATOM   180  C C   . ILE A 1 24  ? -3.37279  3.69103   -4.98618  1.000 14.27029 ? 24  ILE A C   1 
ATOM   181  O O   . ILE A 1 24  ? -2.48127  3.72104   -5.85753  1.000 14.66535 ? 24  ILE A O   1 
ATOM   182  C CB  . ILE A 1 24  ? -3.01690  2.69259   -2.67623  1.000 13.75833 ? 24  ILE A CB  1 
ATOM   183  C CG1 . ILE A 1 24  ? -2.47466  2.99245   -1.27606  1.000 14.71705 ? 24  ILE A CG1 1 
ATOM   184  C CG2 . ILE A 1 24  ? -2.21566  1.61030   -3.38086  1.000 15.60046 ? 24  ILE A CG2 1 
ATOM   185  C CD1 . ILE A 1 24  ? -2.62626  1.82029   -0.32480  1.000 16.87268 ? 24  ILE A CD1 1 
ATOM   186  N N   . THR A 1 25  ? -4.64382  3.40939   -5.27989  1.000 14.63201 ? 25  THR A N   1 
ATOM   187  C CA  . THR A 1 25  ? -5.02245  3.00242   -6.62105  1.000 15.47632 ? 25  THR A CA  1 
ATOM   188  C C   . THR A 1 25  ? -4.81864  4.15687   -7.59815  1.000 15.87045 ? 25  THR A C   1 
ATOM   189  O O   . THR A 1 25  ? -4.27331  3.96434   -8.69978  1.000 15.67133 ? 25  THR A O   1 
ATOM   190  C CB  . THR A 1 25  ? -6.49043  2.56162   -6.59322  1.000 16.23856 ? 25  THR A CB  1 
ATOM   191  O OG1 . THR A 1 25  ? -6.64597  1.47022   -5.68299  1.000 18.66331 ? 25  THR A OG1 1 
ATOM   192  C CG2 . THR A 1 25  ? -6.85372  1.99550   -7.92805  1.000 20.02967 ? 25  THR A CG2 1 
ATOM   193  N N   . ASP A 1 26  ? -5.19389  5.37668   -7.19002  1.000 16.12347 ? 26  ASP A N   1 
ATOM   194  C CA  . ASP A 1 26  ? -5.00350  6.55063   -8.03688  1.000 17.21374 ? 26  ASP A CA  1 
ATOM   195  C C   . ASP A 1 26  ? -3.52750  6.81348   -8.28108  1.000 16.76942 ? 26  ASP A C   1 
ATOM   196  O O   . ASP A 1 26  ? -3.14171  7.19117   -9.39293  1.000 17.46532 ? 26  ASP A O   1 
ATOM   197  C CB  . ASP A 1 26  ? -5.60805  7.79772   -7.38661  1.000 18.42502 ? 26  ASP A CB  1 
ATOM   198  C CG  . ASP A 1 26  ? -7.12121  7.83635   -7.45670  1.000 24.79586 ? 26  ASP A CG  1 
ATOM   199  O OD1 . ASP A 1 26  ? -7.72410  6.98987   -8.15343  1.000 29.15533 ? 26  ASP A OD1 1 
ATOM   200  O OD2 . ASP A 1 26  ? -7.70424  8.73975   -6.80492  1.000 28.61148 ? 26  ASP A OD2 1 
ATOM   201  N N   . ALA A 1 27  ? -2.69087  6.66194   -7.24528  1.000 15.71184 ? 27  ALA A N   1 
ATOM   202  C CA  . ALA A 1 27  ? -1.25618  6.86357   -7.43371  1.000 15.68752 ? 27  ALA A CA  1 
ATOM   203  C C   . ALA A 1 27  ? -0.69156  5.87148   -8.44552  1.000 17.43871 ? 27  ALA A C   1 
ATOM   204  O O   . ALA A 1 27  ? 0.06939   6.25286   -9.35383  1.000 15.68458 ? 27  ALA A O   1 
ATOM   205  C CB  . ALA A 1 27  ? -0.55163  6.76477   -6.08068  1.000 15.15185 ? 27  ALA A CB  1 
ATOM   206  N N   . HIS A 1 28  ? -1.09855  4.60051   -8.34232  1.000 15.25021 ? 28  HIS A N   1 
ATOM   207  C CA  . HIS A 1 28  ? -0.58829  3.58651   -9.25876  1.000 15.64081 ? 28  HIS A CA  1 
ATOM   208  C C   . HIS A 1 28  ? -1.03116  3.85803   -10.69934 1.000 16.57832 ? 28  HIS A C   1 
ATOM   209  O O   . HIS A 1 28  ? -0.18498  3.88431   -11.60803 1.000 17.19436 ? 28  HIS A O   1 
ATOM   210  C CB  . HIS A 1 28  ? -0.95804  2.16596   -8.79941  1.000 15.02087 ? 28  HIS A CB  1 
ATOM   211  C CG  . HIS A 1 28  ? -0.14551  1.09593   -9.46516  1.000 16.21165 ? 28  HIS A CG  1 
ATOM   212  N ND1 . HIS A 1 28  ? 0.98919   0.56744   -8.88801  1.000 16.65617 ? 28  HIS A ND1 1 
ATOM   213  C CD2 . HIS A 1 28  ? -0.25997  0.50563   -10.68014 1.000 18.97498 ? 28  HIS A CD2 1 
ATOM   214  C CE1 . HIS A 1 28  ? 1.52362   -0.32537  -9.70552  1.000 16.66399 ? 28  HIS A CE1 1 
ATOM   215  N NE2 . HIS A 1 28  ? 0.78500   -0.38034  -10.79836 1.000 18.01509 ? 28  HIS A NE2 1 
ATOM   216  N N   . ARG A 1 29  ? -2.34548  4.06198   -10.94981 1.000 17.58320 ? 29  ARG A N   1 
ATOM   217  C CA  . ARG A 1 29  ? -2.73783  4.48195   -12.30506 1.000 18.30305 ? 29  ARG A CA  1 
ATOM   218  C C   . ARG A 1 29  ? -1.97806  5.69052   -12.77145 1.000 21.10785 ? 29  ARG A C   1 
ATOM   219  O O   . ARG A 1 29  ? -1.50740  5.71999   -13.90845 1.000 20.96175 ? 29  ARG A O   1 
ATOM   220  C CB  . ARG A 1 29  ? -4.13010  5.03742   -12.46874 1.000 30.65197 ? 29  ARG A CB  1 
ATOM   221  C CG  . ARG A 1 29  ? -4.50738  4.99346   -13.98680 1.000 32.75672 ? 29  ARG A CG  1 
ATOM   222  C CD  . ARG A 1 29  ? -5.92318  5.33237   -14.36731 1.000 36.94840 ? 29  ARG A CD  1 
ATOM   223  N NE  . ARG A 1 29  ? -6.50497  6.28090   -13.42386 1.000 38.49625 ? 29  ARG A NE  1 
ATOM   224  C CZ  . ARG A 1 29  ? -7.11573  5.83117   -12.35443 1.000 39.58866 ? 29  ARG A CZ  1 
ATOM   225  N NH1 . ARG A 1 29  ? -6.97160  4.57565   -12.02550 1.000 38.98402 ? 29  ARG A NH1 1 
ATOM   226  N NH2 . ARG A 1 29  ? -7.82412  6.66100   -11.58619 1.000 38.56391 ? 29  ARG A NH2 1 
ATOM   227  N N   . GLY A 1 30  ? -2.03714  6.77802   -12.00698 1.000 18.28236 ? 30  GLY A N   1 
ATOM   228  C CA  . GLY A 1 30  ? -1.57848  8.04678   -12.53927 1.000 20.12450 ? 30  GLY A CA  1 
ATOM   229  C C   . GLY A 1 30  ? -0.11595  8.00351   -12.91573 1.000 18.12146 ? 30  GLY A C   1 
ATOM   230  O O   . GLY A 1 30  ? 0.28060   8.48496   -13.98525 1.000 22.37050 ? 30  GLY A O   1 
ATOM   231  N N   . LEU A 1 31  ? 0.69472   7.34811   -12.08657 1.000 17.08203 ? 31  LEU A N   1 
ATOM   232  C CA  . LEU A 1 31  ? 2.11993   7.36804   -12.33492 1.000 17.37134 ? 31  LEU A CA  1 
ATOM   233  C C   . LEU A 1 31  ? 2.57834   6.27776   -13.28356 1.000 17.17234 ? 31  LEU A C   1 
ATOM   234  O O   . LEU A 1 31  ? 3.57132   6.48532   -13.98807 1.000 16.69277 ? 31  LEU A O   1 
ATOM   235  C CB  . LEU A 1 31  ? 2.89467   7.33464   -11.02505 1.000 15.89245 ? 31  LEU A CB  1 
ATOM   236  C CG  . LEU A 1 31  ? 2.68772   8.58308   -10.17603 1.000 17.71836 ? 31  LEU A CG  1 
ATOM   237  C CD1 . LEU A 1 31  ? 3.39216   8.42083   -8.85383  1.000 21.35217 ? 31  LEU A CD1 1 
ATOM   238  C CD2 . LEU A 1 31  ? 3.19785   9.81608   -10.90851 1.000 25.37679 ? 31  LEU A CD2 1 
ATOM   239  N N   . THR A 1 32  ? 1.89880   5.12447   -13.33603 1.000 16.58857 ? 32  THR A N   1 
ATOM   240  C CA  . THR A 1 32  ? 2.35997   4.03704   -14.19099 1.000 17.20315 ? 32  THR A CA  1 
ATOM   241  C C   . THR A 1 32  ? 1.52856   3.83349   -15.44985 1.000 17.20203 ? 32  THR A C   1 
ATOM   242  O O   . THR A 1 32  ? 1.97470   3.11332   -16.34434 1.000 18.14332 ? 32  THR A O   1 
ATOM   243  C CB  . THR A 1 32  ? 2.42570   2.69766   -13.44024 1.000 16.71817 ? 32  THR A CB  1 
ATOM   244  O OG1 . THR A 1 32  ? 1.09485   2.22874   -13.19657 1.000 20.12833 ? 32  THR A OG1 1 
ATOM   245  C CG2 . THR A 1 32  ? 3.15444   2.84461   -12.10799 1.000 20.36795 ? 32  THR A CG2 1 
ATOM   246  N N   . GLY A 1 33  ? 0.33495   4.41224   -15.53845 1.000 17.19233 ? 33  GLY A N   1 
ATOM   247  C CA  . GLY A 1 33  ? -0.51276  4.22589   -16.69779 1.000 19.87999 ? 33  GLY A CA  1 
ATOM   248  C C   . GLY A 1 33  ? -1.34711  2.95842   -16.72075 1.000 23.73724 ? 33  GLY A C   1 
ATOM   249  O O   . GLY A 1 33  ? -2.10674  2.75917   -17.68157 1.000 29.41337 ? 33  GLY A O   1 
ATOM   250  N N   . THR A 1 34  ? -1.23418  2.09324   -15.71401 1.000 22.46644 ? 34  THR A N   1 
ATOM   251  C CA  . THR A 1 34  ? -2.06270  0.89835   -15.65846 1.000 23.66975 ? 34  THR A CA  1 
ATOM   252  C C   . THR A 1 34  ? -3.51547  1.25282   -15.35340 1.000 26.15752 ? 34  THR A C   1 
ATOM   253  O O   . THR A 1 34  ? -3.82765  2.28646   -14.76637 1.000 30.42237 ? 34  THR A O   1 
ATOM   254  C CB  . THR A 1 34  ? -1.53308  -0.08573  -14.61197 1.000 27.47271 ? 34  THR A CB  1 
ATOM   255  O OG1 . THR A 1 34  ? -2.02300  0.28966   -13.32058 1.000 32.84273 ? 34  THR A OG1 1 
ATOM   256  C CG2 . THR A 1 34  ? -0.01651  -0.15164  -14.60717 1.000 23.76506 ? 34  THR A CG2 1 
ATOM   257  N N   . GLN A 1 35  ? -4.41158  0.36118   -15.74992 1.000 26.63726 ? 35  GLN A N   1 
ATOM   258  C CA  . GLN A 1 35  ? -5.83715  0.64153   -15.64764 1.000 29.46562 ? 35  GLN A CA  1 
ATOM   259  C C   . GLN A 1 35  ? -6.25432  0.43163   -14.18826 1.000 25.53776 ? 35  GLN A C   1 
ATOM   260  O O   . GLN A 1 35  ? -5.89838  -0.59876  -13.60387 1.000 26.11649 ? 35  GLN A O   1 
ATOM   261  C CB  . GLN A 1 35  ? -6.55968  -0.37079  -16.54732 1.000 29.47133 ? 35  GLN A CB  1 
ATOM   262  C CG  . GLN A 1 35  ? -6.50600  -0.05421  -18.05830 1.000 35.88851 ? 35  GLN A CG  1 
ATOM   263  C CD  . GLN A 1 35  ? -7.49617  0.98410   -18.55117 1.000 43.70924 ? 35  GLN A CD  1 
ATOM   264  O OE1 . GLN A 1 35  ? -8.36465  0.68002   -19.37444 1.000 47.75461 ? 35  GLN A OE1 1 
ATOM   265  N NE2 . GLN A 1 35  ? -7.36192  2.21583   -18.07306 1.000 44.29008 ? 35  GLN A NE2 1 
ATOM   266  N N   . HIS A 1 36  ? -6.92456  1.44001   -13.57446 1.000 32.42221 ? 36  HIS A N   1 
ATOM   267  C CA  . HIS A 1 36  ? -7.86315  1.18606   -12.46536 1.000 30.61580 ? 36  HIS A CA  1 
ATOM   268  C C   . HIS A 1 36  ? -8.14221  -0.21899  -11.97660 1.000 24.03839 ? 36  HIS A C   1 
ATOM   269  O O   . HIS A 1 36  ? -7.62424  -0.59008  -10.92359 1.000 23.95335 ? 36  HIS A O   1 
ATOM   270  C CB  . HIS A 1 36  ? -9.07686  2.14353   -12.34983 1.000 33.09432 ? 36  HIS A CB  1 
ATOM   271  C CG  . HIS A 1 36  ? -9.12684  3.00749   -11.11118 1.000 35.67893 ? 36  HIS A CG  1 
ATOM   272  N ND1 . HIS A 1 36  ? -10.28491 3.09288   -10.36988 1.000 36.65396 ? 36  HIS A ND1 1 
ATOM   273  C CD2 . HIS A 1 36  ? -8.15791  3.48412   -10.29497 1.000 34.63677 ? 36  HIS A CD2 1 
ATOM   274  C CE1 . HIS A 1 36  ? -10.06923 3.84977   -9.30854  1.000 32.64581 ? 36  HIS A CE1 1 
ATOM   275  N NE2 . HIS A 1 36  ? -8.77319  4.05986   -9.21239  1.000 33.88100 ? 36  HIS A NE2 1 
ATOM   276  N N   . PHE A 1 37  ? -8.97846  -0.97830  -12.67408 1.000 29.30885 ? 37  PHE A N   1 
ATOM   277  C CA  . PHE A 1 37  ? -9.46906  -2.24701  -12.15003 1.000 24.76695 ? 37  PHE A CA  1 
ATOM   278  C C   . PHE A 1 37  ? -8.36529  -3.27825  -11.90191 1.000 27.72154 ? 37  PHE A C   1 
ATOM   279  O O   . PHE A 1 37  ? -8.60819  -4.27137  -11.20096 1.000 25.89674 ? 37  PHE A O   1 
ATOM   280  C CB  . PHE A 1 37  ? -10.57481 -2.72584  -13.09405 1.000 28.93929 ? 37  PHE A CB  1 
ATOM   281  C CG  . PHE A 1 37  ? -10.06539 -3.23847  -14.40468 1.000 34.61926 ? 37  PHE A CG  1 
ATOM   282  C CD1 . PHE A 1 37  ? -9.82857  -2.36724  -15.46924 1.000 35.72624 ? 37  PHE A CD1 1 
ATOM   283  C CD2 . PHE A 1 37  ? -9.88023  -4.59013  -14.59822 1.000 34.00701 ? 37  PHE A CD2 1 
ATOM   284  C CE1 . PHE A 1 37  ? -9.36747  -2.85001  -16.68557 1.000 37.09391 ? 37  PHE A CE1 1 
ATOM   285  C CE2 . PHE A 1 37  ? -9.43604  -5.07779  -15.80560 1.000 35.48320 ? 37  PHE A CE2 1 
ATOM   286  C CZ  . PHE A 1 37  ? -9.17429  -4.20940  -16.85185 1.000 36.43206 ? 37  PHE A CZ  1 
ATOM   287  N N   . LEU A 1 38  ? -7.16235  -3.06088  -12.43000 1.000 23.81416 ? 38  LEU A N   1 
ATOM   288  C CA  . LEU A 1 38  ? -6.05547  -3.98272  -12.20664 1.000 23.94104 ? 38  LEU A CA  1 
ATOM   289  C C   . LEU A 1 38  ? -5.37733  -3.78907  -10.85507 1.000 24.41291 ? 38  LEU A C   1 
ATOM   290  O O   . LEU A 1 38  ? -4.54534  -4.62722  -10.47082 1.000 22.93024 ? 38  LEU A O   1 
ATOM   291  C CB  . LEU A 1 38  ? -5.04003  -3.84353  -13.34086 1.000 27.66019 ? 38  LEU A CB  1 
ATOM   292  C CG  . LEU A 1 38  ? -5.64087  -4.22087  -14.69432 1.000 31.71474 ? 38  LEU A CG  1 
ATOM   293  C CD1 . LEU A 1 38  ? -4.58467  -4.18972  -15.77787 1.000 34.54816 ? 38  LEU A CD1 1 
ATOM   294  C CD2 . LEU A 1 38  ? -6.28799  -5.59715  -14.61304 1.000 32.73529 ? 38  LEU A CD2 1 
ATOM   295  N N   . ALA A 1 39  ? -5.70760  -2.72441  -10.11912 1.000 18.46098 ? 39  ALA A N   1 
ATOM   296  C CA  . ALA A 1 39  ? -5.06827  -2.45781  -8.83141  1.000 17.32634 ? 39  ALA A CA  1 
ATOM   297  C C   . ALA A 1 39  ? -5.92158  -3.04123  -7.70873  1.000 14.38565 ? 39  ALA A C   1 
ATOM   298  O O   . ALA A 1 39  ? -7.04736  -2.59231  -7.47370  1.000 15.12760 ? 39  ALA A O   1 
ATOM   299  C CB  . ALA A 1 39  ? -4.82988  -0.96601  -8.62610  1.000 22.36934 ? 39  ALA A CB  1 
ATOM   300  N N   . GLN A 1 40  ? -5.39812  -4.05519  -7.03144  1.000 12.26921 ? 40  GLN A N   1 
ATOM   301  C CA  . GLN A 1 40  ? -6.02338  -4.61459  -5.84454  1.000 12.24301 ? 40  GLN A CA  1 
ATOM   302  C C   . GLN A 1 40  ? -5.38004  -4.01420  -4.60074  1.000 12.79983 ? 40  GLN A C   1 
ATOM   303  O O   . GLN A 1 40  ? -4.14926  -3.95310  -4.50488  1.000 13.54204 ? 40  GLN A O   1 
ATOM   304  C CB  . GLN A 1 40  ? -5.86241  -6.13612  -5.83202  1.000 12.95511 ? 40  GLN A CB  1 
ATOM   305  C CG  . GLN A 1 40  ? -6.45177  -6.75265  -4.58052  1.000 13.13001 ? 40  GLN A CG  1 
ATOM   306  C CD  . GLN A 1 40  ? -6.42794  -8.26353  -4.55473  1.000 13.81672 ? 40  GLN A CD  1 
ATOM   307  O OE1 . GLN A 1 40  ? -6.49779  -8.85740  -3.48477  1.000 16.10648 ? 40  GLN A OE1 1 
ATOM   308  N NE2 . GLN A 1 40  ? -6.34425  -8.89336  -5.71358  1.000 15.40407 ? 40  GLN A NE2 1 
ATOM   309  N N   . VAL A 1 41  ? -6.20141  -3.55889  -3.65897  1.000 11.87953 ? 41  VAL A N   1 
ATOM   310  C CA  . VAL A 1 41  ? -5.73568  -3.17010  -2.32818  1.000 12.14946 ? 41  VAL A CA  1 
ATOM   311  C C   . VAL A 1 41  ? -6.39370  -4.10952  -1.33318  1.000 11.94570 ? 41  VAL A C   1 
ATOM   312  O O   . VAL A 1 41  ? -7.62042  -4.23224  -1.31451  1.000 13.25015 ? 41  VAL A O   1 
ATOM   313  C CB  . VAL A 1 41  ? -6.04920  -1.70291  -2.00088  1.000 11.61784 ? 41  VAL A CB  1 
ATOM   314  C CG1 . VAL A 1 41  ? -5.63232  -1.37384  -0.55846  1.000 14.01154 ? 41  VAL A CG1 1 
ATOM   315  C CG2 . VAL A 1 41  ? -5.37246  -0.76397  -2.98931  1.000 14.94034 ? 41  VAL A CG2 1 
ATOM   316  N N   . ASN A 1 42  ? -5.58732  -4.80514  -0.54301  1.000 11.56851 ? 42  ASN A N   1 
ATOM   317  C CA  . ASN A 1 42  ? -6.04779  -5.88181  0.32229   1.000 12.83613 ? 42  ASN A CA  1 
ATOM   318  C C   . ASN A 1 42  ? -5.61625  -5.54686  1.74011   1.000 12.19216 ? 42  ASN A C   1 
ATOM   319  O O   . ASN A 1 42  ? -4.42563  -5.63658  2.06517   1.000 12.91120 ? 42  ASN A O   1 
ATOM   320  C CB  . ASN A 1 42  ? -5.43924  -7.20067  -0.16336  1.000 13.82741 ? 42  ASN A CB  1 
ATOM   321  C CG  . ASN A 1 42  ? -6.21472  -8.40059  0.30167   1.000 16.83813 ? 42  ASN A CG  1 
ATOM   322  O OD1 . ASN A 1 42  ? -6.59115  -8.48293  1.46876   1.000 20.22682 ? 42  ASN A OD1 1 
ATOM   323  N ND2 . ASN A 1 42  ? -6.45017  -9.35475  -0.59604  1.000 16.67966 ? 42  ASN A ND2 1 
ATOM   324  N N   . PHE A 1 43  ? -6.56388  -5.14654  2.57277   1.000 11.68612 ? 43  PHE A N   1 
ATOM   325  C CA  . PHE A 1 43  ? -6.24732  -4.75848  3.93985   1.000 11.71905 ? 43  PHE A CA  1 
ATOM   326  C C   . PHE A 1 43  ? -6.12435  -5.99703  4.82293   1.000 12.41633 ? 43  PHE A C   1 
ATOM   327  O O   . PHE A 1 43  ? -6.99504  -6.86932  4.81981   1.000 13.27994 ? 43  PHE A O   1 
ATOM   328  C CB  . PHE A 1 43  ? -7.34541  -3.83507  4.47578   1.000 13.06012 ? 43  PHE A CB  1 
ATOM   329  C CG  . PHE A 1 43  ? -7.30133  -2.43540  3.90783   1.000 12.59660 ? 43  PHE A CG  1 
ATOM   330  C CD1 . PHE A 1 43  ? -6.44318  -1.47586  4.43385   1.000 14.03986 ? 43  PHE A CD1 1 
ATOM   331  C CD2 . PHE A 1 43  ? -8.11574  -2.08720  2.84257   1.000 14.10010 ? 43  PHE A CD2 1 
ATOM   332  C CE1 . PHE A 1 43  ? -6.40021  -0.20305  3.89127   1.000 13.85132 ? 43  PHE A CE1 1 
ATOM   333  C CE2 . PHE A 1 43  ? -8.06824  -0.80826  2.30218   1.000 13.97701 ? 43  PHE A CE2 1 
ATOM   334  C CZ  . PHE A 1 43  ? -7.21608  0.12636   2.82956   1.000 13.43141 ? 43  PHE A CZ  1 
ATOM   335  N N   . GLN A 1 44  ? -5.04337  -6.05997  5.58903   1.000 12.57847 ? 44  GLN A N   1 
ATOM   336  C CA  . GLN A 1 44  ? -4.75676  -7.14106  6.53001   1.000 11.17995 ? 44  GLN A CA  1 
ATOM   337  C C   . GLN A 1 44  ? -4.72596  -6.50439  7.91263   1.000 12.57744 ? 44  GLN A C   1 
ATOM   338  O O   . GLN A 1 44  ? -3.75808  -5.82198  8.27283   1.000 13.41365 ? 44  GLN A O   1 
ATOM   339  C CB  . GLN A 1 44  ? -3.41269  -7.77215  6.17330   1.000 12.86674 ? 44  GLN A CB  1 
ATOM   340  C CG  . GLN A 1 44  ? -3.41047  -8.34354  4.76638   1.000 13.47381 ? 44  GLN A CG  1 
ATOM   341  C CD  . GLN A 1 44  ? -4.14272  -9.66848  4.68744   1.000 15.23423 ? 44  GLN A CD  1 
ATOM   342  O OE1 . GLN A 1 44  ? -3.79227  -10.61660 5.39087   1.000 17.60721 ? 44  GLN A OE1 1 
ATOM   343  N NE2 . GLN A 1 44  ? -5.16860  -9.74485  3.84441   1.000 15.55142 ? 44  GLN A NE2 1 
ATOM   344  N N   . GLU A 1 45  ? -5.79779  -6.70183  8.66542   1.000 12.69167 ? 45  GLU A N   1 
ATOM   345  C CA  . GLU A 1 45  ? -5.92909  -6.11438  9.98949   1.000 12.27737 ? 45  GLU A CA  1 
ATOM   346  C C   . GLU A 1 45  ? -5.51421  -7.12406  11.04521  1.000 13.30202 ? 45  GLU A C   1 
ATOM   347  O O   . GLU A 1 45  ? -5.81603  -8.31734  10.93652  1.000 14.36928 ? 45  GLU A O   1 
ATOM   348  C CB  . GLU A 1 45  ? -7.37534  -5.70649  10.26195  1.000 15.66487 ? 45  GLU A CB  1 
ATOM   349  C CG  . GLU A 1 45  ? -7.87231  -4.57594  9.40549   1.000 19.57650 ? 45  GLU A CG  1 
ATOM   350  C CD  . GLU A 1 45  ? -9.34419  -4.32203  9.61045   1.000 25.35217 ? 45  GLU A CD  1 
ATOM   351  O OE1 . GLU A 1 45  ? -10.14773 -5.20576  9.24707   1.000 23.64733 ? 45  GLU A OE1 1 
ATOM   352  O OE2 . GLU A 1 45  ? -9.69345  -3.23675  10.13085  1.000 27.11836 ? 45  GLU A OE2 1 
ATOM   353  N N   . GLN A 1 46  ? -4.84254  -6.62796  12.07788  1.000 12.95050 ? 46  GLN A N   1 
ATOM   354  C CA  . GLN A 1 46  ? -4.47546  -7.41727  13.24679  1.000 14.45458 ? 46  GLN A CA  1 
ATOM   355  C C   . GLN A 1 46  ? -4.75113  -6.59258  14.49549  1.000 15.30514 ? 46  GLN A C   1 
ATOM   356  O O   . GLN A 1 46  ? -4.75627  -5.36094  14.42965  1.000 14.85570 ? 46  GLN A O   1 
ATOM   357  C CB  . GLN A 1 46  ? -2.98552  -7.78912  13.20185  1.000 14.61142 ? 46  GLN A CB  1 
ATOM   358  C CG  . GLN A 1 46  ? -2.64248  -8.81720  12.12835  1.000 14.11407 ? 46  GLN A CG  1 
ATOM   359  C CD  . GLN A 1 46  ? -3.06467  -10.21848 12.51327  1.000 14.72243 ? 46  GLN A CD  1 
ATOM   360  O OE1 . GLN A 1 46  ? -2.84530  -10.65275 13.64659  1.000 16.60202 ? 46  GLN A OE1 1 
ATOM   361  N NE2 . GLN A 1 46  ? -3.65961  -10.93892 11.57539  1.000 16.06974 ? 46  GLN A NE2 1 
ATOM   362  N N   . PRO A 1 47  ? -4.97810  -7.23398  15.64066  1.000 16.13074 ? 47  PRO A N   1 
ATOM   363  C CA  . PRO A 1 47  ? -5.19418  -6.45844  16.86753  1.000 17.96528 ? 47  PRO A CA  1 
ATOM   364  C C   . PRO A 1 47  ? -3.98494  -5.59409  17.18503  1.000 18.58564 ? 47  PRO A C   1 
ATOM   365  O O   . PRO A 1 47  ? -2.84517  -5.98013  16.93296  1.000 16.92211 ? 47  PRO A O   1 
ATOM   366  C CB  . PRO A 1 47  ? -5.40207  -7.53801  17.93395  1.000 20.42668 ? 47  PRO A CB  1 
ATOM   367  C CG  . PRO A 1 47  ? -4.78468  -8.77527  17.36150  1.000 22.37482 ? 47  PRO A CG  1 
ATOM   368  C CD  . PRO A 1 47  ? -5.03843  -8.68422  15.88717  1.000 17.09882 ? 47  PRO A CD  1 
ATOM   369  N N   . ALA A 1 48  ? -4.24196  -4.40169  17.72967  1.000 20.25149 ? 48  ALA A N   1 
ATOM   370  C CA  . ALA A 1 48  ? -3.16007  -3.54898  18.20900  1.000 19.31576 ? 48  ALA A CA  1 
ATOM   371  C C   . ALA A 1 48  ? -2.31589  -4.32177  19.21472  1.000 20.47077 ? 48  ALA A C   1 
ATOM   372  O O   . ALA A 1 48  ? -2.83555  -5.12944  19.98603  1.000 20.56723 ? 48  ALA A O   1 
ATOM   373  C CB  . ALA A 1 48  ? -3.74881  -2.30449  18.87312  1.000 23.49363 ? 48  ALA A CB  1 
ATOM   374  N N   . GLY A 1 49  ? -1.00223  -4.11168  19.17144  1.000 20.48884 ? 49  GLY A N   1 
ATOM   375  C CA  . GLY A 1 49  ? -0.06729  -4.85285  19.99479  1.000 21.06301 ? 49  GLY A CA  1 
ATOM   376  C C   . GLY A 1 49  ? 0.71002   -5.92090  19.26097  1.000 18.77946 ? 49  GLY A C   1 
ATOM   377  O O   . GLY A 1 49  ? 1.59829   -6.54442  19.85629  1.000 19.73050 ? 49  GLY A O   1 
ATOM   378  N N   . ASN A 1 50  ? 0.39812   -6.15290  17.99670  1.000 15.18472 ? 50  ASN A N   1 
ATOM   379  C CA  . ASN A 1 50  ? 1.12829   -7.11141  17.18077  1.000 16.27535 ? 50  ASN A CA  1 
ATOM   380  C C   . ASN A 1 50  ? 2.30166   -6.49217  16.42404  1.000 12.63914 ? 50  ASN A C   1 
ATOM   381  O O   . ASN A 1 50  ? 3.02288   -7.22992  15.73964  1.000 13.84891 ? 50  ASN A O   1 
ATOM   382  C CB  . ASN A 1 50  ? 0.16361   -7.82660  16.21800  1.000 13.94170 ? 50  ASN A CB  1 
ATOM   383  C CG  . ASN A 1 50  ? -0.55129  -8.98131  16.88170  1.000 16.52353 ? 50  ASN A CG  1 
ATOM   384  O OD1 . ASN A 1 50  ? -0.58562  -9.07278  18.11474  1.000 19.88176 ? 50  ASN A OD1 1 
ATOM   385  N ND2 . ASN A 1 50  ? -1.15222  -9.85885  16.07734  1.000 16.97101 ? 50  ASN A ND2 1 
ATOM   386  N N   . VAL A 1 51  ? 2.52768   -5.18226  16.54053  1.000 12.12037 ? 51  VAL A N   1 
ATOM   387  C CA  . VAL A 1 51  ? 3.61018   -4.48854  15.84290  1.000 12.58073 ? 51  VAL A CA  1 
ATOM   388  C C   . VAL A 1 51  ? 4.66896   -4.08079  16.85548  1.000 12.39051 ? 51  VAL A C   1 
ATOM   389  O O   . VAL A 1 51  ? 4.35557   -3.44301  17.87002  1.000 12.87798 ? 51  VAL A O   1 
ATOM   390  C CB  . VAL A 1 51  ? 3.11742   -3.25057  15.07994  1.000 14.07277 ? 51  VAL A CB  1 
ATOM   391  C CG1 . VAL A 1 51  ? 4.29242   -2.53028  14.42602  1.000 15.18011 ? 51  VAL A CG1 1 
ATOM   392  C CG2 . VAL A 1 51  ? 2.07883   -3.63837  14.03672  1.000 15.67532 ? 51  VAL A CG2 1 
ATOM   393  N N   . PHE A 1 52  ? 5.91694   -4.41874  16.56258  1.000 13.06088 ? 52  PHE A N   1 
ATOM   394  C CA  . PHE A 1 52  ? 7.06437   -4.04783  17.37471  1.000 11.50386 ? 52  PHE A CA  1 
ATOM   395  C C   . PHE A 1 52  ? 8.05222   -3.28811  16.50404  1.000 12.29693 ? 52  PHE A C   1 
ATOM   396  O O   . PHE A 1 52  ? 8.30976   -3.66494  15.35412  1.000 12.52650 ? 52  PHE A O   1 
ATOM   397  C CB  . PHE A 1 52  ? 7.73163   -5.29927  17.96707  1.000 13.70427 ? 52  PHE A CB  1 
ATOM   398  C CG  . PHE A 1 52  ? 6.86190   -6.02946  18.93578  1.000 12.00002 ? 52  PHE A CG  1 
ATOM   399  C CD1 . PHE A 1 52  ? 5.82369   -6.81651  18.48299  1.000 13.80627 ? 52  PHE A CD1 1 
ATOM   400  C CD2 . PHE A 1 52  ? 7.06847   -5.90903  20.29848  1.000 13.46752 ? 52  PHE A CD2 1 
ATOM   401  C CE1 . PHE A 1 52  ? 4.99970   -7.46982  19.36594  1.000 14.37007 ? 52  PHE A CE1 1 
ATOM   402  C CE2 . PHE A 1 52  ? 6.25869   -6.57855  21.19232  1.000 14.17365 ? 52  PHE A CE2 1 
ATOM   403  C CZ  . PHE A 1 52  ? 5.21899   -7.34208  20.72991  1.000 12.89784 ? 52  PHE A CZ  1 
ATOM   404  N N   . LEU A 1 53  ? 8.58006   -2.19637  17.02881  1.000 13.29708 ? 53  LEU A N   1 
ATOM   405  C CA  . LEU A 1 53  ? 9.62766   -1.44222  16.35052  1.000 13.55413 ? 53  LEU A CA  1 
ATOM   406  C C   . LEU A 1 53  ? 10.81503  -1.36505  17.28864  1.000 15.07158 ? 53  LEU A C   1 
ATOM   407  O O   . LEU A 1 53  ? 10.69016  -0.86624  18.40673  1.000 13.95861 ? 53  LEU A O   1 
ATOM   408  C CB  . LEU A 1 53  ? 9.14477   -0.03393  15.98947  1.000 15.40182 ? 53  LEU A CB  1 
ATOM   409  C CG  . LEU A 1 53  ? 7.92640   0.05285   15.06718  1.000 14.56999 ? 53  LEU A CG  1 
ATOM   410  C CD1 . LEU A 1 53  ? 7.50272   1.48935   14.86113  1.000 16.43397 ? 53  LEU A CD1 1 
ATOM   411  C CD2 . LEU A 1 53  ? 8.17150   -0.60226  13.72275  1.000 17.75560 ? 53  LEU A CD2 1 
ATOM   412  N N   . GLY A 1 54  ? 11.95519  -1.87790  16.85205  1.000 15.05314 ? 54  GLY A N   1 
ATOM   413  C CA  . GLY A 1 54  ? 13.08867  -1.96765  17.75397  1.000 16.37236 ? 54  GLY A CA  1 
ATOM   414  C C   . GLY A 1 54  ? 12.80733  -2.80690  18.97624  1.000 16.38602 ? 54  GLY A C   1 
ATOM   415  O O   . GLY A 1 54  ? 13.39419  -2.56376  20.03504  1.000 18.57533 ? 54  GLY A O   1 
ATOM   416  N N   . GLY A 1 55  ? 11.92032  -3.78612  18.86645  1.000 14.21725 ? 55  GLY A N   1 
ATOM   417  C CA  . GLY A 1 55  ? 11.56028  -4.61291  19.99428  1.000 15.90663 ? 55  GLY A CA  1 
ATOM   418  C C   . GLY A 1 55  ? 10.51059  -4.03000  20.91167  1.000 14.97014 ? 55  GLY A C   1 
ATOM   419  O O   . GLY A 1 55  ? 10.10760  -4.71277  21.85801  1.000 16.99843 ? 55  GLY A O   1 
ATOM   420  N N   . VAL A 1 56  ? 10.03303  -2.81906  20.64325  1.000 14.00969 ? 56  VAL A N   1 
ATOM   421  C CA  . VAL A 1 56  ? 9.10950   -2.10469  21.52658  1.000 13.90553 ? 56  VAL A CA  1 
ATOM   422  C C   . VAL A 1 56  ? 7.70317   -2.23919  20.95239  1.000 14.35438 ? 56  VAL A C   1 
ATOM   423  O O   . VAL A 1 56  ? 7.47657   -1.93937  19.77495  1.000 13.14581 ? 56  VAL A O   1 
ATOM   424  C CB  . VAL A 1 56  ? 9.50390   -0.61831  21.63189  1.000 14.74919 ? 56  VAL A CB  1 
ATOM   425  C CG1 . VAL A 1 56  ? 8.58239   0.10896   22.59256  1.000 16.49178 ? 56  VAL A CG1 1 
ATOM   426  C CG2 . VAL A 1 56  ? 10.97466  -0.44052  22.02170  1.000 17.53134 ? 56  VAL A CG2 1 
ATOM   427  N N   . GLN A 1 57  ? 6.74896   -2.64533  21.79027  1.000 13.71822 ? 57  GLN A N   1 
ATOM   428  C CA  . GLN A 1 57  ? 5.37620   -2.83497  21.33557  1.000 12.50438 ? 57  GLN A CA  1 
ATOM   429  C C   . GLN A 1 57  ? 4.73305   -1.48634  21.03703  1.000 13.81850 ? 57  GLN A C   1 
ATOM   430  O O   . GLN A 1 57  ? 4.75936   -0.56764  21.86448  1.000 13.98698 ? 57  GLN A O   1 
ATOM   431  C CB  . GLN A 1 57  ? 4.56519   -3.59042  22.39319  1.000 13.86313 ? 57  GLN A CB  1 
ATOM   432  C CG  . GLN A 1 57  ? 3.08491   -3.73980  22.04605  1.000 14.43443 ? 57  GLN A CG  1 
ATOM   433  C CD  . GLN A 1 57  ? 2.27705   -4.31808  23.19418  1.000 17.40406 ? 57  GLN A CD  1 
ATOM   434  O OE1 . GLN A 1 57  ? 2.82721   -4.96877  24.07872  1.000 21.80752 ? 57  GLN A OE1 1 
ATOM   435  N NE2 . GLN A 1 57  ? 0.96399   -4.07083  23.19272  1.000 18.17387 ? 57  GLN A NE2 1 
ATOM   436  N N   . GLN A 1 58  ? 4.12458   -1.37407  19.86318  1.000 13.32135 ? 58  GLN A N   1 
ATOM   437  C CA  . GLN A 1 58  ? 3.51334   -0.14013  19.40637  1.000 14.17145 ? 58  GLN A CA  1 
ATOM   438  C C   . GLN A 1 58  ? 2.00862   -0.15252  19.64759  1.000 14.22549 ? 58  GLN A C   1 
ATOM   439  O O   . GLN A 1 58  ? 1.39118   -1.19213  19.91179  1.000 15.62870 ? 58  GLN A O   1 
ATOM   440  C CB  . GLN A 1 58  ? 3.76715   0.04478   17.90651  1.000 15.16283 ? 58  GLN A CB  1 
ATOM   441  C CG  . GLN A 1 58  ? 5.24235   0.08588   17.52743  1.000 15.18487 ? 58  GLN A CG  1 
ATOM   442  C CD  . GLN A 1 58  ? 5.97526   1.21412   18.20095  1.000 15.48136 ? 58  GLN A CD  1 
ATOM   443  O OE1 . GLN A 1 58  ? 5.65668   2.38271   17.98558  1.000 19.01844 ? 58  GLN A OE1 1 
ATOM   444  N NE2 . GLN A 1 58  ? 6.95079   0.88209   19.04004  1.000 15.68858 ? 58  GLN A NE2 1 
ATOM   445  N N   . GLY A 1 59  ? 1.42445   1.03886   19.51964  1.000 15.86145 ? 59  GLY A N   1 
ATOM   446  C CA  . GLY A 1 59  ? -0.01257  1.19659   19.41686  1.000 15.75070 ? 59  GLY A CA  1 
ATOM   447  C C   . GLY A 1 59  ? -0.51834  0.78894   18.04692  1.000 17.02827 ? 59  GLY A C   1 
ATOM   448  O O   . GLY A 1 59  ? 0.05532   -0.07992  17.37537  1.000 17.85999 ? 59  GLY A O   1 
ATOM   449  N N   . GLY A 1 60  ? -1.60037  1.42254   17.61602  1.000 17.38009 ? 60  GLY A N   1 
ATOM   450  C CA  . GLY A 1 60  ? -2.24090  0.98516   16.39250  1.000 17.87984 ? 60  GLY A CA  1 
ATOM   451  C C   . GLY A 1 60  ? -2.04946  1.88804   15.19215  1.000 18.28084 ? 60  GLY A C   1 
ATOM   452  O O   . GLY A 1 60  ? -2.85434  1.83441   14.25822  1.000 17.15001 ? 60  GLY A O   1 
ATOM   453  N N   . ASP A 1 61  ? -0.99531  2.70060   15.17050  1.000 16.85219 ? 61  ASP A N   1 
ATOM   454  C CA  . ASP A 1 61  ? -0.85504  3.69025   14.10402  1.000 18.54403 ? 61  ASP A CA  1 
ATOM   455  C C   . ASP A 1 61  ? -0.00847  3.23553   12.91289  1.000 17.63168 ? 61  ASP A C   1 
ATOM   456  O O   . ASP A 1 61  ? -0.11522  3.84431   11.84265  1.000 18.17009 ? 61  ASP A O   1 
ATOM   457  C CB  . ASP A 1 61  ? -0.29623  5.00669   14.65448  1.000 19.94838 ? 61  ASP A CB  1 
ATOM   458  C CG  . ASP A 1 61  ? -1.35486  5.86790   15.31298  1.000 25.46088 ? 61  ASP A CG  1 
ATOM   459  O OD1 . ASP A 1 61  ? -1.00104  6.59998   16.26027  1.000 28.44760 ? 61  ASP A OD1 1 
ATOM   460  O OD2 . ASP A 1 61  ? -2.53442  5.81493   14.90209  1.000 27.90979 ? 61  ASP A OD2 1 
ATOM   461  N N   . THR A 1 62  ? 0.83874   2.21594   13.04277  1.000 16.66690 ? 62  THR A N   1 
ATOM   462  C CA  . THR A 1 62  ? 1.69240   1.84706   11.91227  1.000 16.26297 ? 62  THR A CA  1 
ATOM   463  C C   . THR A 1 62  ? 0.84229   1.37097   10.74600  1.000 14.65526 ? 62  THR A C   1 
ATOM   464  O O   . THR A 1 62  ? -0.11871  0.61827   10.92467  1.000 14.59750 ? 62  THR A O   1 
ATOM   465  C CB  . THR A 1 62  ? 2.68872   0.74392   12.29793  1.000 18.35441 ? 62  THR A CB  1 
ATOM   466  O OG1 . THR A 1 62  ? 3.39605   1.11524   13.48911  1.000 20.54053 ? 62  THR A OG1 1 
ATOM   467  C CG2 . THR A 1 62  ? 3.69081   0.48881   11.16746  1.000 19.74370 ? 62  THR A CG2 1 
ATOM   468  N N   . ILE A 1 63  ? 1.18688   1.83378   9.54537   1.000 13.52552 ? 63  ILE A N   1 
ATOM   469  C CA  . ILE A 1 63  ? 0.61332   1.31744   8.30256   1.000 14.49417 ? 63  ILE A CA  1 
ATOM   470  C C   . ILE A 1 63  ? 1.78031   0.85051   7.44983   1.000 13.31621 ? 63  ILE A C   1 
ATOM   471  O O   . ILE A 1 63  ? 2.64518   1.66096   7.09003   1.000 16.00275 ? 63  ILE A O   1 
ATOM   472  C CB  . ILE A 1 63  ? -0.20540  2.37934   7.54851   1.000 14.49422 ? 63  ILE A CB  1 
ATOM   473  C CG1 . ILE A 1 63  ? -1.36237  2.90880   8.40385   1.000 16.04507 ? 63  ILE A CG1 1 
ATOM   474  C CG2 . ILE A 1 63  ? -0.74374  1.81880   6.22939   1.000 16.47847 ? 63  ILE A CG2 1 
ATOM   475  C CD1 . ILE A 1 63  ? -2.16644  4.00586   7.71916   1.000 19.20393 ? 63  ILE A CD1 1 
ATOM   476  N N   . PHE A 1 64  ? 1.82484   -0.44304  7.14103   1.000 12.25642 ? 64  PHE A N   1 
ATOM   477  C CA  . PHE A 1 64  ? 2.84360   -0.97783  6.23745   1.000 12.05359 ? 64  PHE A CA  1 
ATOM   478  C C   . PHE A 1 64  ? 2.17416   -1.37037  4.92563   1.000 12.26321 ? 64  PHE A C   1 
ATOM   479  O O   . PHE A 1 64  ? 1.27648   -2.22081  4.91346   1.000 13.16325 ? 64  PHE A O   1 
ATOM   480  C CB  . PHE A 1 64  ? 3.53690   -2.18391  6.86968   1.000 12.97992 ? 64  PHE A CB  1 
ATOM   481  C CG  . PHE A 1 64  ? 4.46845   -2.91243  5.93457   1.000 12.43744 ? 64  PHE A CG  1 
ATOM   482  C CD1 . PHE A 1 64  ? 5.34867   -2.21431  5.12725   1.000 13.18096 ? 64  PHE A CD1 1 
ATOM   483  C CD2 . PHE A 1 64  ? 4.46212   -4.30378  5.87024   1.000 12.87042 ? 64  PHE A CD2 1 
ATOM   484  C CE1 . PHE A 1 64  ? 6.21303   -2.88754  4.25010   1.000 13.87516 ? 64  PHE A CE1 1 
ATOM   485  C CE2 . PHE A 1 64  ? 5.32325   -4.98353  5.01071   1.000 13.89807 ? 64  PHE A CE2 1 
ATOM   486  C CZ  . PHE A 1 64  ? 6.19005   -4.27070  4.19358   1.000 13.09025 ? 64  PHE A CZ  1 
ATOM   487  N N   . VAL A 1 65  ? 2.58798   -0.73406  3.83562   1.000 12.40747 ? 65  VAL A N   1 
ATOM   488  C CA  . VAL A 1 65  ? 2.11705   -1.03778  2.48649   1.000 11.57247 ? 65  VAL A CA  1 
ATOM   489  C C   . VAL A 1 65  ? 3.17752   -1.87256  1.78639   1.000 11.77475 ? 65  VAL A C   1 
ATOM   490  O O   . VAL A 1 65  ? 4.29830   -1.39393  1.56341   1.000 12.69352 ? 65  VAL A O   1 
ATOM   491  C CB  . VAL A 1 65  ? 1.86273   0.25519   1.70262   1.000 12.45699 ? 65  VAL A CB  1 
ATOM   492  C CG1 . VAL A 1 65  ? 1.41665   -0.04582  0.26424   1.000 15.34686 ? 65  VAL A CG1 1 
ATOM   493  C CG2 . VAL A 1 65  ? 0.83692   1.13855   2.42147   1.000 14.48900 ? 65  VAL A CG2 1 
ATOM   494  N N   . HIS A 1 66  ? 2.83480   -3.10448  1.42692   1.000 12.29898 ? 66  HIS A N   1 
ATOM   495  C CA  . HIS A 1 66  ? 3.70812   -3.97913  0.65094   1.000 11.28659 ? 66  HIS A CA  1 
ATOM   496  C C   . HIS A 1 66  ? 3.10313   -4.07597  -0.74858  1.000 12.38320 ? 66  HIS A C   1 
ATOM   497  O O   . HIS A 1 66  ? 2.07189   -4.72647  -0.94834  1.000 12.55223 ? 66  HIS A O   1 
ATOM   498  C CB  . HIS A 1 66  ? 3.81887   -5.34773  1.31424   1.000 12.60560 ? 66  HIS A CB  1 
ATOM   499  C CG  . HIS A 1 66  ? 4.86313   -6.22957  0.71819   1.000 13.36392 ? 66  HIS A CG  1 
ATOM   500  N ND1 . HIS A 1 66  ? 4.95054   -7.57811  0.99407   1.000 15.91648 ? 66  HIS A ND1 1 
ATOM   501  C CD2 . HIS A 1 66  ? 5.86206   -5.95741  -0.15329  1.000 14.05850 ? 66  HIS A CD2 1 
ATOM   502  C CE1 . HIS A 1 66  ? 5.97013   -8.09548  0.33388   1.000 15.68105 ? 66  HIS A CE1 1 
ATOM   503  N NE2 . HIS A 1 66  ? 6.53890   -7.13445  -0.37483  1.000 14.92033 ? 66  HIS A NE2 1 
ATOM   504  N N   . GLY A 1 67  ? 3.72115   -3.40017  -1.71332  1.000 11.32260 ? 67  GLY A N   1 
ATOM   505  C CA  . GLY A 1 67  ? 3.24151   -3.43556  -3.08152  1.000 11.90130 ? 67  GLY A CA  1 
ATOM   506  C C   . GLY A 1 67  ? 3.94163   -4.52718  -3.85385  1.000 12.15706 ? 67  GLY A C   1 
ATOM   507  O O   . GLY A 1 67  ? 5.16560   -4.64279  -3.80205  1.000 14.39852 ? 67  GLY A O   1 
ATOM   508  N N   . LEU A 1 68  ? 3.16465   -5.32610  -4.56544  1.000 12.13812 ? 68  LEU A N   1 
ATOM   509  C CA  . LEU A 1 68  ? 3.65526   -6.41520  -5.39915  1.000 12.16875 ? 68  LEU A CA  1 
ATOM   510  C C   . LEU A 1 68  ? 3.40752   -6.00645  -6.84292  1.000 13.45357 ? 68  LEU A C   1 
ATOM   511  O O   . LEU A 1 68  ? 2.24413   -5.93644  -7.28285  1.000 13.42452 ? 68  LEU A O   1 
ATOM   512  C CB  . LEU A 1 68  ? 2.93281   -7.71496  -5.04783  1.000 13.58012 ? 68  LEU A CB  1 
ATOM   513  C CG  . LEU A 1 68  ? 3.02261   -8.09217  -3.56737  1.000 14.83124 ? 68  LEU A CG  1 
ATOM   514  C CD1 . LEU A 1 68  ? 2.14278   -9.29960  -3.27190  1.000 17.07456 ? 68  LEU A CD1 1 
ATOM   515  C CD2 . LEU A 1 68  ? 4.46273   -8.37806  -3.19344  1.000 18.95316 ? 68  LEU A CD2 1 
ATOM   516  N N   . HIS A 1 69  ? 4.50606   -5.73730  -7.56105  1.000 12.83344 ? 69  HIS A N   1 
ATOM   517  C CA  . HIS A 1 69  ? 4.52438   -5.10453  -8.86771  1.000 12.85607 ? 69  HIS A CA  1 
ATOM   518  C C   . HIS A 1 69  ? 5.16321   -6.00649  -9.91392  1.000 13.59531 ? 69  HIS A C   1 
ATOM   519  O O   . HIS A 1 69  ? 5.98483   -6.88099  -9.61821  1.000 14.09139 ? 69  HIS A O   1 
ATOM   520  C CB  . HIS A 1 69  ? 5.43880   -3.87804  -8.84681  1.000 14.42147 ? 69  HIS A CB  1 
ATOM   521  C CG  . HIS A 1 69  ? 4.92774   -2.72450  -8.04670  1.000 15.57020 ? 69  HIS A CG  1 
ATOM   522  N ND1 . HIS A 1 69  ? 5.66964   -1.57529  -7.88257  1.000 17.53149 ? 69  HIS A ND1 1 
ATOM   523  C CD2 . HIS A 1 69  ? 3.76612   -2.51898  -7.38102  1.000 17.97940 ? 69  HIS A CD2 1 
ATOM   524  C CE1 . HIS A 1 69  ? 4.99431   -0.71443  -7.14630  1.000 17.95019 ? 69  HIS A CE1 1 
ATOM   525  N NE2 . HIS A 1 69  ? 3.83377   -1.25781  -6.83227  1.000 16.88894 ? 69  HIS A NE2 1 
ATOM   526  N N   . ARG A 1 70  ? 4.82222   -5.72351  -11.16685 1.000 14.66779 ? 70  ARG A N   1 
ATOM   527  C CA  . ARG A 1 70  ? 5.56448   -6.24449  -12.30406 1.000 16.08028 ? 70  ARG A CA  1 
ATOM   528  C C   . ARG A 1 70  ? 6.89816   -5.52149  -12.43212 1.000 15.63660 ? 70  ARG A C   1 
ATOM   529  O O   . ARG A 1 70  ? 6.98981   -4.30392  -12.23381 1.000 16.32985 ? 70  ARG A O   1 
ATOM   530  C CB  . ARG A 1 70  ? 4.73170   -6.00634  -13.56369 1.000 18.75218 ? 70  ARG A CB  1 
ATOM   531  C CG  . ARG A 1 70  ? 5.32657   -6.51682  -14.86486 1.000 20.40122 ? 70  ARG A CG  1 
ATOM   532  C CD  . ARG A 1 70  ? 4.32001   -6.38701  -16.01396 1.000 21.38199 ? 70  ARG A CD  1 
ATOM   533  N NE  . ARG A 1 70  ? 3.74873   -5.05214  -16.13549 1.000 22.17106 ? 70  ARG A NE  1 
ATOM   534  C CZ  . ARG A 1 70  ? 4.32508   -4.06089  -16.80469 1.000 25.17467 ? 70  ARG A CZ  1 
ATOM   535  N NH1 . ARG A 1 70  ? 5.49741   -4.21564  -17.39061 1.000 22.46122 ? 70  ARG A NH1 1 
ATOM   536  N NH2 . ARG A 1 70  ? 3.73584   -2.87072  -16.83675 1.000 24.43416 ? 70  ARG A NH2 1 
ATOM   537  N N   . GLU A 1 71  ? 7.94316   -6.28600  -12.74556 1.000 14.82269 ? 71  GLU A N   1 
ATOM   538  C CA  . GLU A 1 71  ? 9.24792   -5.70424  -13.02562 1.000 16.30472 ? 71  GLU A CA  1 
ATOM   539  C C   . GLU A 1 71  ? 9.20557   -4.85346  -14.28609 1.000 16.31693 ? 71  GLU A C   1 
ATOM   540  O O   . GLU A 1 71  ? 8.36594   -5.03186  -15.16904 1.000 19.31868 ? 71  GLU A O   1 
ATOM   541  C CB  . GLU A 1 71  ? 10.32347  -6.77356  -13.22251 1.000 18.83061 ? 71  GLU A CB  1 
ATOM   542  C CG  . GLU A 1 71  ? 10.45021  -7.78781  -12.12966 1.000 24.38062 ? 71  GLU A CG  1 
ATOM   543  C CD  . GLU A 1 71  ? 11.35474  -8.93532  -12.51534 1.000 28.34117 ? 71  GLU A CD  1 
ATOM   544  O OE1 . GLU A 1 71  ? 11.50328  -9.20378  -13.72881 1.000 28.09591 ? 71  GLU A OE1 1 
ATOM   545  O OE2 . GLU A 1 71  ? 11.89467  -9.58639  -11.59359 1.000 31.36027 ? 71  GLU A OE2 1 
ATOM   546  N N   . GLY A 1 72  ? 10.13868  -3.91705  -14.35411 1.000 15.87007 ? 72  GLY A N   1 
ATOM   547  C CA  . GLY A 1 72  ? 10.39363  -3.19028  -15.58314 1.000 17.91332 ? 72  GLY A CA  1 
ATOM   548  C C   . GLY A 1 72  ? 10.29993  -1.68979  -15.45863 1.000 18.03490 ? 72  GLY A C   1 
ATOM   549  O O   . GLY A 1 72  ? 10.49275  -0.99891  -16.46828 1.000 19.80554 ? 72  GLY A O   1 
ATOM   550  N N   . ARG A 1 73  ? 10.01125  -1.13318  -14.28808 1.000 16.44227 ? 73  ARG A N   1 
ATOM   551  C CA  . ARG A 1 73  ? 9.93890   0.30955   -14.11291 1.000 15.11830 ? 73  ARG A CA  1 
ATOM   552  C C   . ARG A 1 73  ? 11.24092  0.88110   -13.56564 1.000 15.86684 ? 73  ARG A C   1 
ATOM   553  O O   . ARG A 1 73  ? 11.99447  0.21022   -12.85373 1.000 16.11987 ? 73  ARG A O   1 
ATOM   554  C CB  . ARG A 1 73  ? 8.76879   0.72713   -13.21594 1.000 17.57049 ? 73  ARG A CB  1 
ATOM   555  C CG  . ARG A 1 73  ? 7.47766   -0.01145  -13.44865 1.000 22.87949 ? 73  ARG A CG  1 
ATOM   556  C CD  . ARG A 1 73  ? 6.28783   0.88307   -13.09616 1.000 22.85476 ? 73  ARG A CD  1 
ATOM   557  N NE  . ARG A 1 73  ? 5.03504   0.37379   -13.64408 1.000 22.60840 ? 73  ARG A NE  1 
ATOM   558  C CZ  . ARG A 1 73  ? 4.30697   -0.58935  -13.09279 1.000 22.75506 ? 73  ARG A CZ  1 
ATOM   559  N NH1 . ARG A 1 73  ? 4.59837   -1.08509  -11.89976 1.000 19.97487 ? 73  ARG A NH1 1 
ATOM   560  N NH2 . ARG A 1 73  ? 3.25602   -1.06444  -13.75462 1.000 20.07547 ? 73  ARG A NH2 1 
ATOM   561  N N   . SER A 1 74  ? 11.48666  2.14690   -13.89092 1.000 14.47179 ? 74  SER A N   1 
ATOM   562  C CA  . SER A 1 74  ? 12.71743  2.80502   -13.48251 1.000 14.37942 ? 74  SER A CA  1 
ATOM   563  C C   . SER A 1 74  ? 12.73954  3.03581   -11.97400 1.000 15.01647 ? 74  SER A C   1 
ATOM   564  O O   . SER A 1 74  ? 11.69972  3.14131   -11.31455 1.000 15.17434 ? 74  SER A O   1 
ATOM   565  C CB  . SER A 1 74  ? 12.88126  4.13591   -14.21485 1.000 16.12738 ? 74  SER A CB  1 
ATOM   566  O OG  . SER A 1 74  ? 12.03321  5.12279   -13.65630 1.000 17.96482 ? 74  SER A OG  1 
ATOM   567  N N   . ALA A 1 75  ? 13.95164  3.11904   -11.42816 1.000 15.31822 ? 75  ALA A N   1 
ATOM   568  C CA  . ALA A 1 75  ? 14.09838  3.42253   -10.00694 1.000 15.67053 ? 75  ALA A CA  1 
ATOM   569  C C   . ALA A 1 75  ? 13.48551  4.77780   -9.66065  1.000 16.91629 ? 75  ALA A C   1 
ATOM   570  O O   . ALA A 1 75  ? 12.84606  4.93287   -8.61243  1.000 16.88442 ? 75  ALA A O   1 
ATOM   571  C CB  . ALA A 1 75  ? 15.57210  3.36350   -9.60654  1.000 17.69310 ? 75  ALA A CB  1 
ATOM   572  N N   . ASP A 1 76  ? 13.65349  5.76921   -10.53007 1.000 16.41765 ? 76  ASP A N   1 
ATOM   573  C CA  . ASP A 1 76  ? 13.07403  7.08299   -10.27793 1.000 17.65967 ? 76  ASP A CA  1 
ATOM   574  C C   . ASP A 1 76  ? 11.55330  7.00203   -10.21269 1.000 17.47750 ? 76  ASP A C   1 
ATOM   575  O O   . ASP A 1 76  ? 10.92446  7.62191   -9.34290  1.000 17.66864 ? 76  ASP A O   1 
ATOM   576  C CB  . ASP A 1 76  ? 13.49005  8.03967   -11.39687 1.000 21.17532 ? 76  ASP A CB  1 
ATOM   577  C CG  . ASP A 1 76  ? 14.89036  8.60344   -11.20718 1.000 31.56104 ? 76  ASP A CG  1 
ATOM   578  O OD1 . ASP A 1 76  ? 15.33937  9.36584   -12.09172 1.000 35.17588 ? 76  ASP A OD1 1 
ATOM   579  O OD2 . ASP A 1 76  ? 15.54632  8.28043   -10.19449 1.000 33.33185 ? 76  ASP A OD2 1 
ATOM   580  N N   . LEU A 1 77  ? 10.94213  6.23906   -11.12412 1.000 16.72455 ? 77  LEU A N   1 
ATOM   581  C CA  . LEU A 1 77  ? 9.48869   6.11503   -11.12710 1.000 15.52108 ? 77  LEU A CA  1 
ATOM   582  C C   . LEU A 1 77  ? 8.99895   5.39348   -9.87884  1.000 16.29521 ? 77  LEU A C   1 
ATOM   583  O O   . LEU A 1 77  ? 8.02604   5.82188   -9.24532  1.000 15.07499 ? 77  LEU A O   1 
ATOM   584  C CB  . LEU A 1 77  ? 9.03491   5.39835   -12.39708 1.000 15.78721 ? 77  LEU A CB  1 
ATOM   585  C CG  . LEU A 1 77  ? 7.54415   5.12000   -12.51474 1.000 16.27314 ? 77  LEU A CG  1 
ATOM   586  C CD1 . LEU A 1 77  ? 6.76829   6.41248   -12.35244 1.000 17.60613 ? 77  LEU A CD1 1 
ATOM   587  C CD2 . LEU A 1 77  ? 7.22807   4.46626   -13.84967 1.000 18.45836 ? 77  LEU A CD2 1 
ATOM   588  N N   . LYS A 1 78  ? 9.66650   4.30689   -9.50179  1.000 15.28884 ? 78  LYS A N   1 
ATOM   589  C CA  . LYS A 1 78  ? 9.26732   3.60182   -8.29210  1.000 14.42924 ? 78  LYS A CA  1 
ATOM   590  C C   . LYS A 1 78  ? 9.40537   4.48923   -7.05872  1.000 15.91666 ? 78  LYS A C   1 
ATOM   591  O O   . LYS A 1 78  ? 8.56369   4.43904   -6.15093  1.000 14.23381 ? 78  LYS A O   1 
ATOM   592  C CB  . LYS A 1 78  ? 10.09496  2.32837   -8.15944  1.000 15.73396 ? 78  LYS A CB  1 
ATOM   593  C CG  . LYS A 1 78  ? 9.70115   1.26098   -9.16657  1.000 16.09802 ? 78  LYS A CG  1 
ATOM   594  C CD  . LYS A 1 78  ? 10.50408  -0.01807  -8.99980  1.000 17.25907 ? 78  LYS A CD  1 
ATOM   595  C CE  . LYS A 1 78  ? 11.92389  0.12423   -9.51801  1.000 16.98590 ? 78  LYS A CE  1 
ATOM   596  N NZ  . LYS A 1 78  ? 12.68487  -1.14600  -9.40657  1.000 18.52017 ? 78  LYS A NZ  1 
ATOM   597  N N   . GLY A 1 79  ? 10.43846  5.32990   -7.01704  1.000 16.53901 ? 79  GLY A N   1 
ATOM   598  C CA  . GLY A 1 79  ? 10.58249  6.24156   -5.89364  1.000 18.22300 ? 79  GLY A CA  1 
ATOM   599  C C   . GLY A 1 79  ? 9.49170   7.29227   -5.86462  1.000 16.95419 ? 79  GLY A C   1 
ATOM   600  O O   . GLY A 1 79  ? 8.94929   7.60770   -4.79721  1.000 16.89392 ? 79  GLY A O   1 
ATOM   601  N N   . GLN A 1 80  ? 9.13554   7.83258   -7.03052  1.000 16.38169 ? 80  GLN A N   1 
ATOM   602  C CA  . GLN A 1 80  ? 8.03126   8.78498   -7.09145  1.000 17.90795 ? 80  GLN A CA  1 
ATOM   603  C C   . GLN A 1 80  ? 6.72638   8.14083   -6.63437  1.000 16.89163 ? 80  GLN A C   1 
ATOM   604  O O   . GLN A 1 80  ? 5.93023   8.76326   -5.92181  1.000 16.40083 ? 80  GLN A O   1 
ATOM   605  C CB  . GLN A 1 80  ? 7.89567   9.32226   -8.51784  1.000 18.95541 ? 80  GLN A CB  1 
ATOM   606  C CG  . GLN A 1 80  ? 8.86933   10.43716  -8.87045  1.000 23.55307 ? 80  GLN A CG  1 
ATOM   607  C CD  . GLN A 1 80  ? 9.42492   10.33273  -10.28565 1.000 28.20137 ? 80  GLN A CD  1 
ATOM   608  O OE1 . GLN A 1 80  ? 8.77103   9.81448   -11.19864 1.000 25.18203 ? 80  GLN A OE1 1 
ATOM   609  N NE2 . GLN A 1 80  ? 10.63650  10.84953  -10.47840 1.000 32.12613 ? 80  GLN A NE2 1 
ATOM   610  N N   . LEU A 1 81  ? 6.49165   6.88971   -7.03028  1.000 15.66977 ? 81  LEU A N   1 
ATOM   611  C CA  . LEU A 1 81  ? 5.27121   6.19606   -6.62818  1.000 15.53716 ? 81  LEU A CA  1 
ATOM   612  C C   . LEU A 1 81  ? 5.23246   5.93554   -5.12439  1.000 14.66131 ? 81  LEU A C   1 
ATOM   613  O O   . LEU A 1 81  ? 4.19543   6.13406   -4.47725  1.000 15.42709 ? 81  LEU A O   1 
ATOM   614  C CB  . LEU A 1 81  ? 5.14081   4.89123   -7.40612  1.000 15.29381 ? 81  LEU A CB  1 
ATOM   615  C CG  . LEU A 1 81  ? 3.92905   4.02491   -7.08827  1.000 14.68356 ? 81  LEU A CG  1 
ATOM   616  C CD1 . LEU A 1 81  ? 2.62211   4.81631   -7.20659  1.000 17.78558 ? 81  LEU A CD1 1 
ATOM   617  C CD2 . LEU A 1 81  ? 3.96255   2.81013   -7.99470  1.000 17.63921 ? 81  LEU A CD2 1 
ATOM   618  N N   . ALA A 1 82  ? 6.34038   5.45799   -4.55773  1.000 15.13550 ? 82  ALA A N   1 
ATOM   619  C CA  . ALA A 1 82  ? 6.39481   5.26808   -3.11133  1.000 14.96482 ? 82  ALA A CA  1 
ATOM   620  C C   . ALA A 1 82  ? 6.14988   6.57834   -2.37090  1.000 17.06955 ? 82  ALA A C   1 
ATOM   621  O O   . ALA A 1 82  ? 5.39100   6.61862   -1.38486  1.000 15.91435 ? 82  ALA A O   1 
ATOM   622  C CB  . ALA A 1 82  ? 7.73536   4.64468   -2.72720  1.000 16.57340 ? 82  ALA A CB  1 
ATOM   623  N N   . GLN A 1 83  ? 6.75796   7.66761   -2.84540  1.000 17.12755 ? 83  GLN A N   1 
ATOM   624  C CA  . GLN A 1 83  ? 6.59233   8.94283   -2.16320  1.000 18.19469 ? 83  GLN A CA  1 
ATOM   625  C C   . GLN A 1 83  ? 5.14392   9.40132   -2.24584  1.000 16.94085 ? 83  GLN A C   1 
ATOM   626  O O   . GLN A 1 83  ? 4.59141   9.91616   -1.26456  1.000 18.08358 ? 83  GLN A O   1 
ATOM   627  C CB  . GLN A 1 83  ? 7.52170   9.98073   -2.79214  1.000 19.61346 ? 83  GLN A CB  1 
ATOM   628  C CG  . GLN A 1 83  ? 7.45779   11.36398  -2.15793  1.000 25.93039 ? 83  GLN A CG  1 
ATOM   629  C CD  . GLN A 1 83  ? 7.61901   11.29400  -0.65819  1.000 28.51613 ? 83  GLN A CD  1 
ATOM   630  O OE1 . GLN A 1 83  ? 8.66185   10.86800  -0.15993  1.000 33.42472 ? 83  GLN A OE1 1 
ATOM   631  N NE2 . GLN A 1 83  ? 6.59316   11.71014  0.07380   1.000 29.22995 ? 83  GLN A NE2 1 
ATOM   632  N N   . ARG A 1 84  ? 4.50772   9.20884   -3.40481  1.000 17.27196 ? 84  ARG A N   1 
ATOM   633  C CA  . ARG A 1 84  ? 3.11165   9.59867   -3.55257  1.000 17.34315 ? 84  ARG A CA  1 
ATOM   634  C C   . ARG A 1 84  ? 2.20553   8.77914   -2.65168  1.000 17.29478 ? 84  ARG A C   1 
ATOM   635  O O   . ARG A 1 84  ? 1.23267   9.30647   -2.10049  1.000 17.98063 ? 84  ARG A O   1 
ATOM   636  C CB  . ARG A 1 84  ? 2.65802   9.49504   -5.00395  1.000 20.70562 ? 84  ARG A CB  1 
ATOM   637  C CG  . ARG A 1 84  ? 1.30014   10.12057  -5.16672  1.000 23.07504 ? 84  ARG A CG  1 
ATOM   638  C CD  . ARG A 1 84  ? 0.83164   10.18430  -6.57875  1.000 24.83616 ? 84  ARG A CD  1 
ATOM   639  N NE  . ARG A 1 84  ? -0.61952  10.26229  -6.58776  1.000 25.29248 ? 84  ARG A NE  1 
ATOM   640  C CZ  . ARG A 1 84  ? -1.34728  10.44507  -7.67595  1.000 23.94160 ? 84  ARG A CZ  1 
ATOM   641  N NH1 . ARG A 1 84  ? -0.78066  10.68003  -8.85079  1.000 26.85595 ? 84  ARG A NH1 1 
ATOM   642  N NH2 . ARG A 1 84  ? -2.67048  10.38168  -7.58462  1.000 21.84317 ? 84  ARG A NH2 1 
ATOM   643  N N   . ILE A 1 85  ? 2.50276   7.48997   -2.49482  1.000 15.74573 ? 85  ILE A N   1 
ATOM   644  C CA  . ILE A 1 85  ? 1.70759   6.67359   -1.58764  1.000 15.44018 ? 85  ILE A CA  1 
ATOM   645  C C   . ILE A 1 85  ? 1.83942   7.18790   -0.16218  1.000 15.76865 ? 85  ILE A C   1 
ATOM   646  O O   . ILE A 1 85  ? 0.84435   7.30189   0.55822   1.000 16.81934 ? 85  ILE A O   1 
ATOM   647  C CB  . ILE A 1 85  ? 2.07769   5.18621   -1.72779  1.000 16.49096 ? 85  ILE A CB  1 
ATOM   648  C CG1 . ILE A 1 85  ? 1.53988   4.66458   -3.05662  1.000 16.48239 ? 85  ILE A CG1 1 
ATOM   649  C CG2 . ILE A 1 85  ? 1.47451   4.36549   -0.57133  1.000 17.82672 ? 85  ILE A CG2 1 
ATOM   650  C CD1 . ILE A 1 85  ? 2.04475   3.29576   -3.39294  1.000 17.69171 ? 85  ILE A CD1 1 
ATOM   651  N N   . VAL A 1 86  ? 3.05522   7.53306   0.26330   1.000 16.77572 ? 86  VAL A N   1 
ATOM   652  C CA  . VAL A 1 86  ? 3.22129   8.07827   1.61357   1.000 17.67839 ? 86  VAL A CA  1 
ATOM   653  C C   . VAL A 1 86  ? 2.39099   9.34829   1.78467   1.000 18.34316 ? 86  VAL A C   1 
ATOM   654  O O   . VAL A 1 86  ? 1.60808   9.47198   2.73674   1.000 18.99434 ? 86  VAL A O   1 
ATOM   655  C CB  . VAL A 1 86  ? 4.70714   8.31862   1.92945   1.000 17.35287 ? 86  VAL A CB  1 
ATOM   656  C CG1 . VAL A 1 86  ? 4.85702   9.06623   3.25245   1.000 18.87758 ? 86  VAL A CG1 1 
ATOM   657  C CG2 . VAL A 1 86  ? 5.44246   7.01937   1.97479   1.000 19.60241 ? 86  VAL A CG2 1 
ATOM   658  N N   . ASP A 1 87  ? 2.53268   10.30075  0.85238   1.000 17.97065 ? 87  ASP A N   1 
ATOM   659  C CA  . ASP A 1 87  ? 1.82981   11.58233  0.97488   1.000 19.34951 ? 87  ASP A CA  1 
ATOM   660  C C   . ASP A 1 87  ? 0.31297   11.38995  0.96130   1.000 19.57549 ? 87  ASP A C   1 
ATOM   661  O O   . ASP A 1 87  ? -0.41915  11.91906  1.82281   1.000 19.79998 ? 87  ASP A O   1 
ATOM   662  C CB  . ASP A 1 87  ? 2.24807   12.51846  -0.16288  1.000 21.25809 ? 87  ASP A CB  1 
ATOM   663  C CG  . ASP A 1 87  ? 3.69747   12.95720  -0.07319  1.000 27.36850 ? 87  ASP A CG  1 
ATOM   664  O OD1 . ASP A 1 87  ? 4.25395   12.98089  1.04477   1.000 29.65532 ? 87  ASP A OD1 1 
ATOM   665  O OD2 . ASP A 1 87  ? 4.28270   13.29516  -1.12995  1.000 29.64723 ? 87  ASP A OD2 1 
ATOM   666  N N   . ASP A 1 88  ? -0.17839  10.60092  0.00715   1.000 17.92138 ? 88  ASP A N   1 
ATOM   667  C CA  . ASP A 1 88  ? -1.61279  10.48025  -0.18661  1.000 17.23053 ? 88  ASP A CA  1 
ATOM   668  C C   . ASP A 1 88  ? -2.27113  9.60923   0.87640   1.000 18.84360 ? 88  ASP A C   1 
ATOM   669  O O   . ASP A 1 88  ? -3.39778  9.90570   1.27258   1.000 17.58767 ? 88  ASP A O   1 
ATOM   670  C CB  . ASP A 1 88  ? -1.92913  10.02647  -1.61476  1.000 21.11632 ? 88  ASP A CB  1 
ATOM   671  C CG  . ASP A 1 88  ? -1.60431  11.10325  -2.65068  1.000 22.89988 ? 88  ASP A CG  1 
ATOM   672  O OD1 . ASP A 1 88  ? -1.07088  12.16769  -2.26228  1.000 27.59687 ? 88  ASP A OD1 1 
ATOM   673  O OD2 . ASP A 1 88  ? -1.86292  10.89101  -3.85629  1.000 25.40555 ? 88  ASP A OD2 1 
ATOM   674  N N   . VAL A 1 89  ? -1.59063  8.57243   1.38235   1.000 17.17429 ? 89  VAL A N   1 
ATOM   675  C CA  . VAL A 1 89  ? -2.14049  7.80518   2.49728   1.000 16.70806 ? 89  VAL A CA  1 
ATOM   676  C C   . VAL A 1 89  ? -2.11565  8.63547   3.77446   1.000 17.67054 ? 89  VAL A C   1 
ATOM   677  O O   . VAL A 1 89  ? -3.02605  8.53650   4.60638   1.000 17.02182 ? 89  VAL A O   1 
ATOM   678  C CB  . VAL A 1 89  ? -1.39611  6.46370   2.65710   1.000 15.39144 ? 89  VAL A CB  1 
ATOM   679  C CG1 . VAL A 1 89  ? -1.77523  5.76594   3.98221   1.000 17.27724 ? 89  VAL A CG1 1 
ATOM   680  C CG2 . VAL A 1 89  ? -1.65168  5.55602   1.46599   1.000 17.74854 ? 89  VAL A CG2 1 
ATOM   681  N N   . SER A 1 90  ? -1.08452  9.46912   3.95621   1.000 17.88992 ? 90  SER A N   1 
ATOM   682  C CA  . SER A 1 90  ? -1.07358  10.36731  5.10543   1.000 18.98341 ? 90  SER A CA  1 
ATOM   683  C C   . SER A 1 90  ? -2.31211  11.24617  5.12897   1.000 18.91137 ? 90  SER A C   1 
ATOM   684  O O   . SER A 1 90  ? -2.93433  11.43184  6.18618   1.000 20.01939 ? 90  SER A O   1 
ATOM   685  C CB  . SER A 1 90  ? 0.18438   11.22756  5.08574   1.000 20.03058 ? 90  SER A CB  1 
ATOM   686  O OG  . SER A 1 90  ? 0.26473   12.00913  6.26559   1.000 27.83595 ? 90  SER A OG  1 
ATOM   687  N N   . VAL A 1 91  ? -2.68404  11.79878  3.97451   1.000 20.97779 ? 91  VAL A N   1 
ATOM   688  C CA  . VAL A 1 91  ? -3.91757  12.57850  3.90920   1.000 20.71043 ? 91  VAL A CA  1 
ATOM   689  C C   . VAL A 1 91  ? -5.13884  11.68580  4.14816   1.000 20.51923 ? 91  VAL A C   1 
ATOM   690  O O   . VAL A 1 91  ? -6.01399  12.00315  4.96632   1.000 22.02751 ? 91  VAL A O   1 
ATOM   691  C CB  . VAL A 1 91  ? -3.99678  13.35573  2.58265   1.000 21.74008 ? 91  VAL A CB  1 
ATOM   692  C CG1 . VAL A 1 91  ? -5.35805  14.03126  2.43660   1.000 23.75109 ? 91  VAL A CG1 1 
ATOM   693  C CG2 . VAL A 1 91  ? -2.86105  14.37462  2.48698   1.000 23.06540 ? 91  VAL A CG2 1 
ATOM   694  N N   . ALA A 1 92  ? -5.21173  10.54645  3.45373   1.000 20.52186 ? 92  ALA A N   1 
ATOM   695  C CA  . ALA A 1 92  ? -6.43589  9.74452   3.45617   1.000 19.05546 ? 92  ALA A CA  1 
ATOM   696  C C   . ALA A 1 92  ? -6.72019  9.12734   4.82017   1.000 21.51863 ? 92  ALA A C   1 
ATOM   697  O O   . ALA A 1 92  ? -7.88589  8.98661   5.20694   1.000 24.69595 ? 92  ALA A O   1 
ATOM   698  C CB  . ALA A 1 92  ? -6.35179  8.64761   2.39876   1.000 18.59916 ? 92  ALA A CB  1 
ATOM   699  N N   . ALA A 1 93  ? -5.67961  8.71712   5.54329   1.000 19.41314 ? 93  ALA A N   1 
ATOM   700  C CA  . ALA A 1 93  ? -5.81944  8.11798   6.86332   1.000 20.23217 ? 93  ALA A CA  1 
ATOM   701  C C   . ALA A 1 93  ? -5.65021  9.12377   7.99210   1.000 19.75058 ? 93  ALA A C   1 
ATOM   702  O O   . ALA A 1 93  ? -5.73493  8.73370   9.16393   1.000 24.03300 ? 93  ALA A O   1 
ATOM   703  C CB  . ALA A 1 93  ? -4.83021  6.95911   7.04258   1.000 20.79758 ? 93  ALA A CB  1 
ATOM   704  N N   . GLU A 1 94  ? -5.42188  10.40193  7.67105   1.000 21.72446 ? 94  GLU A N   1 
ATOM   705  C CA  . GLU A 1 94  ? -5.27723  11.45508  8.67632   1.000 22.22009 ? 94  GLU A CA  1 
ATOM   706  C C   . GLU A 1 94  ? -4.19326  11.07747  9.68027   1.000 21.14510 ? 94  GLU A C   1 
ATOM   707  O O   . GLU A 1 94  ? -4.39941  11.07541  10.89719  1.000 24.19218 ? 94  GLU A O   1 
ATOM   708  C CB  . GLU A 1 94  ? -6.60923  11.72378  9.37292   1.000 25.80786 ? 94  GLU A CB  1 
ATOM   709  C CG  . GLU A 1 94  ? -7.73937  11.99183  8.40960   1.000 29.35794 ? 94  GLU A CG  1 
ATOM   710  C CD  . GLU A 1 94  ? -9.00737  12.42481  9.11414   1.000 36.50841 ? 94  GLU A CD  1 
ATOM   711  O OE1 . GLU A 1 94  ? -8.98213  13.44919  9.82835   1.000 40.21770 ? 94  GLU A OE1 1 
ATOM   712  O OE2 . GLU A 1 94  ? -10.02707 11.71460  8.97507   1.000 40.84564 ? 94  GLU A OE2 1 
ATOM   713  N N   . ILE A 1 95  ? -3.02628  10.71926  9.15815   1.000 19.73075 ? 95  ILE A N   1 
ATOM   714  C CA  . ILE A 1 95  ? -2.00273  10.07276  9.96151   1.000 21.01252 ? 95  ILE A CA  1 
ATOM   715  C C   . ILE A 1 95  ? -0.65671  10.72063  9.67553   1.000 21.70049 ? 95  ILE A C   1 
ATOM   716  O O   . ILE A 1 95  ? -0.36088  11.09951  8.53395   1.000 21.57282 ? 95  ILE A O   1 
ATOM   717  C CB  . ILE A 1 95  ? -1.96942  8.55259   9.69305   1.000 19.21430 ? 95  ILE A CB  1 
ATOM   718  C CG1 . ILE A 1 95  ? -1.02973  7.85430   10.66938  1.000 20.42450 ? 95  ILE A CG1 1 
ATOM   719  C CG2 . ILE A 1 95  ? -1.53526  8.26781   8.26026   1.000 22.36533 ? 95  ILE A CG2 1 
ATOM   720  C CD1 . ILE A 1 95  ? -1.22143  6.37289   10.68719  1.000 20.36792 ? 95  ILE A CD1 1 
ATOM   721  N N   . ASP A 1 96  ? 0.14941   10.86956  10.72046  1.000 20.72768 ? 96  ASP A N   1 
ATOM   722  C CA  . ASP A 1 96  ? 1.51827   11.30210  10.53178  1.000 22.73876 ? 96  ASP A CA  1 
ATOM   723  C C   . ASP A 1 96  ? 2.22314   10.29858  9.63693   1.000 21.64614 ? 96  ASP A C   1 
ATOM   724  O O   . ASP A 1 96  ? 2.22044   9.09194   9.88464   1.000 20.26656 ? 96  ASP A O   1 
ATOM   725  C CB  . ASP A 1 96  ? 2.25206   11.41372  11.86594  1.000 21.35217 ? 96  ASP A CB  1 
ATOM   726  C CG  . ASP A 1 96  ? 3.47917   12.29903  11.77368  1.000 27.80902 ? 96  ASP A CG  1 
ATOM   727  O OD1 . ASP A 1 96  ? 4.46428   11.89016  11.12475  1.000 26.40139 ? 96  ASP A OD1 1 
ATOM   728  O OD2 . ASP A 1 96  ? 3.47788   13.39743  12.36956  1.000 34.25695 ? 96  ASP A OD2 1 
ATOM   729  N N   . ARG A 1 97  ? 2.79539   10.79333  8.56989   1.000 21.92820 ? 97  ARG A N   1 
ATOM   730  C CA  . ARG A 1 97  ? 3.53619   9.90814   7.69386   1.000 22.02373 ? 97  ARG A CA  1 
ATOM   731  C C   . ARG A 1 97  ? 4.79504   9.27883   8.29549   1.000 19.48747 ? 97  ARG A C   1 
ATOM   732  O O   . ARG A 1 97  ? 5.30816   8.33099   7.69362   1.000 18.73187 ? 97  ARG A O   1 
ATOM   733  C CB  . ARG A 1 97  ? 3.49240   10.47488  6.29515   1.000 33.21442 ? 97  ARG A CB  1 
ATOM   734  C CG  . ARG A 1 97  ? 3.66286   11.88661  6.51868   1.000 33.67598 ? 97  ARG A CG  1 
ATOM   735  C CD  . ARG A 1 97  ? 3.60078   12.79785  5.37105   1.000 36.23520 ? 97  ARG A CD  1 
ATOM   736  N NE  . ARG A 1 97  ? 4.99258   12.79459  4.98617   1.000 38.20624 ? 97  ARG A NE  1 
ATOM   737  C CZ  . ARG A 1 97  ? 5.93951   13.24706  5.80063   1.000 40.99898 ? 97  ARG A CZ  1 
ATOM   738  N NH1 . ARG A 1 97  ? 5.64392   13.89863  6.92132   1.000 40.83949 ? 97  ARG A NH1 1 
ATOM   739  N NH2 . ARG A 1 97  ? 7.21167   13.00777  5.51160   1.000 45.72633 ? 97  ARG A NH2 1 
ATOM   740  N N   . LYS A 1 98  ? 5.21327   9.64907   9.51984   1.000 19.04255 ? 98  LYS A N   1 
ATOM   741  C CA  . LYS A 1 98  ? 6.22764   8.84013   10.20220  1.000 19.78458 ? 98  LYS A CA  1 
ATOM   742  C C   . LYS A 1 98  ? 5.73108   7.41906   10.45802  1.000 18.98016 ? 98  LYS A C   1 
ATOM   743  O O   . LYS A 1 98  ? 6.53683   6.51881   10.72913  1.000 20.10796 ? 98  LYS A O   1 
ATOM   744  C CB  . LYS A 1 98  ? 6.60229   9.41641   11.57508  1.000 21.99932 ? 98  LYS A CB  1 
ATOM   745  C CG  . LYS A 1 98  ? 5.48383   9.26768   12.60511  1.000 23.72398 ? 98  LYS A CG  1 
ATOM   746  C CD  . LYS A 1 98  ? 5.92348   9.52010   14.04258  1.000 31.66693 ? 98  LYS A CD  1 
ATOM   747  C CE  . LYS A 1 98  ? 5.01328   10.52111  14.72846  1.000 34.66062 ? 98  LYS A CE  1 
ATOM   748  N NZ  . LYS A 1 98  ? 5.32428   10.62990  16.18469  1.000 40.69885 ? 98  LYS A NZ  1 
ATOM   749  N N   . HIS A 1 99  ? 4.42562   7.20393   10.38962  1.000 16.23854 ? 99  HIS A N   1 
ATOM   750  C CA  . HIS A 1 99  ? 3.82048   5.91479   10.66964  1.000 16.47304 ? 99  HIS A CA  1 
ATOM   751  C C   . HIS A 1 99  ? 3.72434   5.02896   9.44187   1.000 15.09035 ? 99  HIS A C   1 
ATOM   752  O O   . HIS A 1 99  ? 3.30026   3.87664   9.56876   1.000 16.68369 ? 99  HIS A O   1 
ATOM   753  C CB  . HIS A 1 99  ? 2.40523   6.12138   11.21826  1.000 18.13480 ? 99  HIS A CB  1 
ATOM   754  C CG  . HIS A 1 99  ? 2.37778   6.67517   12.60526  1.000 19.22719 ? 99  HIS A CG  1 
ATOM   755  N ND1 . HIS A 1 99  ? 2.99717   6.05017   13.66709  1.000 20.61021 ? 99  HIS A ND1 1 
ATOM   756  C CD2 . HIS A 1 99  ? 1.82280   7.80620   13.10122  1.000 21.08052 ? 99  HIS A CD2 1 
ATOM   757  C CE1 . HIS A 1 99  ? 2.82235   6.77356   14.75955  1.000 24.07046 ? 99  HIS A CE1 1 
ATOM   758  N NE2 . HIS A 1 99  ? 2.10764   7.84004   14.44457  1.000 25.27076 ? 99  HIS A NE2 1 
ATOM   759  N N   . ILE A 1 100 ? 4.08045   5.53383   8.26106   1.000 15.17089 ? 100 ILE A N   1 
ATOM   760  C CA  . ILE A 1 100 ? 3.82952   4.84061   7.00402   1.000 14.82800 ? 100 ILE A CA  1 
ATOM   761  C C   . ILE A 1 100 ? 5.13287   4.25222   6.47919   1.000 14.17822 ? 100 ILE A C   1 
ATOM   762  O O   . ILE A 1 100 ? 6.13443   4.96359   6.32761   1.000 15.95074 ? 100 ILE A O   1 
ATOM   763  C CB  . ILE A 1 100 ? 3.21389   5.79761   5.97776   1.000 14.38256 ? 100 ILE A CB  1 
ATOM   764  C CG1 . ILE A 1 100 ? 1.96432   6.44666   6.55742   1.000 17.08623 ? 100 ILE A CG1 1 
ATOM   765  C CG2 . ILE A 1 100 ? 2.92740   5.05449   4.66934   1.000 16.46760 ? 100 ILE A CG2 1 
ATOM   766  C CD1 . ILE A 1 100 ? 1.35403   7.47946   5.64677   1.000 18.65012 ? 100 ILE A CD1 1 
ATOM   767  N N   . TRP A 1 101 ? 5.12255   2.94690   6.23019   1.000 12.52852 ? 101 TRP A N   1 
ATOM   768  C CA  . TRP A 1 101 ? 6.22510   2.22517   5.61326   1.000 11.86698 ? 101 TRP A CA  1 
ATOM   769  C C   . TRP A 1 101 ? 5.71389   1.69965   4.28326   1.000 12.21879 ? 101 TRP A C   1 
ATOM   770  O O   . TRP A 1 101 ? 4.57896   1.23630   4.20644   1.000 13.23357 ? 101 TRP A O   1 
ATOM   771  C CB  . TRP A 1 101 ? 6.57296   1.03680   6.50584   1.000 15.14340 ? 101 TRP A CB  1 
ATOM   772  C CG  . TRP A 1 101 ? 7.17601   1.40721   7.83258   1.000 16.03438 ? 101 TRP A CG  1 
ATOM   773  C CD1 . TRP A 1 101 ? 6.66885   2.29619   8.74857   1.000 17.36378 ? 101 TRP A CD1 1 
ATOM   774  C CD2 . TRP A 1 101 ? 8.30966   0.80192   8.45090   1.000 14.19052 ? 101 TRP A CD2 1 
ATOM   775  N NE1 . TRP A 1 101 ? 7.47201   2.32786   9.87121   1.000 18.99580 ? 101 TRP A NE1 1 
ATOM   776  C CE2 . TRP A 1 101 ? 8.47901   1.41192   9.71268   1.000 16.71217 ? 101 TRP A CE2 1 
ATOM   777  C CE3 . TRP A 1 101 ? 9.21468   -0.18266  8.05353   1.000 14.55918 ? 101 TRP A CE3 1 
ATOM   778  C CZ2 . TRP A 1 101 ? 9.51608   1.06346   10.57446  1.000 17.22865 ? 101 TRP A CZ2 1 
ATOM   779  C CZ3 . TRP A 1 101 ? 10.22776  -0.52335  8.91134   1.000 15.88385 ? 101 TRP A CZ3 1 
ATOM   780  C CH2 . TRP A 1 101 ? 10.38181  0.09867   10.15535  1.000 16.42130 ? 101 TRP A CH2 1 
ATOM   781  N N   . VAL A 1 102 ? 6.54175   1.76545   3.23691   1.000 12.66398 ? 102 VAL A N   1 
ATOM   782  C CA  . VAL A 1 102 ? 6.15051   1.30114   1.90410   1.000 12.64841 ? 102 VAL A CA  1 
ATOM   783  C C   . VAL A 1 102 ? 7.31481   0.52591   1.30959   1.000 11.59980 ? 102 VAL A C   1 
ATOM   784  O O   . VAL A 1 102 ? 8.39485   1.09451   1.10736   1.000 12.47211 ? 102 VAL A O   1 
ATOM   785  C CB  . VAL A 1 102 ? 5.78758   2.45278   0.95394   1.000 12.82435 ? 102 VAL A CB  1 
ATOM   786  C CG1 . VAL A 1 102 ? 5.35755   1.88380   -0.39847  1.000 15.79221 ? 102 VAL A CG1 1 
ATOM   787  C CG2 . VAL A 1 102 ? 4.69562   3.35473   1.54705   1.000 14.76481 ? 102 VAL A CG2 1 
ATOM   788  N N   . TYR A 1 103 ? 7.10264   -0.75705  1.01758   1.000 11.27171 ? 103 TYR A N   1 
ATOM   789  C CA  . TYR A 1 103 ? 8.09120   -1.57930  0.32081   1.000 11.69843 ? 103 TYR A CA  1 
ATOM   790  C C   . TYR A 1 103 ? 7.50023   -2.11200  -0.97214  1.000 13.05863 ? 103 TYR A C   1 
ATOM   791  O O   . TYR A 1 103 ? 6.37396   -2.59804  -0.97032  1.000 12.94211 ? 103 TYR A O   1 
ATOM   792  C CB  . TYR A 1 103 ? 8.48411   -2.81937  1.12805   1.000 13.12823 ? 103 TYR A CB  1 
ATOM   793  C CG  . TYR A 1 103 ? 9.32377   -2.63542  2.37197   1.000 12.12509 ? 103 TYR A CG  1 
ATOM   794  C CD1 . TYR A 1 103 ? 9.73421   -1.37999  2.81991   1.000 13.13162 ? 103 TYR A CD1 1 
ATOM   795  C CD2 . TYR A 1 103 ? 9.75733   -3.75175  3.06606   1.000 15.30596 ? 103 TYR A CD2 1 
ATOM   796  C CE1 . TYR A 1 103 ? 10.53357  -1.25774  3.96420   1.000 15.62728 ? 103 TYR A CE1 1 
ATOM   797  C CE2 . TYR A 1 103 ? 10.53476  -3.63845  4.18284   1.000 15.69287 ? 103 TYR A CE2 1 
ATOM   798  C CZ  . TYR A 1 103 ? 10.91563  -2.40649  4.63144   1.000 14.82572 ? 103 TYR A CZ  1 
ATOM   799  O OH  . TYR A 1 103 ? 11.68847  -2.37640  5.76665   1.000 17.68909 ? 103 TYR A OH  1 
ATOM   800  N N   . PHE A 1 104 ? 8.26424   -2.08383  -2.06559  1.000 12.78757 ? 104 PHE A N   1 
ATOM   801  C CA  . PHE A 1 104 ? 7.81436   -2.66477  -3.33210  1.000 13.63503 ? 104 PHE A CA  1 
ATOM   802  C C   . PHE A 1 104 ? 8.65818   -3.88586  -3.67217  1.000 13.45394 ? 104 PHE A C   1 
ATOM   803  O O   . PHE A 1 104 ? 9.89374   -3.80788  -3.66771  1.000 13.91437 ? 104 PHE A O   1 
ATOM   804  C CB  . PHE A 1 104 ? 7.98581   -1.68102  -4.48995  1.000 14.34783 ? 104 PHE A CB  1 
ATOM   805  C CG  . PHE A 1 104 ? 7.12126   -0.46073  -4.42129  1.000 13.24461 ? 104 PHE A CG  1 
ATOM   806  C CD1 . PHE A 1 104 ? 5.96345   -0.41289  -3.67020  1.000 14.82229 ? 104 PHE A CD1 1 
ATOM   807  C CD2 . PHE A 1 104 ? 7.48700   0.66183   -5.14898  1.000 16.00109 ? 104 PHE A CD2 1 
ATOM   808  C CE1 . PHE A 1 104 ? 5.18593   0.73162   -3.66097  1.000 14.61719 ? 104 PHE A CE1 1 
ATOM   809  C CE2 . PHE A 1 104 ? 6.71599   1.80432   -5.11824  1.000 15.53420 ? 104 PHE A CE2 1 
ATOM   810  C CZ  . PHE A 1 104 ? 5.56650   1.83350   -4.37498  1.000 15.16662 ? 104 PHE A CZ  1 
ATOM   811  N N   . GLY A 1 105 ? 7.99784   -5.00261  -3.96282  1.000 13.09073 ? 105 GLY A N   1 
ATOM   812  C CA  . GLY A 1 105 ? 8.64060   -6.17785  -4.53505  1.000 15.08543 ? 105 GLY A CA  1 
ATOM   813  C C   . GLY A 1 105 ? 8.20135   -6.33198  -5.97982  1.000 15.93375 ? 105 GLY A C   1 
ATOM   814  O O   . GLY A 1 105 ? 7.07073   -5.99667  -6.32761  1.000 18.57271 ? 105 GLY A O   1 
ATOM   815  N N   . GLU A 1 106 ? 9.09654   -6.81746  -6.83427  1.000 16.44866 ? 106 GLU A N   1 
ATOM   816  C CA  . GLU A 1 106 ? 8.82127   -6.93619  -8.26221  1.000 15.90693 ? 106 GLU A CA  1 
ATOM   817  C C   . GLU A 1 106 ? 9.00108   -8.36168  -8.75597  1.000 16.00227 ? 106 GLU A C   1 
ATOM   818  O O   . GLU A 1 106 ? 9.80392   -9.13507  -8.21855  1.000 18.75066 ? 106 GLU A O   1 
ATOM   819  C CB  . GLU A 1 106 ? 9.66473   -5.98562  -9.11952  1.000 19.59428 ? 106 GLU A CB  1 
ATOM   820  C CG  . GLU A 1 106 ? 9.86904   -4.63796  -8.50583  1.000 20.34641 ? 106 GLU A CG  1 
ATOM   821  C CD  . GLU A 1 106 ? 11.04722  -3.90425  -9.09930  1.000 21.01141 ? 106 GLU A CD  1 
ATOM   822  O OE1 . GLU A 1 106 ? 10.95672  -3.40165  -10.24882 1.000 21.57170 ? 106 GLU A OE1 1 
ATOM   823  O OE2 . GLU A 1 106 ? 12.09831  -3.89032  -8.42880  1.000 22.18701 ? 106 GLU A OE2 1 
ATOM   824  N N   . MET A 1 107 ? 8.26226   -8.68610  -9.81410  1.000 15.27092 ? 107 MET A N   1 
ATOM   825  C CA  . MET A 1 107 ? 8.17639   -10.04376 -10.32972 1.000 17.32408 ? 107 MET A CA  1 
ATOM   826  C C   . MET A 1 107 ? 8.05730   -9.96099  -11.84566 1.000 16.24543 ? 107 MET A C   1 
ATOM   827  O O   . MET A 1 107 ? 7.44347   -9.01879  -12.36165 1.000 16.10849 ? 107 MET A O   1 
ATOM   828  C CB  . MET A 1 107 ? 6.85322   -10.58640 -9.80229  1.000 21.66523 ? 107 MET A CB  1 
ATOM   829  C CG  . MET A 1 107 ? 6.94290   -11.28897 -8.49721  1.000 19.13040 ? 107 MET A CG  1 
ATOM   830  S SD  . MET A 1 107 ? 5.25960   -11.31144 -7.84957  1.000 22.64061 ? 107 MET A SD  1 
ATOM   831  C CE  . MET A 1 107 ? 4.80895   -9.58470  -7.84854  1.000 22.50025 ? 107 MET A CE  1 
ATOM   832  N N   . PRO A 1 108 ? 8.58506   -10.93938 -12.58903 1.000 16.09702 ? 108 PRO A N   1 
ATOM   833  C CA  . PRO A 1 108 ? 8.28625   -10.99435 -14.02581 1.000 15.62373 ? 108 PRO A CA  1 
ATOM   834  C C   . PRO A 1 108 ? 6.78708   -11.10444 -14.27070 1.000 16.37860 ? 108 PRO A C   1 
ATOM   835  O O   . PRO A 1 108 ? 6.06401   -11.80137 -13.55050 1.000 16.40630 ? 108 PRO A O   1 
ATOM   836  C CB  . PRO A 1 108 ? 9.00452   -12.27005 -14.47740 1.000 18.28204 ? 108 PRO A CB  1 
ATOM   837  C CG  . PRO A 1 108 ? 10.11489  -12.40757 -13.50720 1.000 19.37590 ? 108 PRO A CG  1 
ATOM   838  C CD  . PRO A 1 108 ? 9.48210   -12.04163 -12.19625 1.000 16.80930 ? 108 PRO A CD  1 
ATOM   839  N N   . ALA A 1 109 ? 6.32476   -10.42591 -15.32441 1.000 16.77127 ? 109 ALA A N   1 
ATOM   840  C CA  . ALA A 1 109 ? 4.90516   -10.45479 -15.67342 1.000 17.33903 ? 109 ALA A CA  1 
ATOM   841  C C   . ALA A 1 109 ? 4.40885   -11.86909 -15.92463 1.000 17.07113 ? 109 ALA A C   1 
ATOM   842  O O   . ALA A 1 109 ? 3.23374   -12.17142 -15.68137 1.000 17.55128 ? 109 ALA A O   1 
ATOM   843  C CB  . ALA A 1 109 ? 4.67188   -9.62758  -16.93593 1.000 22.01887 ? 109 ALA A CB  1 
ATOM   844  N N   . GLN A 1 110 ? 5.28382   -12.74117 -16.41716 1.000 18.07825 ? 110 GLN A N   1 
ATOM   845  C CA  . GLN A 1 110 ? 4.89580   -14.08470 -16.80024 1.000 18.66944 ? 110 GLN A CA  1 
ATOM   846  C C   . GLN A 1 110 ? 4.57555   -14.98394 -15.61194 1.000 20.06876 ? 110 GLN A C   1 
ATOM   847  O O   . GLN A 1 110 ? 4.08894   -16.10225 -15.81845 1.000 20.81478 ? 110 GLN A O   1 
ATOM   848  C CB  . GLN A 1 110 ? 5.95713   -14.68386 -17.72914 1.000 22.67727 ? 110 GLN A CB  1 
ATOM   849  C CG  . GLN A 1 110 ? 6.17781   -13.88391 -19.03154 1.000 26.90120 ? 110 GLN A CG  1 
ATOM   850  C CD  . GLN A 1 110 ? 7.16248   -12.71278 -18.92630 1.000 27.81746 ? 110 GLN A CD  1 
ATOM   851  O OE1 . GLN A 1 110 ? 7.68118   -12.38687 -17.85513 1.000 26.65440 ? 110 GLN A OE1 1 
ATOM   852  N NE2 . GLN A 1 110 ? 7.41388   -12.06526 -20.06242 1.000 33.64456 ? 110 GLN A NE2 1 
ATOM   853  N N   . GLN A 1 111 ? 4.82306   -14.53204 -14.38316 1.000 17.44395 ? 111 GLN A N   1 
ATOM   854  C CA  . GLN A 1 111 ? 4.41407   -15.27530 -13.19372 1.000 17.71657 ? 111 GLN A CA  1 
ATOM   855  C C   . GLN A 1 111 ? 3.45230   -14.46437 -12.32679 1.000 15.49065 ? 111 GLN A C   1 
ATOM   856  O O   . GLN A 1 111 ? 3.43322   -14.59473 -11.09627 1.000 15.84102 ? 111 GLN A O   1 
ATOM   857  C CB  . GLN A 1 111 ? 5.61967   -15.76896 -12.39649 1.000 17.34753 ? 111 GLN A CB  1 
ATOM   858  C CG  . GLN A 1 111 ? 6.46953   -14.65424 -11.83555 1.000 16.57334 ? 111 GLN A CG  1 
ATOM   859  C CD  . GLN A 1 111 ? 7.88472   -15.07823 -11.52828 1.000 16.32179 ? 111 GLN A CD  1 
ATOM   860  O OE1 . GLN A 1 111 ? 8.33308   -15.02019 -10.37535 1.000 17.69150 ? 111 GLN A OE1 1 
ATOM   861  N NE2 . GLN A 1 111 ? 8.60413   -15.50402 -12.55043 1.000 16.31327 ? 111 GLN A NE2 1 
ATOM   862  N N   . MET A 1 112 ? 2.63397   -13.63508 -12.96958 1.000 14.80397 ? 112 MET A N   1 
ATOM   863  C CA  . MET A 1 112 ? 1.62316   -12.81495 -12.31697 1.000 15.43530 ? 112 MET A CA  1 
ATOM   864  C C   . MET A 1 112 ? 0.30882   -13.02835 -13.05540 1.000 16.42561 ? 112 MET A C   1 
ATOM   865  O O   . MET A 1 112 ? 0.21568   -12.75457 -14.26253 1.000 20.53541 ? 112 MET A O   1 
ATOM   866  C CB  . MET A 1 112 ? 2.03798   -11.35156 -12.40196 1.000 17.18152 ? 112 MET A CB  1 
ATOM   867  C CG  . MET A 1 112 ? 3.33283   -11.06373 -11.67860 1.000 17.31678 ? 112 MET A CG  1 
ATOM   868  S SD  . MET A 1 112 ? 3.75164   -9.31782  -11.68538 1.000 17.88776 ? 112 MET A SD  1 
ATOM   869  C CE  . MET A 1 112 ? 2.43420   -8.62740  -10.69452 1.000 19.87078 ? 112 MET A CE  1 
ATOM   870  N N   . VAL A 1 113 ? -0.69000  -13.55369 -12.34778 1.000 15.12632 ? 113 VAL A N   1 
ATOM   871  C CA  . VAL A 1 113 ? -2.02589  -13.78942 -12.88335 1.000 15.91200 ? 113 VAL A CA  1 
ATOM   872  C C   . VAL A 1 113 ? -2.99857  -12.88785 -12.14037 1.000 16.57182 ? 113 VAL A C   1 
ATOM   873  O O   . VAL A 1 113 ? -3.03751  -12.89217 -10.90324 1.000 16.47347 ? 113 VAL A O   1 
ATOM   874  C CB  . VAL A 1 113 ? -2.44069  -15.26015 -12.72369 1.000 17.89915 ? 113 VAL A CB  1 
ATOM   875  C CG1 . VAL A 1 113 ? -3.91219  -15.42986 -13.05175 1.000 22.59269 ? 113 VAL A CG1 1 
ATOM   876  C CG2 . VAL A 1 113 ? -1.59332  -16.13423 -13.61721 1.000 20.43105 ? 113 VAL A CG2 1 
ATOM   877  N N   . GLU A 1 114 ? -3.78411  -12.12010 -12.89093 1.000 18.23914 ? 114 GLU A N   1 
ATOM   878  C CA  . GLU A 1 114 ? -4.76563  -11.21234 -12.31694 1.000 18.21037 ? 114 GLU A CA  1 
ATOM   879  C C   . GLU A 1 114 ? -6.08849  -11.53633 -12.99560 1.000 18.37412 ? 114 GLU A C   1 
ATOM   880  O O   . GLU A 1 114 ? -6.12036  -11.75709 -14.20889 1.000 19.84235 ? 114 GLU A O   1 
ATOM   881  C CB  . GLU A 1 114 ? -4.35851  -9.78084  -12.66217 1.000 19.99600 ? 114 GLU A CB  1 
ATOM   882  C CG  . GLU A 1 114 ? -3.17200  -9.31272  -11.83980 1.000 20.28661 ? 114 GLU A CG  1 
ATOM   883  C CD  . GLU A 1 114 ? -2.60899  -7.97673  -12.28535 1.000 26.30521 ? 114 GLU A CD  1 
ATOM   884  O OE1 . GLU A 1 114 ? -3.02247  -7.43455  -13.33511 1.000 31.86474 ? 114 GLU A OE1 1 
ATOM   885  O OE2 . GLU A 1 114 ? -1.69659  -7.48695  -11.58277 1.000 24.81238 ? 114 GLU A OE2 1 
ATOM   886  N N   . TYR A 1 115 ? -7.17526  -11.60076 -12.22826 1.000 18.92404 ? 115 TYR A N   1 
ATOM   887  C CA  . TYR A 1 115 ? -8.48199  -11.93893 -12.80480 1.000 21.31277 ? 115 TYR A CA  1 
ATOM   888  C C   . TYR A 1 115 ? -8.46848  -13.26229 -13.56887 1.000 21.47235 ? 115 TYR A C   1 
ATOM   889  O O   . TYR A 1 115 ? -9.14493  -13.41209 -14.59122 1.000 22.71634 ? 115 TYR A O   1 
ATOM   890  C CB  . TYR A 1 115 ? -9.01459  -10.81656 -13.69767 1.000 21.06052 ? 115 TYR A CB  1 
ATOM   891  C CG  . TYR A 1 115 ? -9.34551  -9.54195  -12.97585 1.000 21.70847 ? 115 TYR A CG  1 
ATOM   892  C CD1 . TYR A 1 115 ? -10.53113 -9.43081  -12.27308 1.000 22.45829 ? 115 TYR A CD1 1 
ATOM   893  C CD2 . TYR A 1 115 ? -8.47851  -8.45402  -12.98543 1.000 22.27229 ? 115 TYR A CD2 1 
ATOM   894  C CE1 . TYR A 1 115 ? -10.86260 -8.27102  -11.60944 1.000 23.68665 ? 115 TYR A CE1 1 
ATOM   895  C CE2 . TYR A 1 115 ? -8.80347  -7.27712  -12.32265 1.000 24.99378 ? 115 TYR A CE2 1 
ATOM   896  C CZ  . TYR A 1 115 ? -10.00359 -7.19874  -11.63467 1.000 22.26688 ? 115 TYR A CZ  1 
ATOM   897  O OH  . TYR A 1 115 ? -10.37368 -6.05915  -10.95925 1.000 25.06389 ? 115 TYR A OH  1 
ATOM   898  N N   . GLY A 1 116 ? -7.69602  -14.23086 -13.09639 1.000 18.90025 ? 116 GLY A N   1 
ATOM   899  C CA  . GLY A 1 116 ? -7.65722  -15.53363 -13.71564 1.000 19.72452 ? 116 GLY A CA  1 
ATOM   900  C C   . GLY A 1 116 ? -6.95006  -15.61598 -15.04478 1.000 22.55420 ? 116 GLY A C   1 
ATOM   901  O O   . GLY A 1 116 ? -7.01121  -16.66987 -15.68219 1.000 27.06307 ? 116 GLY A O   1 
ATOM   902  N N   . ARG A 1 117 ? -6.28648  -14.55087 -15.49179 1.000 21.45128 ? 117 ARG A N   1 
ATOM   903  C CA  . ARG A 1 117 ? -5.46327  -14.60484 -16.70038 1.000 26.34771 ? 117 ARG A CA  1 
ATOM   904  C C   . ARG A 1 117 ? -4.12285  -13.90861 -16.49492 1.000 27.21435 ? 117 ARG A C   1 
ATOM   905  O O   . ARG A 1 117 ? -3.93687  -13.09870 -15.58091 1.000 27.35456 ? 117 ARG A O   1 
ATOM   906  C CB  . ARG A 1 117 ? -6.13777  -14.04834 -17.96707 1.000 35.11925 ? 117 ARG A CB  1 
ATOM   907  C CG  . ARG A 1 117 ? -7.60904  -14.34766 -18.12437 1.000 36.26231 ? 117 ARG A CG  1 
ATOM   908  C CD  . ARG A 1 117 ? -8.09606  -13.82083 -19.46384 1.000 42.51807 ? 117 ARG A CD  1 
ATOM   909  N NE  . ARG A 1 117 ? -8.62937  -12.47129 -19.33604 1.000 47.51351 ? 117 ARG A NE  1 
ATOM   910  C CZ  . ARG A 1 117 ? -8.47898  -11.51838 -20.24612 1.000 50.00776 ? 117 ARG A CZ  1 
ATOM   911  N NH1 . ARG A 1 117 ? -7.87205  -11.75215 -21.39941 1.000 50.34511 ? 117 ARG A NH1 1 
ATOM   912  N NH2 . ARG A 1 117 ? -8.95138  -10.30106 -19.99405 1.000 49.93055 ? 117 ARG A NH2 1 
ATOM   913  N N   . PHE A 1 118 ? -3.19214  -14.22170 -17.39007 1.000 29.19057 ? 118 PHE A N   1 
ATOM   914  C CA  . PHE A 1 118 ? -1.81534  -13.76550 -17.27277 1.000 28.45287 ? 118 PHE A CA  1 
ATOM   915  C C   . PHE A 1 118 ? -1.67682  -12.30346 -17.67574 1.000 35.86338 ? 118 PHE A C   1 
ATOM   916  O O   . PHE A 1 118 ? -0.94707  -11.96899 -18.61039 1.000 42.43491 ? 118 PHE A O   1 
ATOM   917  C CB  . PHE A 1 118 ? -0.91870  -14.65536 -18.13195 1.000 29.07226 ? 118 PHE A CB  1 
ATOM   918  C CG  . PHE A 1 118 ? -0.48980  -15.91481 -17.43793 1.000 27.01887 ? 118 PHE A CG  1 
ATOM   919  C CD1 . PHE A 1 118 ? 0.64961   -15.94240 -16.64190 1.000 27.95773 ? 118 PHE A CD1 1 
ATOM   920  C CD2 . PHE A 1 118 ? -1.25218  -17.06835 -17.55425 1.000 30.49865 ? 118 PHE A CD2 1 
ATOM   921  C CE1 . PHE A 1 118 ? 1.02887   -17.11264 -15.99362 1.000 28.13453 ? 118 PHE A CE1 1 
ATOM   922  C CE2 . PHE A 1 118 ? -0.88387  -18.23404 -16.90884 1.000 29.69047 ? 118 PHE A CE2 1 
ATOM   923  C CZ  . PHE A 1 118 ? 0.25617   -18.25736 -16.12838 1.000 25.04722 ? 118 PHE A CZ  1 
HETATM 924  C C   . ACT B 2 .   ? 1.87758   -3.67822  -11.93882 1.000 17.18881 ? 201 ACT A C   1 
HETATM 925  O O   . ACT B 2 .   ? 2.92817   -3.48416  -11.31007 1.000 18.45946 ? 201 ACT A O   1 
HETATM 926  O OXT . ACT B 2 .   ? 1.29070   -2.69337  -12.48183 1.000 21.53668 ? 201 ACT A OXT 1 
HETATM 927  C CH3 . ACT B 2 .   ? 1.29855   -5.09094  -12.02421 1.000 23.53180 ? 201 ACT A CH3 1 
HETATM 928  O O   . HOH C 3 .   ? 12.20778  -1.75252  7.56051   1.000 30.79570 ? 301 HOH A O   1 
HETATM 929  O O   . HOH C 3 .   ? -8.08293  -8.25366  2.95655   1.000 26.27646 ? 302 HOH A O   1 
HETATM 930  O O   . HOH C 3 .   ? 4.34690   -3.04851  -14.27225 1.000 34.18554 ? 303 HOH A O   1 
HETATM 931  O O   . HOH C 3 .   ? -3.40844  9.27106   -4.91419  1.000 20.78878 ? 304 HOH A O   1 
HETATM 932  O O   . HOH C 3 .   ? -3.19077  -8.04962  -15.80083 1.000 37.05128 ? 305 HOH A O   1 
HETATM 933  O O   . HOH C 3 .   ? -5.97707  10.33086  -4.84964  1.000 30.05677 ? 306 HOH A O   1 
HETATM 934  O O   . HOH C 3 .   ? -2.31119  -7.63739  20.10368  1.000 25.96530 ? 307 HOH A O   1 
HETATM 935  O O   . HOH C 3 .   ? 3.02916   -9.31755  1.93384   1.000 23.05377 ? 308 HOH A O   1 
HETATM 936  O O   . HOH C 3 .   ? -14.24679 7.65581   8.93477   1.000 36.02883 ? 309 HOH A O   1 
HETATM 937  O O   . HOH C 3 .   ? 11.31975  -7.03235  22.04334  1.000 25.27555 ? 310 HOH A O   1 
HETATM 938  O O   . HOH C 3 .   ? 0.65627   -11.32706 4.65818   0.33  14.62847 ? 311 HOH A O   1 
HETATM 939  O O   . HOH C 3 .   ? 4.16636   12.79449  -3.71715  1.000 29.87983 ? 312 HOH A O   1 
HETATM 940  O O   . HOH C 3 .   ? 11.76062  7.47810   -14.83709 1.000 20.41049 ? 313 HOH A O   1 
HETATM 941  O O   . HOH C 3 .   ? 13.13869  3.15350   -6.64625  1.000 22.19867 ? 314 HOH A O   1 
HETATM 942  O O   . HOH C 3 .   ? 1.33424   -0.02135  15.03250  1.000 20.01921 ? 315 HOH A O   1 
HETATM 943  O O   . HOH C 3 .   ? 4.37032   3.60308   13.62980  1.000 21.90884 ? 316 HOH A O   1 
HETATM 944  O O   . HOH C 3 .   ? -0.53132  -2.27710  21.42525  1.000 21.34923 ? 317 HOH A O   1 
HETATM 945  O O   . HOH C 3 .   ? 13.63845  -1.80032  -13.60324 1.000 26.76483 ? 318 HOH A O   1 
HETATM 946  O O   . HOH C 3 .   ? -2.80975  0.80602   11.75315  1.000 15.65922 ? 319 HOH A O   1 
HETATM 947  O O   . HOH C 3 .   ? -8.09372  -0.80741  -5.36610  1.000 15.98371 ? 320 HOH A O   1 
HETATM 948  O O   . HOH C 3 .   ? 10.51884  9.31946   -13.22089 1.000 27.44335 ? 321 HOH A O   1 
HETATM 949  O O   . HOH C 3 .   ? -6.96590  -3.05709  17.60421  1.000 25.68140 ? 322 HOH A O   1 
HETATM 950  O O   . HOH C 3 .   ? 3.80956   3.44830   16.27725  1.000 23.57775 ? 323 HOH A O   1 
HETATM 951  O O   . HOH C 3 .   ? 8.76310   -5.54338  -0.21663  1.000 32.62478 ? 324 HOH A O   1 
HETATM 952  O O   . HOH C 3 .   ? 8.90302   -2.34555  -11.72534 1.000 17.15810 ? 325 HOH A O   1 
HETATM 953  O O   . HOH C 3 .   ? -15.07821 0.54108   2.86701   1.000 24.15768 ? 326 HOH A O   1 
HETATM 954  O O   . HOH C 3 .   ? -16.33640 6.14939   1.13527   1.000 25.84260 ? 327 HOH A O   1 
HETATM 955  O O   . HOH C 3 .   ? -14.22496 7.47488   2.11243   1.000 23.11638 ? 328 HOH A O   1 
HETATM 956  O O   . HOH C 3 .   ? -0.26508  -1.13355  13.05685  1.000 17.90827 ? 329 HOH A O   1 
HETATM 957  O O   . HOH C 3 .   ? 13.43471  -3.22569  22.71239  1.000 23.48604 ? 330 HOH A O   1 
HETATM 958  O O   . HOH C 3 .   ? 11.04737  1.79668   19.04145  1.000 25.53708 ? 331 HOH A O   1 
HETATM 959  O O   . HOH C 3 .   ? -1.37032  -11.46200 6.41462   0.33  14.15559 ? 332 HOH A O   1 
HETATM 960  O O   . HOH C 3 .   ? -7.10226  -10.16593 12.54344  1.000 27.60141 ? 333 HOH A O   1 
HETATM 961  O O   . HOH C 3 .   ? -8.68853  -10.02986 2.44588   1.000 24.59404 ? 334 HOH A O   1 
HETATM 962  O O   . HOH C 3 .   ? -8.56564  9.21311   -0.97088  1.000 22.59419 ? 335 HOH A O   1 
HETATM 963  O O   . HOH C 3 .   ? 1.21671   10.27488  15.47924  1.000 31.76258 ? 336 HOH A O   1 
HETATM 964  O O   . HOH C 3 .   ? 8.43786   -15.76240 -15.32823 1.000 22.85392 ? 337 HOH A O   1 
HETATM 965  O O   . HOH C 3 .   ? -1.64999  -6.35874  10.04218  1.000 15.04177 ? 338 HOH A O   1 
HETATM 966  O O   . HOH C 3 .   ? 5.70521   11.55958  -5.83575  1.000 25.52518 ? 339 HOH A O   1 
HETATM 967  O O   . HOH C 3 .   ? -17.07724 4.52754   7.80717   1.000 24.38260 ? 340 HOH A O   1 
HETATM 968  O O   . HOH C 3 .   ? -1.39292  -4.46996  14.99687  1.000 19.79950 ? 341 HOH A O   1 
HETATM 969  O O   . HOH C 3 .   ? 0.38589   -2.84188  16.94670  1.000 22.88765 ? 342 HOH A O   1 
HETATM 970  O O   . HOH C 3 .   ? 4.88685   8.97575   -14.09861 1.000 20.71233 ? 343 HOH A O   1 
HETATM 971  O O   . HOH C 3 .   ? 1.76499   -7.91028  22.31791  1.000 26.13412 ? 344 HOH A O   1 
HETATM 972  O O   . HOH C 3 .   ? -8.04544  -0.71749  10.52623  1.000 19.28660 ? 345 HOH A O   1 
HETATM 973  O O   . HOH C 3 .   ? -5.18606  11.38383  -0.38314  1.000 24.56055 ? 346 HOH A O   1 
HETATM 974  O O   . HOH C 3 .   ? -15.18156 3.58509   -5.39772  1.000 23.53469 ? 347 HOH A O   1 
HETATM 975  O O   . HOH C 3 .   ? 8.33665   -8.67157  -1.98462  1.000 25.95728 ? 348 HOH A O   1 
HETATM 976  O O   . HOH C 3 .   ? 8.31485   -9.20487  -17.00000 1.000 29.75967 ? 349 HOH A O   1 
HETATM 977  O O   . HOH C 3 .   ? 6.97827   -0.76703  -10.31630 1.000 19.38084 ? 350 HOH A O   1 
HETATM 978  O O   . HOH C 3 .   ? -9.23424  9.12876   7.75559   1.000 26.75686 ? 351 HOH A O   1 
HETATM 979  O O   . HOH C 3 .   ? 1.13564   3.11874   17.09796  1.000 21.53257 ? 352 HOH A O   1 
HETATM 980  O O   . HOH C 3 .   ? -0.15537  7.56847   -16.70634 1.000 24.87809 ? 353 HOH A O   1 
HETATM 981  O O   . HOH C 3 .   ? -2.72767  8.59488   13.92555  1.000 29.02666 ? 354 HOH A O   1 
HETATM 982  O O   . HOH C 3 .   ? -10.28855 5.85935   10.53545  1.000 22.63092 ? 355 HOH A O   1 
HETATM 983  O O   . HOH C 3 .   ? -1.82409  11.32695  -11.51083 1.000 31.82964 ? 356 HOH A O   1 
HETATM 984  O O   . HOH C 3 .   ? 2.78318   0.15425   -16.38800 1.000 24.14881 ? 357 HOH A O   1 
HETATM 985  O O   . HOH C 3 .   ? -1.10643  -4.18923  12.14730  1.000 29.45284 ? 358 HOH A O   1 
HETATM 986  O O   . HOH C 3 .   ? -0.77608  10.37319  13.46750  1.000 23.81675 ? 359 HOH A O   1 
HETATM 987  O O   . HOH C 3 .   ? 8.75331   2.90061   20.22742  1.000 23.25929 ? 360 HOH A O   1 
HETATM 988  O O   . HOH C 3 .   ? 16.10289  2.48058   -13.36852 1.000 28.08786 ? 361 HOH A O   1 
HETATM 989  O O   . HOH C 3 .   ? 0.51504   -2.92182  10.90973  1.000 17.13028 ? 362 HOH A O   1 
HETATM 990  O O   . HOH C 3 .   ? 15.77691  5.78038   -12.60417 1.000 22.33201 ? 363 HOH A O   1 
HETATM 991  O O   . HOH C 3 .   ? -8.47247  7.57667   9.79381   1.000 27.05027 ? 364 HOH A O   1 
HETATM 992  O O   . HOH C 3 .   ? -8.76515  6.22702   14.00775  1.000 37.76240 ? 365 HOH A O   1 
HETATM 993  O O   . HOH C 3 .   ? -12.31000 8.07662   9.26941   1.000 41.03849 ? 366 HOH A O   1 
HETATM 994  O O   . HOH C 3 .   ? 2.88625   14.05378  8.32623   1.000 28.89935 ? 367 HOH A O   1 
HETATM 995  O O   . HOH C 3 .   ? -5.93904  0.69059   16.47172  1.000 26.36009 ? 368 HOH A O   1 
HETATM 996  O O   . HOH C 3 .   ? -7.13566  7.52649   14.28464  1.000 37.16846 ? 369 HOH A O   1 
HETATM 997  O O   . HOH C 3 .   ? -13.06856 7.86423   -0.45711  1.000 28.47318 ? 370 HOH A O   1 
HETATM 998  O O   . HOH C 3 .   ? -16.85948 5.15794   9.69859   1.000 42.60416 ? 371 HOH A O   1 
HETATM 999  O O   . HOH C 3 .   ? -16.11254 7.05898   10.33496  1.000 44.31604 ? 372 HOH A O   1 
HETATM 1000 O O   . HOH C 3 .   ? -1.42002  -6.72832  -16.68056 1.000 40.75556 ? 373 HOH A O   1 
HETATM 1001 O O   . HOH C 3 .   ? -7.57657  11.41510  0.63134   1.000 29.84115 ? 374 HOH A O   1 
HETATM 1002 O O   . HOH C 3 .   ? 7.41209   -10.87723 -1.19707  0.33  29.07690 ? 375 HOH A O   1 
HETATM 1003 O O   . HOH C 3 .   ? 14.06734  -3.17182  -15.56622 1.000 30.29961 ? 376 HOH A O   1 
HETATM 1004 O O   . HOH C 3 .   ? 3.46283   11.21553  -14.43150 1.000 26.23030 ? 377 HOH A O   1 
HETATM 1005 O O   . HOH C 3 .   ? 9.24158   -9.95107  -23.23165 1.000 30.40391 ? 378 HOH A O   1 
HETATM 1006 O O   . HOH C 3 .   ? 5.29821   12.54545  -7.77054  1.000 41.23753 ? 379 HOH A O   1 
HETATM 1007 O O   . HOH C 3 .   ? 3.25769   12.36220  -8.28153  1.000 39.65463 ? 380 HOH A O   1 
HETATM 1008 O O   . HOH C 3 .   ? -3.68267  -6.44181  -17.70673 1.000 47.29911 ? 381 HOH A O   1 
HETATM 1009 O O   . HOH C 3 .   ? -5.22392  -6.40537  -19.17885 1.000 41.33828 ? 382 HOH A O   1 
# 
